data_8RQ3
#
_entry.id   8RQ3
#
_cell.length_a   1.00
_cell.length_b   1.00
_cell.length_c   1.00
_cell.angle_alpha   90.00
_cell.angle_beta   90.00
_cell.angle_gamma   90.00
#
_symmetry.space_group_name_H-M   'P 1'
#
_entity_poly.entity_id   1
_entity_poly.type   'polypeptide(L)'
_entity_poly.pdbx_seq_one_letter_code
;MDKFCNSTFWDLSLLESPEADLPLCFEQTVLVWIPLGFLWLLAPWQLYSVYRSRTKRSSITKFYLAKQVFVVFLLILAAI
DLSLALTEDTGQATVPPVRYTNPILYLCTWLLVLAVQHSRQWCVRKNSWFLSLFWILSVLCGVFQFQTLIRALLKDSKSN
MAYSYLFFVSYGFQIVLLILTAFSGPSDSTQTPSVTASFLSSITFSWYDRTVLKGYKHPLTLEDVWDIDEGFKTRSVTSK
FEAAMTKDLQKARQAFQRRLQKSQRKPEATLHGLNKKQSQSQDVLVLEEAKKKSEKTTKDYPKSWLIKSLFKTFHVVILK
SFILKLIHDLLVFLNPQLLKLLIGFVKSSNSYVWFGYICAILMFAVTLIQSFCLQSYFQHCFVLGMCVRTTVMSSIYKKA
LTLSNLARKQYTIGETVNLMSVDSQKLMDATNYMQLVWSSVIQITLSIFFLWRELGPSILAGVGVMVLLIPVNGVLATKI
RNIQVQNMKNKDKRLKIMNEILSGIKILKYFAWEPSFQEQVQGIRKKELKNLLRFGQLQSLLIFILQITPILVSVVTFSV
YVLVDSANVLNAEKAFTSITLFNILRFPLSMLPMVTSSILQASVSVDRLERYLGGDDLDTSAIRRVSNFDKAVKFSEASF
TWDPDLEATIQDVNLDIKPGQLVAVVGTVGSGKSSLVSAMLGEMENVHGHITIQGSTAYVPQQSWIQNGTIKDNILFGSE
YNEKKYQQVLKACALLPDLEILPGGDMAEIGEKGINLSGGQKQRVSLARAAYQDADIYILDDPLSAVDAHVGKHIFNKVV
GPNGLLAGKTRIFVTHGIHFLPQVDEIVVLGKGTILEKGSYRDLLDKKGVFARNWKTFMKHSGPEGEATVNNDSEAEDDD
DGLIPTMEEIPEDAASLAMRRENSLRRTLSRSSRSSSRRGKSLKNSLKIKNVNVLKEKEKEVEGQKLIKKEFVETGKVKF
SIYLKYLQAVGWWSILFIILFYGLNNVAFIGSNLWLSAWTSDSDNLNGTNNSSSHRDMRIGVFGALGLAQGICLLISTLW
SIYACRNASKALHGQLLTNILRAPMRFFDTTPTGRIVNRFSGDISTVDDLLPQTLRSWMMCFFGIAGTLVMICMATPVFA
IIIIPLSILYISVQVFYVATSRQLRRLDSVTKSPIYSHFSETVTGLPIIRAFEHQQRFLAWNEKQIDINQKCVFSWITSN
RWLAIRLELVGNLVVFCSALLLVIYRKTLTGDVVGFVLSNALNITQTLNWLVRMTSEAETNIVAVERISEYINVENEAPW
VTDKRPPADWPRHGEIQFNNYQVRYRPELDLVLKGITCNIKSGEKVGVVGRTGAGKSSLTNCLFRILESAGGQIIIDGID
VASIGLHDLRERLTIIPQDPILFSGSLRMNLDPFNKYSDEEVWRALELAHLRSFVSGLQLGLLSEVTEGGDNLSIGQRQL
LCLGRAVLRKSKILVLDEATAAVDLETDSLIQTTIRKEFSQCTVITIAHRLHTIMDSDKIMVLDNGKIVEYGSPEELLSN
RGSFYLMAKEAGIENVNHTEL
;
_entity_poly.pdbx_strand_id   A
#
# COMPACT_ATOMS: atom_id res chain seq x y z
N MET A 1 -66.32 1.92 20.26
CA MET A 1 -65.74 2.05 18.93
C MET A 1 -65.74 0.69 18.23
N ASP A 2 -66.25 -0.31 18.93
CA ASP A 2 -66.38 -1.64 18.34
C ASP A 2 -67.38 -1.66 17.20
N LYS A 3 -68.35 -0.75 17.22
CA LYS A 3 -69.38 -0.71 16.19
C LYS A 3 -68.85 -0.27 14.84
N PHE A 4 -67.59 0.18 14.77
CA PHE A 4 -67.04 0.74 13.53
C PHE A 4 -67.01 -0.26 12.39
N CYS A 5 -66.98 -1.56 12.68
CA CYS A 5 -66.97 -2.58 11.64
C CYS A 5 -68.04 -3.64 11.86
N ASN A 6 -68.98 -3.41 12.77
CA ASN A 6 -70.00 -4.39 13.14
C ASN A 6 -69.37 -5.69 13.63
N SER A 7 -68.14 -5.61 14.12
CA SER A 7 -67.44 -6.77 14.66
C SER A 7 -66.32 -6.27 15.57
N THR A 8 -65.92 -7.14 16.51
CA THR A 8 -64.93 -6.75 17.49
C THR A 8 -63.56 -6.57 16.84
N PHE A 9 -62.80 -5.59 17.34
CA PHE A 9 -61.48 -5.31 16.81
C PHE A 9 -60.36 -5.75 17.75
N TRP A 10 -60.42 -5.36 19.03
CA TRP A 10 -59.39 -5.75 19.99
C TRP A 10 -59.90 -6.93 20.80
N ASP A 11 -59.80 -8.11 20.19
CA ASP A 11 -60.19 -9.35 20.83
C ASP A 11 -59.04 -10.01 21.58
N LEU A 12 -57.91 -10.20 20.90
CA LEU A 12 -56.68 -10.78 21.43
C LEU A 12 -56.83 -12.25 21.76
N SER A 13 -58.02 -12.84 21.63
CA SER A 13 -58.22 -14.25 21.88
C SER A 13 -58.32 -15.07 20.62
N LEU A 14 -58.61 -14.45 19.47
CA LEU A 14 -58.52 -15.17 18.21
C LEU A 14 -57.12 -15.69 17.97
N LEU A 15 -56.12 -14.96 18.48
CA LEU A 15 -54.74 -15.47 18.45
C LEU A 15 -54.61 -16.75 19.25
N GLU A 16 -55.39 -16.91 20.31
CA GLU A 16 -55.30 -18.07 21.20
C GLU A 16 -55.97 -19.27 20.53
N SER A 17 -55.46 -19.63 19.37
CA SER A 17 -56.08 -20.65 18.53
C SER A 17 -55.04 -21.20 17.58
N PRO A 18 -55.24 -22.41 17.03
CA PRO A 18 -54.25 -22.99 16.11
C PRO A 18 -54.07 -22.20 14.82
N GLU A 19 -55.15 -22.03 14.06
CA GLU A 19 -55.14 -21.18 12.86
C GLU A 19 -55.70 -19.83 13.30
N ALA A 20 -54.81 -18.97 13.77
CA ALA A 20 -55.17 -17.73 14.44
C ALA A 20 -54.93 -16.57 13.51
N ASP A 21 -56.01 -15.98 13.01
CA ASP A 21 -55.93 -14.80 12.17
C ASP A 21 -56.39 -13.58 12.96
N LEU A 22 -55.85 -12.43 12.59
CA LEU A 22 -56.22 -11.20 13.25
C LEU A 22 -57.68 -10.87 12.98
N PRO A 23 -58.31 -10.08 13.83
CA PRO A 23 -59.67 -9.62 13.54
C PRO A 23 -59.67 -8.50 12.51
N LEU A 24 -60.67 -8.54 11.61
CA LEU A 24 -60.67 -7.65 10.46
C LEU A 24 -60.69 -6.19 10.87
N CYS A 25 -61.51 -5.85 11.86
CA CYS A 25 -61.63 -4.44 12.25
C CYS A 25 -60.32 -3.90 12.82
N PHE A 26 -59.61 -4.70 13.61
CA PHE A 26 -58.31 -4.29 14.11
C PHE A 26 -57.35 -3.98 12.98
N GLU A 27 -57.31 -4.86 11.97
CA GLU A 27 -56.51 -4.60 10.78
C GLU A 27 -56.92 -3.28 10.16
N GLN A 28 -58.17 -3.20 9.69
CA GLN A 28 -58.61 -2.04 8.93
C GLN A 28 -58.53 -0.75 9.73
N THR A 29 -58.37 -0.82 11.04
CA THR A 29 -58.17 0.40 11.82
C THR A 29 -56.69 0.72 11.94
N VAL A 30 -55.93 -0.13 12.61
CA VAL A 30 -54.56 0.27 12.97
C VAL A 30 -53.56 -0.09 11.88
N LEU A 31 -53.69 -1.22 11.21
CA LEU A 31 -52.74 -1.58 10.18
C LEU A 31 -52.94 -0.71 8.96
N VAL A 32 -54.02 0.07 8.96
CA VAL A 32 -54.21 1.12 7.96
C VAL A 32 -53.88 2.50 8.49
N TRP A 33 -54.00 2.77 9.78
CA TRP A 33 -53.58 4.06 10.32
C TRP A 33 -52.09 4.15 10.56
N ILE A 34 -51.35 3.05 10.54
CA ILE A 34 -49.90 3.13 10.72
C ILE A 34 -49.23 3.69 9.47
N PRO A 35 -49.39 3.08 8.28
CA PRO A 35 -48.75 3.70 7.10
C PRO A 35 -49.31 5.06 6.77
N LEU A 36 -50.62 5.23 6.80
CA LEU A 36 -51.22 6.53 6.50
C LEU A 36 -50.79 7.58 7.52
N GLY A 37 -50.71 7.18 8.78
CA GLY A 37 -50.21 8.09 9.79
C GLY A 37 -48.78 8.51 9.54
N PHE A 38 -47.92 7.56 9.16
CA PHE A 38 -46.55 7.91 8.82
C PHE A 38 -46.52 8.88 7.65
N LEU A 39 -47.36 8.65 6.65
CA LEU A 39 -47.37 9.51 5.48
C LEU A 39 -47.82 10.93 5.84
N TRP A 40 -48.83 11.05 6.70
CA TRP A 40 -49.42 12.37 6.95
C TRP A 40 -48.65 13.18 7.99
N LEU A 41 -48.13 12.53 9.03
CA LEU A 41 -47.41 13.30 10.06
C LEU A 41 -46.13 13.93 9.55
N LEU A 42 -45.56 13.44 8.44
CA LEU A 42 -44.30 13.96 7.93
C LEU A 42 -44.41 14.64 6.58
N ALA A 43 -45.46 14.39 5.80
CA ALA A 43 -45.56 14.96 4.47
C ALA A 43 -45.53 16.48 4.44
N PRO A 44 -46.23 17.21 5.31
CA PRO A 44 -46.11 18.67 5.27
C PRO A 44 -44.69 19.14 5.44
N TRP A 45 -43.90 18.48 6.28
CA TRP A 45 -42.49 18.84 6.39
C TRP A 45 -41.71 18.58 5.10
N GLN A 46 -41.97 17.46 4.44
CA GLN A 46 -41.25 17.18 3.21
C GLN A 46 -41.58 18.21 2.14
N LEU A 47 -42.86 18.52 1.98
CA LEU A 47 -43.25 19.53 1.00
C LEU A 47 -42.72 20.91 1.38
N TYR A 48 -42.77 21.23 2.67
CA TYR A 48 -42.29 22.51 3.19
C TYR A 48 -40.79 22.65 3.06
N SER A 49 -40.08 21.53 2.92
CA SER A 49 -38.63 21.54 2.79
C SER A 49 -38.15 21.39 1.36
N VAL A 50 -38.99 20.91 0.45
CA VAL A 50 -38.59 20.74 -0.94
C VAL A 50 -38.96 21.96 -1.78
N TYR A 51 -40.13 22.54 -1.57
CA TYR A 51 -40.54 23.66 -2.40
C TYR A 51 -39.83 24.97 -2.06
N ARG A 52 -38.75 24.91 -1.29
CA ARG A 52 -37.78 25.99 -1.17
C ARG A 52 -36.45 25.57 -1.76
N SER A 53 -36.47 24.96 -2.94
CA SER A 53 -35.26 24.39 -3.51
C SER A 53 -34.89 25.06 -4.83
N ARG A 54 -33.92 24.48 -5.52
CA ARG A 54 -33.26 25.08 -6.66
C ARG A 54 -34.16 25.05 -7.89
N THR A 55 -33.54 25.20 -9.06
CA THR A 55 -34.27 25.22 -10.33
C THR A 55 -35.28 24.08 -10.41
N LYS A 56 -36.33 24.31 -11.21
CA LYS A 56 -37.45 23.37 -11.28
C LYS A 56 -36.97 21.96 -11.61
N ARG A 57 -36.00 21.84 -12.51
CA ARG A 57 -35.31 20.57 -12.78
C ARG A 57 -36.32 19.46 -13.08
N SER A 58 -37.39 19.81 -13.78
CA SER A 58 -38.53 18.91 -13.96
C SER A 58 -38.45 18.13 -15.26
N SER A 59 -37.27 17.63 -15.60
CA SER A 59 -37.13 16.69 -16.71
C SER A 59 -38.13 15.56 -16.58
N ILE A 60 -39.05 15.49 -17.54
CA ILE A 60 -40.12 14.49 -17.52
C ILE A 60 -39.55 13.17 -18.04
N THR A 61 -39.41 12.19 -17.16
CA THR A 61 -38.77 10.94 -17.50
C THR A 61 -39.75 9.76 -17.37
N LYS A 62 -39.24 8.54 -17.49
CA LYS A 62 -40.10 7.36 -17.56
C LYS A 62 -40.52 6.82 -16.19
N PHE A 63 -39.62 6.67 -15.22
CA PHE A 63 -40.10 6.32 -13.88
C PHE A 63 -41.11 7.32 -13.36
N TYR A 64 -40.89 8.61 -13.60
CA TYR A 64 -41.80 9.57 -13.01
C TYR A 64 -43.21 9.34 -13.54
N LEU A 65 -43.36 9.12 -14.85
CA LEU A 65 -44.69 8.82 -15.37
C LEU A 65 -45.20 7.46 -14.91
N ALA A 66 -44.32 6.46 -14.83
CA ALA A 66 -44.79 5.15 -14.38
C ALA A 66 -45.34 5.22 -12.96
N LYS A 67 -44.63 5.87 -12.06
CA LYS A 67 -45.08 5.99 -10.69
C LYS A 67 -46.35 6.82 -10.60
N GLN A 68 -46.43 7.93 -11.34
CA GLN A 68 -47.66 8.72 -11.30
C GLN A 68 -48.84 7.92 -11.83
N VAL A 69 -48.64 7.18 -12.92
CA VAL A 69 -49.73 6.41 -13.50
C VAL A 69 -50.21 5.33 -12.54
N PHE A 70 -49.28 4.65 -11.86
CA PHE A 70 -49.72 3.62 -10.93
C PHE A 70 -50.44 4.20 -9.73
N VAL A 71 -49.97 5.32 -9.20
CA VAL A 71 -50.70 5.94 -8.11
C VAL A 71 -52.08 6.40 -8.58
N VAL A 72 -52.20 6.87 -9.82
CA VAL A 72 -53.50 7.26 -10.35
C VAL A 72 -54.43 6.05 -10.46
N PHE A 73 -53.91 4.94 -10.98
CA PHE A 73 -54.69 3.70 -11.04
C PHE A 73 -55.22 3.35 -9.67
N LEU A 74 -54.37 3.49 -8.66
CA LEU A 74 -54.71 3.04 -7.33
C LEU A 74 -55.70 3.99 -6.66
N LEU A 75 -55.62 5.28 -6.96
CA LEU A 75 -56.66 6.22 -6.58
C LEU A 75 -58.00 5.87 -7.23
N ILE A 76 -57.96 5.47 -8.50
CA ILE A 76 -59.17 5.03 -9.19
C ILE A 76 -59.79 3.85 -8.46
N LEU A 77 -58.97 2.89 -8.04
CA LEU A 77 -59.47 1.76 -7.27
C LEU A 77 -60.11 2.22 -5.96
N ALA A 78 -59.51 3.19 -5.30
CA ALA A 78 -60.09 3.69 -4.05
C ALA A 78 -61.47 4.31 -4.31
N ALA A 79 -61.60 5.08 -5.39
CA ALA A 79 -62.89 5.67 -5.72
C ALA A 79 -63.92 4.58 -6.03
N ILE A 80 -63.51 3.54 -6.76
CA ILE A 80 -64.42 2.43 -7.02
C ILE A 80 -64.86 1.78 -5.72
N ASP A 81 -63.94 1.65 -4.76
CA ASP A 81 -64.30 1.09 -3.46
C ASP A 81 -65.35 1.95 -2.76
N LEU A 82 -65.19 3.27 -2.81
CA LEU A 82 -66.21 4.15 -2.24
C LEU A 82 -67.55 3.95 -2.92
N SER A 83 -67.56 3.83 -4.24
CA SER A 83 -68.81 3.66 -4.97
C SER A 83 -69.49 2.35 -4.59
N LEU A 84 -68.73 1.25 -4.49
CA LEU A 84 -69.32 -0.02 -4.08
C LEU A 84 -69.83 0.04 -2.64
N ALA A 85 -69.12 0.73 -1.76
CA ALA A 85 -69.60 0.89 -0.39
C ALA A 85 -70.95 1.61 -0.37
N LEU A 86 -71.08 2.69 -1.14
CA LEU A 86 -72.37 3.37 -1.20
C LEU A 86 -73.45 2.52 -1.85
N THR A 87 -73.10 1.72 -2.86
CA THR A 87 -74.08 0.83 -3.46
C THR A 87 -74.59 -0.18 -2.44
N GLU A 88 -73.70 -0.70 -1.60
CA GLU A 88 -74.14 -1.53 -0.49
C GLU A 88 -74.97 -0.74 0.52
N ASP A 89 -74.69 0.57 0.66
CA ASP A 89 -75.53 1.42 1.49
C ASP A 89 -76.96 1.48 0.96
N THR A 90 -77.12 1.41 -0.36
CA THR A 90 -78.44 1.30 -0.98
C THR A 90 -79.08 -0.07 -0.76
N GLY A 91 -78.34 -1.02 -0.19
CA GLY A 91 -78.85 -2.36 0.05
C GLY A 91 -79.28 -2.57 1.49
N GLN A 92 -78.39 -3.16 2.29
CA GLN A 92 -78.70 -3.44 3.69
C GLN A 92 -79.05 -2.16 4.43
N ALA A 93 -79.72 -2.30 5.57
CA ALA A 93 -80.17 -1.15 6.34
C ALA A 93 -79.08 -0.56 7.22
N THR A 94 -77.98 -1.28 7.45
CA THR A 94 -76.88 -0.80 8.26
C THR A 94 -75.56 -1.03 7.56
N VAL A 95 -74.66 -0.07 7.69
CA VAL A 95 -73.32 -0.15 7.12
C VAL A 95 -72.32 0.32 8.16
N PRO A 96 -71.17 -0.34 8.32
CA PRO A 96 -70.15 0.14 9.25
C PRO A 96 -69.70 1.53 8.87
N PRO A 97 -69.49 2.40 9.85
CA PRO A 97 -69.08 3.78 9.54
C PRO A 97 -67.70 3.88 8.91
N VAL A 98 -66.87 2.83 9.01
CA VAL A 98 -65.56 2.86 8.36
C VAL A 98 -65.60 2.37 6.93
N ARG A 99 -66.70 1.72 6.51
CA ARG A 99 -66.78 1.20 5.16
C ARG A 99 -66.63 2.29 4.11
N TYR A 100 -66.90 3.55 4.48
CA TYR A 100 -66.58 4.68 3.62
C TYR A 100 -65.44 5.53 4.16
N THR A 101 -65.08 5.37 5.43
CA THR A 101 -63.96 6.16 5.96
C THR A 101 -62.63 5.67 5.41
N ASN A 102 -62.44 4.35 5.33
CA ASN A 102 -61.20 3.83 4.74
C ASN A 102 -61.02 4.27 3.29
N PRO A 103 -61.99 4.09 2.38
CA PRO A 103 -61.75 4.56 1.01
C PRO A 103 -61.50 6.05 0.95
N ILE A 104 -62.34 6.85 1.60
CA ILE A 104 -62.17 8.31 1.55
C ILE A 104 -60.75 8.67 1.95
N LEU A 105 -60.27 8.07 3.04
CA LEU A 105 -58.90 8.34 3.49
C LEU A 105 -57.90 8.12 2.36
N TYR A 106 -57.93 6.94 1.74
CA TYR A 106 -57.02 6.69 0.63
C TYR A 106 -57.10 7.78 -0.42
N LEU A 107 -58.31 8.17 -0.82
CA LEU A 107 -58.42 9.25 -1.78
C LEU A 107 -57.50 10.39 -1.39
N CYS A 108 -57.74 10.98 -0.21
CA CYS A 108 -56.91 12.10 0.20
C CYS A 108 -55.43 11.73 0.15
N THR A 109 -55.08 10.59 0.75
CA THR A 109 -53.66 10.23 0.83
C THR A 109 -53.06 10.14 -0.55
N TRP A 110 -53.76 9.53 -1.50
CA TRP A 110 -53.11 9.34 -2.80
C TRP A 110 -52.91 10.66 -3.52
N LEU A 111 -53.84 11.61 -3.36
CA LEU A 111 -53.55 12.95 -3.86
C LEU A 111 -52.23 13.43 -3.29
N LEU A 112 -52.06 13.28 -1.98
CA LEU A 112 -50.82 13.71 -1.35
C LEU A 112 -49.64 12.95 -1.94
N VAL A 113 -49.79 11.65 -2.17
CA VAL A 113 -48.69 10.91 -2.79
C VAL A 113 -48.43 11.45 -4.19
N LEU A 114 -49.49 11.71 -4.94
CA LEU A 114 -49.30 12.30 -6.26
C LEU A 114 -48.64 13.66 -6.16
N ALA A 115 -48.76 14.34 -5.02
CA ALA A 115 -48.11 15.62 -4.84
C ALA A 115 -46.76 15.50 -4.16
N VAL A 116 -46.36 14.30 -3.77
CA VAL A 116 -45.00 14.10 -3.27
C VAL A 116 -44.10 13.53 -4.35
N GLN A 117 -44.60 12.55 -5.11
CA GLN A 117 -43.81 12.01 -6.20
C GLN A 117 -43.46 13.07 -7.23
N HIS A 118 -44.33 14.08 -7.40
CA HIS A 118 -43.98 15.20 -8.26
C HIS A 118 -42.93 16.07 -7.61
N SER A 119 -43.04 16.29 -6.30
CA SER A 119 -42.06 17.10 -5.57
C SER A 119 -40.65 16.59 -5.77
N ARG A 120 -40.47 15.27 -5.87
CA ARG A 120 -39.14 14.70 -6.02
C ARG A 120 -38.45 15.22 -7.26
N GLN A 121 -39.20 15.66 -8.27
CA GLN A 121 -38.58 16.19 -9.48
C GLN A 121 -37.71 17.40 -9.19
N TRP A 122 -37.95 18.11 -8.09
CA TRP A 122 -37.13 19.27 -7.78
C TRP A 122 -35.82 18.89 -7.10
N CYS A 123 -35.74 17.74 -6.46
CA CYS A 123 -34.56 17.30 -5.73
C CYS A 123 -33.67 16.42 -6.59
N VAL A 124 -32.41 16.30 -6.18
CA VAL A 124 -31.47 15.49 -6.92
C VAL A 124 -31.61 14.02 -6.56
N ARG A 125 -31.83 13.73 -5.28
CA ARG A 125 -32.10 12.38 -4.81
C ARG A 125 -33.57 12.08 -5.04
N LYS A 126 -33.88 11.35 -6.12
CA LYS A 126 -35.27 11.20 -6.54
C LYS A 126 -36.09 10.47 -5.49
N ASN A 127 -35.79 9.20 -5.25
CA ASN A 127 -36.53 8.36 -4.32
C ASN A 127 -35.86 8.44 -2.97
N SER A 128 -36.47 9.15 -2.04
CA SER A 128 -35.80 9.48 -0.79
C SER A 128 -36.21 8.49 0.30
N TRP A 129 -35.81 8.77 1.54
CA TRP A 129 -36.16 7.89 2.64
C TRP A 129 -37.64 7.93 2.95
N PHE A 130 -38.27 9.10 2.78
CA PHE A 130 -39.66 9.26 3.22
C PHE A 130 -40.61 8.37 2.43
N LEU A 131 -40.71 8.62 1.13
CA LEU A 131 -41.71 7.92 0.34
C LEU A 131 -41.35 6.45 0.21
N SER A 132 -40.06 6.16 0.10
CA SER A 132 -39.62 4.77 0.01
C SER A 132 -39.97 4.01 1.27
N LEU A 133 -39.75 4.62 2.43
CA LEU A 133 -40.07 3.96 3.68
C LEU A 133 -41.57 3.83 3.86
N PHE A 134 -42.35 4.79 3.35
CA PHE A 134 -43.80 4.65 3.41
C PHE A 134 -44.27 3.47 2.58
N TRP A 135 -43.69 3.27 1.39
CA TRP A 135 -44.06 2.12 0.59
C TRP A 135 -43.70 0.82 1.29
N ILE A 136 -42.50 0.76 1.89
CA ILE A 136 -42.12 -0.43 2.66
C ILE A 136 -43.14 -0.69 3.75
N LEU A 137 -43.47 0.36 4.49
CA LEU A 137 -44.33 0.23 5.66
C LEU A 137 -45.74 -0.20 5.27
N SER A 138 -46.26 0.34 4.17
CA SER A 138 -47.59 -0.01 3.69
C SER A 138 -47.64 -1.46 3.21
N VAL A 139 -46.64 -1.87 2.42
CA VAL A 139 -46.60 -3.26 1.96
C VAL A 139 -46.43 -4.21 3.15
N LEU A 140 -45.71 -3.78 4.17
CA LEU A 140 -45.46 -4.60 5.35
C LEU A 140 -46.72 -4.76 6.19
N CYS A 141 -47.48 -3.69 6.38
CA CYS A 141 -48.70 -3.76 7.17
C CYS A 141 -49.84 -4.40 6.41
N GLY A 142 -49.86 -4.31 5.08
CA GLY A 142 -50.98 -4.87 4.38
C GLY A 142 -50.98 -6.37 4.21
N VAL A 143 -49.88 -7.04 4.56
CA VAL A 143 -49.84 -8.49 4.36
C VAL A 143 -50.78 -9.19 5.32
N PHE A 144 -51.04 -8.60 6.49
CA PHE A 144 -51.99 -9.20 7.41
C PHE A 144 -53.39 -9.22 6.82
N GLN A 145 -53.84 -8.07 6.30
CA GLN A 145 -55.11 -8.00 5.59
C GLN A 145 -55.13 -8.97 4.42
N PHE A 146 -54.05 -9.02 3.65
CA PHE A 146 -53.95 -9.92 2.50
C PHE A 146 -54.18 -11.37 2.92
N GLN A 147 -53.44 -11.82 3.93
CA GLN A 147 -53.54 -13.21 4.37
C GLN A 147 -54.92 -13.51 4.93
N THR A 148 -55.47 -12.61 5.75
CA THR A 148 -56.81 -12.83 6.28
C THR A 148 -57.81 -13.01 5.16
N LEU A 149 -57.82 -12.09 4.20
CA LEU A 149 -58.82 -12.14 3.14
C LEU A 149 -58.64 -13.38 2.26
N ILE A 150 -57.39 -13.76 1.95
CA ILE A 150 -57.23 -14.91 1.07
C ILE A 150 -57.63 -16.20 1.80
N ARG A 151 -57.29 -16.32 3.09
CA ARG A 151 -57.69 -17.51 3.83
C ARG A 151 -59.21 -17.59 3.92
N ALA A 152 -59.87 -16.45 4.17
CA ALA A 152 -61.33 -16.43 4.22
C ALA A 152 -61.94 -16.73 2.85
N LEU A 153 -61.25 -16.36 1.78
CA LEU A 153 -61.79 -16.56 0.44
C LEU A 153 -61.72 -18.01 -0.01
N LEU A 154 -60.66 -18.74 0.35
CA LEU A 154 -60.66 -20.17 0.03
C LEU A 154 -61.78 -20.91 0.77
N LYS A 155 -62.24 -20.37 1.90
CA LYS A 155 -63.42 -20.95 2.53
C LYS A 155 -64.68 -20.74 1.71
N ASP A 156 -64.66 -19.78 0.79
CA ASP A 156 -65.85 -19.35 0.04
C ASP A 156 -66.97 -18.95 0.98
N SER A 157 -66.67 -18.02 1.88
CA SER A 157 -67.65 -17.53 2.84
C SER A 157 -68.58 -16.49 2.24
N LYS A 158 -68.33 -16.04 1.01
CA LYS A 158 -69.21 -15.13 0.28
C LYS A 158 -69.38 -13.79 0.98
N SER A 159 -68.44 -13.41 1.84
CA SER A 159 -68.54 -12.14 2.56
C SER A 159 -68.55 -10.97 1.58
N ASN A 160 -67.49 -10.85 0.79
CA ASN A 160 -67.46 -9.88 -0.30
C ASN A 160 -66.38 -10.31 -1.29
N MET A 161 -66.78 -10.66 -2.50
CA MET A 161 -65.80 -10.95 -3.54
C MET A 161 -65.22 -9.65 -4.10
N ALA A 162 -66.06 -8.62 -4.23
CA ALA A 162 -65.61 -7.36 -4.83
C ALA A 162 -64.59 -6.66 -3.95
N TYR A 163 -64.87 -6.53 -2.65
CA TYR A 163 -63.93 -5.87 -1.75
C TYR A 163 -62.61 -6.61 -1.70
N SER A 164 -62.67 -7.94 -1.58
CA SER A 164 -61.44 -8.72 -1.52
C SER A 164 -60.65 -8.60 -2.81
N TYR A 165 -61.31 -8.62 -3.96
CA TYR A 165 -60.59 -8.56 -5.23
C TYR A 165 -59.99 -7.19 -5.47
N LEU A 166 -60.71 -6.11 -5.14
CA LEU A 166 -60.09 -4.80 -5.31
C LEU A 166 -58.94 -4.63 -4.33
N PHE A 167 -59.03 -5.25 -3.14
CA PHE A 167 -57.87 -5.20 -2.25
C PHE A 167 -56.70 -5.98 -2.84
N PHE A 168 -56.96 -7.13 -3.47
CA PHE A 168 -55.86 -7.86 -4.08
C PHE A 168 -55.16 -7.01 -5.14
N VAL A 169 -55.95 -6.35 -5.99
CA VAL A 169 -55.36 -5.55 -7.07
C VAL A 169 -54.63 -4.34 -6.50
N SER A 170 -55.22 -3.68 -5.51
CA SER A 170 -54.55 -2.52 -4.91
C SER A 170 -53.25 -2.93 -4.23
N TYR A 171 -53.22 -4.11 -3.60
CA TYR A 171 -51.98 -4.58 -3.00
C TYR A 171 -50.94 -4.91 -4.06
N GLY A 172 -51.38 -5.46 -5.19
CA GLY A 172 -50.44 -5.66 -6.29
C GLY A 172 -49.83 -4.37 -6.76
N PHE A 173 -50.64 -3.31 -6.86
CA PHE A 173 -50.09 -2.02 -7.27
C PHE A 173 -49.14 -1.47 -6.21
N GLN A 174 -49.43 -1.69 -4.94
CA GLN A 174 -48.50 -1.22 -3.93
C GLN A 174 -47.18 -1.99 -3.98
N ILE A 175 -47.23 -3.27 -4.34
CA ILE A 175 -45.98 -4.02 -4.54
C ILE A 175 -45.20 -3.44 -5.71
N VAL A 176 -45.87 -3.16 -6.83
CA VAL A 176 -45.14 -2.64 -7.98
C VAL A 176 -44.57 -1.27 -7.67
N LEU A 177 -45.28 -0.46 -6.88
CA LEU A 177 -44.74 0.84 -6.51
C LEU A 177 -43.55 0.71 -5.57
N LEU A 178 -43.58 -0.25 -4.64
CA LEU A 178 -42.43 -0.44 -3.79
C LEU A 178 -41.22 -0.86 -4.60
N ILE A 179 -41.40 -1.79 -5.53
CA ILE A 179 -40.28 -2.21 -6.37
C ILE A 179 -39.76 -1.04 -7.19
N LEU A 180 -40.67 -0.28 -7.79
CA LEU A 180 -40.28 0.78 -8.70
C LEU A 180 -39.70 1.99 -7.95
N THR A 181 -39.94 2.09 -6.64
CA THR A 181 -39.31 3.10 -5.81
C THR A 181 -37.98 2.63 -5.21
N ALA A 182 -37.77 1.31 -5.10
CA ALA A 182 -36.45 0.82 -4.75
C ALA A 182 -35.43 1.19 -5.83
N PHE A 183 -35.83 1.12 -7.09
CA PHE A 183 -34.90 1.38 -8.18
C PHE A 183 -34.46 2.83 -8.20
N SER A 184 -33.15 3.05 -8.21
CA SER A 184 -32.64 4.38 -8.47
C SER A 184 -33.00 4.77 -9.89
N GLY A 185 -33.50 5.99 -10.04
CA GLY A 185 -34.17 6.39 -11.26
C GLY A 185 -33.26 6.51 -12.47
N PRO A 186 -33.70 7.25 -13.46
CA PRO A 186 -32.89 7.48 -14.65
C PRO A 186 -31.85 8.55 -14.40
N SER A 187 -30.68 8.13 -13.92
CA SER A 187 -29.65 9.04 -13.44
C SER A 187 -29.44 10.22 -14.39
N ASP A 188 -29.19 11.38 -13.80
CA ASP A 188 -28.99 12.63 -14.53
C ASP A 188 -27.59 12.67 -15.11
N SER A 189 -27.12 13.88 -15.44
CA SER A 189 -25.76 14.06 -15.96
C SER A 189 -24.74 13.33 -15.08
N THR A 190 -23.56 13.07 -15.64
CA THR A 190 -22.68 12.05 -15.07
C THR A 190 -22.12 12.47 -13.73
N GLN A 191 -22.97 12.44 -12.70
CA GLN A 191 -22.51 12.54 -11.33
C GLN A 191 -22.13 11.14 -10.82
N THR A 192 -21.54 11.11 -9.64
CA THR A 192 -21.35 9.84 -8.96
C THR A 192 -22.71 9.33 -8.51
N PRO A 193 -23.04 8.06 -8.73
CA PRO A 193 -24.36 7.55 -8.33
C PRO A 193 -24.57 7.48 -6.84
N SER A 194 -23.58 7.82 -6.03
CA SER A 194 -23.78 7.80 -4.59
C SER A 194 -24.77 8.85 -4.14
N VAL A 195 -25.07 9.84 -4.98
CA VAL A 195 -25.94 10.96 -4.62
C VAL A 195 -27.16 11.05 -5.52
N THR A 196 -27.42 10.06 -6.36
CA THR A 196 -28.66 9.99 -7.11
C THR A 196 -29.38 8.66 -6.91
N ALA A 197 -28.84 7.79 -6.08
CA ALA A 197 -29.36 6.46 -5.87
C ALA A 197 -30.48 6.50 -4.85
N SER A 198 -31.50 5.68 -5.07
CA SER A 198 -32.67 5.69 -4.19
C SER A 198 -32.28 5.30 -2.77
N PHE A 199 -33.24 5.38 -1.86
CA PHE A 199 -32.95 5.06 -0.47
C PHE A 199 -32.53 3.61 -0.32
N LEU A 200 -33.34 2.68 -0.84
CA LEU A 200 -32.99 1.27 -0.70
C LEU A 200 -31.72 0.92 -1.45
N SER A 201 -31.52 1.49 -2.63
CA SER A 201 -30.32 1.21 -3.39
C SER A 201 -29.09 1.90 -2.84
N SER A 202 -29.25 2.77 -1.85
CA SER A 202 -28.13 3.41 -1.17
C SER A 202 -27.88 2.85 0.20
N ILE A 203 -28.88 2.24 0.81
CA ILE A 203 -28.71 1.51 2.06
C ILE A 203 -27.94 0.22 1.81
N THR A 204 -28.22 -0.46 0.70
CA THR A 204 -27.61 -1.74 0.37
C THR A 204 -26.39 -1.60 -0.53
N PHE A 205 -25.99 -0.39 -0.88
CA PHE A 205 -24.84 -0.14 -1.74
C PHE A 205 -24.96 -0.89 -3.06
N SER A 206 -26.17 -0.94 -3.57
CA SER A 206 -26.44 -1.59 -4.84
C SER A 206 -26.22 -0.67 -6.02
N TRP A 207 -25.80 0.58 -5.79
CA TRP A 207 -25.34 1.44 -6.87
C TRP A 207 -23.90 1.15 -7.24
N TYR A 208 -23.17 0.47 -6.37
CA TYR A 208 -21.84 -0.05 -6.66
C TYR A 208 -21.90 -1.35 -7.42
N ASP A 209 -23.09 -1.80 -7.76
CA ASP A 209 -23.27 -3.11 -8.36
C ASP A 209 -22.78 -3.14 -9.79
N ARG A 210 -22.49 -1.98 -10.38
CA ARG A 210 -22.00 -1.89 -11.74
C ARG A 210 -20.51 -1.62 -11.85
N THR A 211 -19.89 -1.07 -10.80
CA THR A 211 -18.44 -1.03 -10.77
C THR A 211 -17.86 -2.42 -10.60
N VAL A 212 -18.58 -3.28 -9.88
CA VAL A 212 -18.10 -4.62 -9.62
C VAL A 212 -18.14 -5.48 -10.87
N LEU A 213 -19.24 -5.41 -11.62
CA LEU A 213 -19.30 -6.11 -12.90
C LEU A 213 -18.27 -5.55 -13.87
N LYS A 214 -18.12 -4.23 -13.90
CA LYS A 214 -17.16 -3.61 -14.82
C LYS A 214 -15.74 -4.01 -14.50
N GLY A 215 -15.41 -4.12 -13.21
CA GLY A 215 -14.09 -4.59 -12.82
C GLY A 215 -13.89 -6.08 -12.98
N TYR A 216 -14.98 -6.85 -13.03
CA TYR A 216 -14.84 -8.28 -13.31
C TYR A 216 -14.66 -8.56 -14.79
N LYS A 217 -15.32 -7.80 -15.67
CA LYS A 217 -15.15 -8.00 -17.10
C LYS A 217 -13.72 -7.73 -17.52
N HIS A 218 -13.27 -6.48 -17.42
CA HIS A 218 -11.92 -6.07 -17.74
C HIS A 218 -11.40 -5.22 -16.60
N PRO A 219 -10.09 -5.23 -16.36
CA PRO A 219 -9.57 -4.56 -15.15
C PRO A 219 -9.86 -3.06 -15.14
N LEU A 220 -10.14 -2.55 -13.95
CA LEU A 220 -10.45 -1.14 -13.78
C LEU A 220 -9.22 -0.28 -14.05
N THR A 221 -9.47 0.95 -14.46
CA THR A 221 -8.43 1.95 -14.58
C THR A 221 -8.89 3.21 -13.88
N LEU A 222 -7.97 4.15 -13.68
CA LEU A 222 -8.28 5.37 -12.96
C LEU A 222 -9.43 6.16 -13.58
N GLU A 223 -9.80 5.86 -14.81
CA GLU A 223 -10.95 6.49 -15.45
C GLU A 223 -12.19 5.61 -15.41
N ASP A 224 -12.13 4.46 -14.75
CA ASP A 224 -13.29 3.60 -14.55
C ASP A 224 -13.86 3.69 -13.14
N VAL A 225 -13.20 4.41 -12.24
CA VAL A 225 -13.72 4.63 -10.89
C VAL A 225 -14.30 6.03 -10.82
N TRP A 226 -15.55 6.13 -10.38
CA TRP A 226 -16.21 7.43 -10.39
C TRP A 226 -15.57 8.38 -9.40
N ASP A 227 -15.61 9.66 -9.73
CA ASP A 227 -15.08 10.69 -8.86
C ASP A 227 -15.90 10.78 -7.58
N ILE A 228 -15.21 11.12 -6.48
CA ILE A 228 -15.91 11.41 -5.23
C ILE A 228 -16.61 12.75 -5.33
N ASP A 229 -17.75 12.86 -4.65
CA ASP A 229 -18.56 14.06 -4.75
C ASP A 229 -17.83 15.26 -4.16
N GLU A 230 -18.31 16.45 -4.53
CA GLU A 230 -17.59 17.69 -4.27
C GLU A 230 -17.44 18.01 -2.80
N GLY A 231 -18.16 17.33 -1.91
CA GLY A 231 -18.00 17.62 -0.51
C GLY A 231 -16.76 17.06 0.13
N PHE A 232 -16.05 16.17 -0.57
CA PHE A 232 -14.82 15.58 -0.05
C PHE A 232 -13.58 16.03 -0.79
N LYS A 233 -13.71 16.87 -1.81
CA LYS A 233 -12.55 17.34 -2.54
C LYS A 233 -11.61 18.08 -1.60
N THR A 234 -10.31 17.96 -1.87
CA THR A 234 -9.31 18.48 -0.95
C THR A 234 -9.50 19.96 -0.69
N ARG A 235 -9.84 20.72 -1.73
CA ARG A 235 -10.04 22.15 -1.55
C ARG A 235 -11.20 22.43 -0.60
N SER A 236 -12.29 21.70 -0.75
CA SER A 236 -13.46 21.93 0.09
C SER A 236 -13.19 21.61 1.55
N VAL A 237 -12.66 20.42 1.84
CA VAL A 237 -12.45 20.05 3.23
C VAL A 237 -11.36 20.90 3.84
N THR A 238 -10.33 21.26 3.08
CA THR A 238 -9.31 22.11 3.66
C THR A 238 -9.82 23.52 3.92
N SER A 239 -10.71 24.04 3.07
CA SER A 239 -11.27 25.35 3.35
C SER A 239 -12.13 25.31 4.61
N LYS A 240 -12.96 24.27 4.75
CA LYS A 240 -13.74 24.13 5.97
C LYS A 240 -12.85 24.00 7.19
N PHE A 241 -11.79 23.19 7.09
CA PHE A 241 -10.90 22.99 8.22
C PHE A 241 -10.18 24.27 8.60
N GLU A 242 -9.76 25.06 7.61
CA GLU A 242 -9.04 26.28 7.94
C GLU A 242 -9.97 27.31 8.56
N ALA A 243 -11.21 27.38 8.08
CA ALA A 243 -12.19 28.23 8.74
C ALA A 243 -12.38 27.82 10.20
N ALA A 244 -12.48 26.52 10.46
CA ALA A 244 -12.67 26.05 11.82
C ALA A 244 -11.39 26.09 12.65
N MET A 245 -10.22 26.20 12.02
CA MET A 245 -8.93 26.10 12.69
C MET A 245 -8.38 27.46 13.11
N THR A 246 -8.36 28.43 12.20
CA THR A 246 -7.67 29.69 12.44
C THR A 246 -7.94 30.24 13.85
N LYS A 247 -9.19 30.13 14.31
CA LYS A 247 -9.54 30.65 15.63
C LYS A 247 -8.87 29.86 16.75
N ASP A 248 -8.96 28.53 16.70
CA ASP A 248 -8.33 27.71 17.73
C ASP A 248 -6.82 27.85 17.71
N LEU A 249 -6.24 27.90 16.52
CA LEU A 249 -4.80 28.08 16.40
C LEU A 249 -4.38 29.42 16.97
N GLN A 250 -5.14 30.48 16.71
CA GLN A 250 -4.80 31.78 17.26
C GLN A 250 -4.92 31.78 18.78
N LYS A 251 -5.96 31.15 19.31
CA LYS A 251 -6.14 31.10 20.75
C LYS A 251 -4.99 30.33 21.41
N ALA A 252 -4.59 29.21 20.82
CA ALA A 252 -3.47 28.46 21.37
C ALA A 252 -2.17 29.23 21.22
N ARG A 253 -2.01 30.00 20.14
CA ARG A 253 -0.83 30.83 19.98
C ARG A 253 -0.78 31.91 21.07
N GLN A 254 -1.93 32.51 21.37
CA GLN A 254 -1.96 33.49 22.45
C GLN A 254 -1.61 32.85 23.79
N ALA A 255 -2.11 31.65 24.04
CA ALA A 255 -1.76 30.95 25.27
C ALA A 255 -0.27 30.67 25.33
N PHE A 256 0.32 30.21 24.22
CA PHE A 256 1.75 29.92 24.21
C PHE A 256 2.56 31.18 24.41
N GLN A 257 2.13 32.29 23.80
CA GLN A 257 2.86 33.54 23.95
C GLN A 257 2.80 34.03 25.39
N ARG A 258 1.61 34.00 26.00
CA ARG A 258 1.51 34.44 27.39
C ARG A 258 2.31 33.55 28.32
N ARG A 259 2.33 32.24 28.03
CA ARG A 259 3.12 31.32 28.84
C ARG A 259 4.61 31.64 28.72
N LEU A 260 5.08 31.89 27.50
CA LEU A 260 6.49 32.19 27.29
C LEU A 260 6.89 33.50 27.97
N GLN A 261 6.06 34.53 27.85
CA GLN A 261 6.41 35.81 28.48
C GLN A 261 6.33 35.73 29.99
N LYS A 262 5.42 34.92 30.54
CA LYS A 262 5.44 34.68 31.98
C LYS A 262 6.70 33.96 32.41
N SER A 263 7.17 32.99 31.62
CA SER A 263 8.41 32.31 31.97
C SER A 263 9.60 33.27 31.93
N GLN A 264 9.68 34.08 30.88
CA GLN A 264 10.88 34.90 30.67
C GLN A 264 11.02 36.02 31.70
N ARG A 265 9.97 36.35 32.44
CA ARG A 265 10.05 37.42 33.44
C ARG A 265 10.24 36.85 34.83
N THR A 298 13.68 24.56 22.26
CA THR A 298 12.29 24.96 22.23
C THR A 298 11.37 23.76 22.50
N LYS A 299 10.67 23.80 23.63
CA LYS A 299 9.76 22.71 23.97
C LYS A 299 8.32 23.18 24.11
N ASP A 300 8.03 24.46 23.89
CA ASP A 300 6.66 24.95 23.89
C ASP A 300 6.26 25.42 22.50
N TYR A 301 5.06 25.03 22.12
CA TYR A 301 4.47 25.39 20.84
C TYR A 301 2.98 25.55 21.06
N PRO A 302 2.29 26.30 20.22
CA PRO A 302 0.84 26.36 20.35
C PRO A 302 0.23 24.97 20.26
N LYS A 303 -0.35 24.48 21.36
CA LYS A 303 -0.72 23.08 21.48
C LYS A 303 -2.17 22.94 21.88
N SER A 304 -2.69 21.73 21.69
CA SER A 304 -4.07 21.39 21.99
C SER A 304 -5.06 22.24 21.19
N TRP A 305 -4.89 22.20 19.87
CA TRP A 305 -5.85 22.85 18.98
C TRP A 305 -6.23 22.03 17.77
N LEU A 306 -5.49 20.97 17.43
CA LEU A 306 -5.80 20.22 16.22
C LEU A 306 -7.03 19.36 16.41
N ILE A 307 -7.14 18.69 17.55
CA ILE A 307 -8.23 17.75 17.75
C ILE A 307 -9.56 18.50 17.91
N LYS A 308 -9.55 19.63 18.61
CA LYS A 308 -10.75 20.46 18.69
C LYS A 308 -11.17 20.96 17.32
N SER A 309 -10.22 21.39 16.50
CA SER A 309 -10.56 21.88 15.17
C SER A 309 -11.14 20.77 14.31
N LEU A 310 -10.59 19.57 14.39
CA LEU A 310 -11.13 18.47 13.62
C LEU A 310 -12.54 18.09 14.08
N PHE A 311 -12.81 18.08 15.38
CA PHE A 311 -14.19 17.85 15.81
C PHE A 311 -15.11 18.98 15.38
N LYS A 312 -14.68 20.22 15.55
CA LYS A 312 -15.54 21.35 15.18
C LYS A 312 -15.82 21.40 13.69
N THR A 313 -14.98 20.76 12.87
CA THR A 313 -15.28 20.72 11.44
C THR A 313 -15.98 19.44 11.00
N PHE A 314 -15.94 18.35 11.77
CA PHE A 314 -16.61 17.12 11.35
C PHE A 314 -17.70 16.64 12.31
N HIS A 315 -18.22 17.51 13.18
CA HIS A 315 -19.15 17.04 14.20
C HIS A 315 -20.42 16.44 13.64
N VAL A 316 -20.89 16.88 12.47
CA VAL A 316 -22.14 16.32 11.95
C VAL A 316 -21.97 14.85 11.63
N VAL A 317 -20.87 14.50 10.96
CA VAL A 317 -20.61 13.10 10.66
C VAL A 317 -20.32 12.32 11.94
N ILE A 318 -19.70 12.98 12.93
CA ILE A 318 -19.50 12.32 14.22
C ILE A 318 -20.84 11.91 14.81
N LEU A 319 -21.82 12.82 14.81
CA LEU A 319 -23.14 12.48 15.34
C LEU A 319 -23.84 11.39 14.53
N LYS A 320 -23.77 11.47 13.20
CA LYS A 320 -24.41 10.43 12.40
C LYS A 320 -23.84 9.05 12.75
N SER A 321 -22.52 8.95 12.80
CA SER A 321 -21.90 7.67 13.13
C SER A 321 -22.25 7.24 14.54
N PHE A 322 -22.29 8.18 15.49
CA PHE A 322 -22.62 7.84 16.87
C PHE A 322 -24.01 7.24 16.97
N ILE A 323 -24.98 7.87 16.32
CA ILE A 323 -26.36 7.37 16.42
C ILE A 323 -26.50 6.02 15.74
N LEU A 324 -25.87 5.84 14.57
CA LEU A 324 -25.97 4.55 13.89
C LEU A 324 -25.31 3.45 14.72
N LYS A 325 -24.17 3.74 15.33
CA LYS A 325 -23.51 2.75 16.18
C LYS A 325 -24.34 2.45 17.42
N LEU A 326 -24.99 3.45 18.00
CA LEU A 326 -25.84 3.16 19.15
C LEU A 326 -27.00 2.26 18.76
N ILE A 327 -27.65 2.53 17.62
CA ILE A 327 -28.75 1.69 17.20
C ILE A 327 -28.29 0.27 16.94
N HIS A 328 -27.13 0.10 16.32
CA HIS A 328 -26.63 -1.26 16.11
C HIS A 328 -26.28 -1.95 17.42
N ASP A 329 -25.69 -1.23 18.38
CA ASP A 329 -25.32 -1.85 19.64
C ASP A 329 -26.53 -2.25 20.45
N LEU A 330 -27.64 -1.53 20.32
CA LEU A 330 -28.86 -1.96 20.97
C LEU A 330 -29.52 -3.10 20.22
N LEU A 331 -29.44 -3.12 18.90
CA LEU A 331 -30.06 -4.19 18.13
C LEU A 331 -29.29 -5.50 18.19
N VAL A 332 -28.03 -5.48 18.62
CA VAL A 332 -27.28 -6.73 18.69
C VAL A 332 -27.92 -7.70 19.68
N PHE A 333 -28.56 -7.18 20.73
CA PHE A 333 -29.04 -8.00 21.83
C PHE A 333 -30.49 -8.39 21.68
N LEU A 334 -31.03 -8.36 20.47
CA LEU A 334 -32.35 -8.92 20.25
C LEU A 334 -32.29 -10.35 19.76
N ASN A 335 -31.28 -10.71 19.00
CA ASN A 335 -31.18 -12.08 18.51
C ASN A 335 -31.02 -13.11 19.62
N PRO A 336 -30.21 -12.91 20.66
CA PRO A 336 -30.27 -13.84 21.79
C PRO A 336 -31.66 -13.95 22.40
N GLN A 337 -32.41 -12.85 22.49
CA GLN A 337 -33.74 -12.93 23.09
C GLN A 337 -34.71 -13.67 22.19
N LEU A 338 -34.66 -13.43 20.87
CA LEU A 338 -35.48 -14.21 19.96
C LEU A 338 -35.10 -15.68 20.00
N LEU A 339 -33.82 -15.98 20.16
CA LEU A 339 -33.40 -17.37 20.30
C LEU A 339 -33.96 -17.99 21.56
N LYS A 340 -33.98 -17.24 22.65
CA LYS A 340 -34.58 -17.73 23.88
C LYS A 340 -36.06 -18.01 23.69
N LEU A 341 -36.76 -17.10 23.02
CA LEU A 341 -38.19 -17.31 22.76
C LEU A 341 -38.42 -18.54 21.89
N LEU A 342 -37.56 -18.75 20.90
CA LEU A 342 -37.79 -19.86 19.98
C LEU A 342 -37.47 -21.21 20.63
N ILE A 343 -36.44 -21.26 21.48
CA ILE A 343 -36.21 -22.47 22.26
C ILE A 343 -37.41 -22.75 23.14
N GLY A 344 -37.89 -21.72 23.85
CA GLY A 344 -39.02 -21.91 24.72
C GLY A 344 -40.26 -22.37 23.97
N PHE A 345 -40.46 -21.87 22.77
CA PHE A 345 -41.63 -22.25 21.98
C PHE A 345 -41.53 -23.71 21.52
N VAL A 346 -40.38 -24.10 20.99
CA VAL A 346 -40.25 -25.47 20.51
C VAL A 346 -40.35 -26.45 21.67
N LYS A 347 -39.94 -26.04 22.87
CA LYS A 347 -40.10 -26.93 24.03
C LYS A 347 -41.57 -27.13 24.37
N SER A 348 -42.28 -26.04 24.69
CA SER A 348 -43.68 -26.13 25.10
C SER A 348 -44.52 -26.61 23.93
N SER A 349 -44.99 -27.86 24.02
CA SER A 349 -45.67 -28.51 22.91
C SER A 349 -47.13 -28.11 22.78
N ASN A 350 -47.66 -27.30 23.69
CA ASN A 350 -49.04 -26.83 23.62
C ASN A 350 -49.14 -25.36 23.19
N SER A 351 -48.16 -24.84 22.46
CA SER A 351 -48.16 -23.45 22.04
C SER A 351 -48.70 -23.33 20.61
N TYR A 352 -48.98 -22.10 20.23
CA TYR A 352 -49.59 -21.82 18.93
C TYR A 352 -48.54 -21.83 17.83
N VAL A 353 -48.99 -21.91 16.58
CA VAL A 353 -48.10 -22.04 15.44
C VAL A 353 -47.75 -20.69 14.83
N TRP A 354 -48.64 -19.70 14.90
CA TRP A 354 -48.31 -18.38 14.40
C TRP A 354 -47.17 -17.74 15.18
N PHE A 355 -46.85 -18.28 16.34
CA PHE A 355 -45.72 -17.82 17.13
C PHE A 355 -44.58 -18.78 16.89
N GLY A 356 -43.48 -18.26 16.36
CA GLY A 356 -42.39 -19.11 15.93
C GLY A 356 -42.10 -18.82 14.48
N TYR A 357 -43.13 -18.74 13.65
CA TYR A 357 -42.95 -18.10 12.36
C TYR A 357 -42.69 -16.62 12.55
N ILE A 358 -43.38 -16.00 13.52
CA ILE A 358 -43.11 -14.61 13.84
C ILE A 358 -41.71 -14.44 14.40
N CYS A 359 -41.24 -15.39 15.23
CA CYS A 359 -39.90 -15.26 15.78
C CYS A 359 -38.83 -15.48 14.71
N ALA A 360 -39.02 -16.43 13.81
CA ALA A 360 -38.06 -16.61 12.72
C ALA A 360 -38.02 -15.37 11.82
N ILE A 361 -39.20 -14.84 11.49
CA ILE A 361 -39.26 -13.65 10.64
C ILE A 361 -38.66 -12.45 11.34
N LEU A 362 -38.82 -12.35 12.64
CA LEU A 362 -38.21 -11.25 13.38
C LEU A 362 -36.71 -11.40 13.48
N MET A 363 -36.20 -12.63 13.58
CA MET A 363 -34.75 -12.81 13.53
C MET A 363 -34.21 -12.31 12.20
N PHE A 364 -34.87 -12.68 11.10
CA PHE A 364 -34.43 -12.19 9.80
C PHE A 364 -34.49 -10.68 9.72
N ALA A 365 -35.61 -10.09 10.14
CA ALA A 365 -35.77 -8.64 10.00
C ALA A 365 -34.77 -7.88 10.85
N VAL A 366 -34.54 -8.32 12.08
CA VAL A 366 -33.60 -7.64 12.96
C VAL A 366 -32.19 -7.75 12.41
N THR A 367 -31.78 -8.93 11.92
CA THR A 367 -30.44 -9.02 11.37
C THR A 367 -30.30 -8.14 10.13
N LEU A 368 -31.32 -8.07 9.29
CA LEU A 368 -31.29 -7.20 8.12
C LEU A 368 -31.12 -5.74 8.52
N ILE A 369 -31.93 -5.28 9.47
CA ILE A 369 -31.90 -3.86 9.85
C ILE A 369 -30.59 -3.51 10.53
N GLN A 370 -30.07 -4.39 11.38
CA GLN A 370 -28.82 -4.07 12.03
C GLN A 370 -27.66 -4.15 11.05
N SER A 371 -27.78 -4.99 10.01
CA SER A 371 -26.78 -4.97 8.94
C SER A 371 -26.77 -3.63 8.24
N PHE A 372 -27.94 -3.10 7.90
CA PHE A 372 -28.00 -1.80 7.23
C PHE A 372 -27.39 -0.71 8.10
N CYS A 373 -27.75 -0.69 9.39
CA CYS A 373 -27.21 0.32 10.30
C CYS A 373 -25.70 0.19 10.42
N LEU A 374 -25.18 -1.02 10.58
CA LEU A 374 -23.75 -1.19 10.78
C LEU A 374 -22.97 -0.80 9.54
N GLN A 375 -23.41 -1.22 8.36
CA GLN A 375 -22.68 -0.89 7.15
C GLN A 375 -22.70 0.60 6.88
N SER A 376 -23.83 1.25 7.17
CA SER A 376 -23.84 2.70 7.00
C SER A 376 -22.92 3.38 8.01
N TYR A 377 -22.82 2.83 9.22
CA TYR A 377 -21.87 3.37 10.19
C TYR A 377 -20.44 3.24 9.70
N PHE A 378 -20.08 2.08 9.15
CA PHE A 378 -18.75 1.94 8.56
C PHE A 378 -18.51 2.91 7.43
N GLN A 379 -19.48 3.10 6.55
CA GLN A 379 -19.27 4.03 5.45
C GLN A 379 -19.00 5.42 5.99
N HIS A 380 -19.82 5.88 6.94
CA HIS A 380 -19.62 7.20 7.53
C HIS A 380 -18.26 7.30 8.21
N CYS A 381 -17.92 6.31 9.03
CA CYS A 381 -16.71 6.36 9.83
C CYS A 381 -15.46 6.34 8.96
N PHE A 382 -15.45 5.48 7.95
CA PHE A 382 -14.26 5.34 7.11
C PHE A 382 -14.11 6.53 6.18
N VAL A 383 -15.21 7.08 5.68
CA VAL A 383 -15.10 8.29 4.88
C VAL A 383 -14.68 9.48 5.73
N LEU A 384 -15.09 9.53 7.00
CA LEU A 384 -14.58 10.57 7.88
C LEU A 384 -13.08 10.41 8.13
N GLY A 385 -12.61 9.18 8.32
CA GLY A 385 -11.18 8.98 8.44
C GLY A 385 -10.42 9.41 7.22
N MET A 386 -10.93 9.08 6.03
CA MET A 386 -10.31 9.50 4.79
C MET A 386 -10.28 11.01 4.67
N CYS A 387 -11.38 11.69 5.05
CA CYS A 387 -11.41 13.14 4.95
C CYS A 387 -10.48 13.79 5.96
N VAL A 388 -10.32 13.21 7.14
CA VAL A 388 -9.35 13.74 8.10
C VAL A 388 -7.94 13.61 7.55
N ARG A 389 -7.60 12.46 6.99
CA ARG A 389 -6.27 12.33 6.41
C ARG A 389 -6.06 13.31 5.26
N THR A 390 -7.07 13.49 4.41
CA THR A 390 -6.97 14.45 3.31
C THR A 390 -6.74 15.87 3.80
N THR A 391 -7.55 16.33 4.75
CA THR A 391 -7.38 17.70 5.21
C THR A 391 -6.05 17.88 5.93
N VAL A 392 -5.55 16.85 6.61
CA VAL A 392 -4.26 16.98 7.28
C VAL A 392 -3.10 16.98 6.29
N MET A 393 -3.13 16.12 5.27
CA MET A 393 -2.07 16.19 4.25
C MET A 393 -2.09 17.51 3.50
N SER A 394 -3.28 18.00 3.16
CA SER A 394 -3.33 19.29 2.48
C SER A 394 -2.83 20.41 3.38
N SER A 395 -3.14 20.37 4.68
CA SER A 395 -2.63 21.40 5.56
C SER A 395 -1.12 21.32 5.70
N ILE A 396 -0.57 20.11 5.74
CA ILE A 396 0.89 19.94 5.77
C ILE A 396 1.51 20.58 4.54
N TYR A 397 0.96 20.30 3.37
CA TYR A 397 1.51 20.88 2.16
C TYR A 397 1.41 22.40 2.19
N LYS A 398 0.23 22.93 2.53
CA LYS A 398 0.07 24.38 2.54
C LYS A 398 1.00 25.04 3.54
N LYS A 399 1.37 24.33 4.60
CA LYS A 399 2.26 24.92 5.59
C LYS A 399 3.72 24.85 5.15
N ALA A 400 4.10 23.77 4.48
CA ALA A 400 5.49 23.66 4.04
C ALA A 400 5.89 24.77 3.09
N LEU A 401 4.92 25.37 2.40
CA LEU A 401 5.20 26.44 1.45
C LEU A 401 5.47 27.77 2.12
N THR A 402 5.07 27.95 3.39
CA THR A 402 5.26 29.22 4.06
C THR A 402 5.92 29.05 5.42
N LEU A 403 6.59 27.93 5.66
CA LEU A 403 7.25 27.71 6.93
C LEU A 403 8.53 28.55 6.99
N SER A 404 8.71 29.27 8.09
CA SER A 404 9.92 30.05 8.27
C SER A 404 11.14 29.16 8.24
N ASN A 405 12.20 29.64 7.60
CA ASN A 405 13.42 28.82 7.47
C ASN A 405 13.96 28.44 8.84
N LEU A 406 13.81 29.32 9.82
CA LEU A 406 14.20 29.01 11.19
C LEU A 406 13.46 27.79 11.71
N ALA A 407 12.20 27.63 11.33
CA ALA A 407 11.44 26.45 11.71
C ALA A 407 11.59 25.31 10.72
N ARG A 408 12.09 25.60 9.51
CA ARG A 408 12.24 24.55 8.53
C ARG A 408 13.56 23.79 8.67
N LYS A 409 14.56 24.39 9.31
CA LYS A 409 15.82 23.68 9.48
C LYS A 409 15.77 22.63 10.57
N GLN A 410 14.80 22.71 11.48
CA GLN A 410 14.70 21.72 12.54
C GLN A 410 14.42 20.33 11.98
N TYR A 411 13.52 20.23 11.02
CA TYR A 411 13.14 18.96 10.43
C TYR A 411 14.13 18.57 9.34
N THR A 412 14.01 17.33 8.89
CA THR A 412 14.72 16.88 7.70
C THR A 412 13.71 16.46 6.64
N ILE A 413 14.10 16.57 5.37
CA ILE A 413 13.14 16.36 4.29
C ILE A 413 12.54 14.96 4.36
N GLY A 414 13.36 13.97 4.72
CA GLY A 414 12.81 12.66 4.99
C GLY A 414 11.82 12.68 6.14
N GLU A 415 12.15 13.43 7.19
CA GLU A 415 11.26 13.49 8.35
C GLU A 415 10.00 14.30 8.06
N THR A 416 10.07 15.32 7.21
CA THR A 416 8.87 16.07 6.85
C THR A 416 7.93 15.23 5.99
N VAL A 417 8.45 14.60 4.94
CA VAL A 417 7.59 13.73 4.16
C VAL A 417 7.12 12.56 5.02
N ASN A 418 7.89 12.20 6.05
CA ASN A 418 7.43 11.20 7.01
C ASN A 418 6.24 11.73 7.79
N LEU A 419 6.27 13.01 8.14
CA LEU A 419 5.15 13.63 8.82
C LEU A 419 3.91 13.63 7.96
N MET A 420 4.07 13.67 6.64
CA MET A 420 2.91 13.49 5.76
C MET A 420 2.48 12.03 5.65
N SER A 421 3.44 11.10 5.66
CA SER A 421 3.20 9.73 5.24
C SER A 421 2.93 8.74 6.36
N VAL A 422 3.25 9.06 7.61
CA VAL A 422 2.97 8.18 8.74
C VAL A 422 2.07 8.85 9.76
N ASP A 423 2.26 10.14 10.01
CA ASP A 423 1.47 10.80 11.05
C ASP A 423 0.02 10.91 10.64
N SER A 424 -0.25 11.25 9.39
CA SER A 424 -1.63 11.31 8.92
C SER A 424 -2.26 9.93 8.87
N GLN A 425 -1.49 8.89 8.57
CA GLN A 425 -2.04 7.53 8.63
C GLN A 425 -2.41 7.15 10.06
N LYS A 426 -1.57 7.50 11.02
CA LYS A 426 -1.89 7.20 12.42
C LYS A 426 -3.14 7.95 12.86
N LEU A 427 -3.27 9.19 12.43
CA LEU A 427 -4.47 9.96 12.76
C LEU A 427 -5.72 9.40 12.08
N MET A 428 -5.57 8.88 10.86
CA MET A 428 -6.70 8.21 10.20
C MET A 428 -7.10 6.95 10.94
N ASP A 429 -6.13 6.17 11.42
CA ASP A 429 -6.47 4.97 12.17
C ASP A 429 -7.20 5.31 13.47
N ALA A 430 -6.74 6.34 14.17
CA ALA A 430 -7.47 6.77 15.35
C ALA A 430 -8.88 7.23 15.01
N THR A 431 -9.06 7.94 13.90
CA THR A 431 -10.40 8.36 13.52
C THR A 431 -11.31 7.19 13.22
N ASN A 432 -10.76 6.11 12.65
CA ASN A 432 -11.58 4.92 12.43
C ASN A 432 -11.97 4.26 13.75
N TYR A 433 -11.02 4.06 14.66
CA TYR A 433 -11.28 3.42 15.95
C TYR A 433 -11.81 4.36 17.00
N MET A 434 -12.25 5.55 16.61
CA MET A 434 -12.70 6.51 17.61
C MET A 434 -14.04 6.12 18.23
N GLN A 435 -14.97 5.57 17.46
CA GLN A 435 -16.28 5.24 18.00
C GLN A 435 -16.30 3.92 18.75
N LEU A 436 -15.29 3.09 18.60
CA LEU A 436 -15.26 1.82 19.30
C LEU A 436 -14.95 1.99 20.77
N VAL A 437 -14.37 3.12 21.16
CA VAL A 437 -13.91 3.27 22.54
C VAL A 437 -15.08 3.44 23.50
N TRP A 438 -16.26 3.83 23.01
CA TRP A 438 -17.48 3.79 23.82
C TRP A 438 -18.47 2.72 23.36
N SER A 439 -18.49 2.40 22.07
CA SER A 439 -19.38 1.33 21.63
C SER A 439 -19.01 0.01 22.26
N SER A 440 -17.71 -0.26 22.39
CA SER A 440 -17.31 -1.51 22.98
C SER A 440 -17.64 -1.56 24.47
N VAL A 441 -17.63 -0.41 25.16
CA VAL A 441 -18.00 -0.48 26.57
C VAL A 441 -19.51 -0.58 26.73
N ILE A 442 -20.30 -0.01 25.82
CA ILE A 442 -21.74 -0.25 25.85
C ILE A 442 -22.03 -1.72 25.62
N GLN A 443 -21.37 -2.33 24.63
CA GLN A 443 -21.62 -3.75 24.34
C GLN A 443 -21.16 -4.64 25.48
N ILE A 444 -20.03 -4.32 26.10
CA ILE A 444 -19.54 -5.11 27.22
C ILE A 444 -20.50 -5.02 28.40
N THR A 445 -20.96 -3.81 28.74
CA THR A 445 -21.87 -3.67 29.87
C THR A 445 -23.19 -4.39 29.61
N LEU A 446 -23.75 -4.23 28.42
CA LEU A 446 -25.02 -4.88 28.14
C LEU A 446 -24.86 -6.39 28.10
N SER A 447 -23.73 -6.91 27.59
CA SER A 447 -23.54 -8.35 27.58
C SER A 447 -23.39 -8.90 28.99
N ILE A 448 -22.67 -8.20 29.87
CA ILE A 448 -22.60 -8.66 31.25
C ILE A 448 -23.99 -8.65 31.88
N PHE A 449 -24.80 -7.64 31.58
CA PHE A 449 -26.14 -7.61 32.15
C PHE A 449 -26.97 -8.80 31.67
N PHE A 450 -26.99 -9.03 30.36
CA PHE A 450 -27.83 -10.09 29.80
C PHE A 450 -27.30 -11.49 30.09
N LEU A 451 -26.01 -11.61 30.43
CA LEU A 451 -25.48 -12.88 30.87
C LEU A 451 -25.80 -13.13 32.33
N TRP A 452 -25.71 -12.09 33.15
CA TRP A 452 -26.12 -12.20 34.53
C TRP A 452 -27.56 -12.63 34.64
N ARG A 453 -28.45 -11.94 33.91
CA ARG A 453 -29.88 -12.17 34.03
C ARG A 453 -30.26 -13.61 33.70
N GLU A 454 -29.32 -14.41 33.20
CA GLU A 454 -29.58 -15.81 32.87
C GLU A 454 -28.82 -16.78 33.77
N LEU A 455 -27.51 -16.61 33.92
CA LEU A 455 -26.72 -17.58 34.65
C LEU A 455 -26.21 -17.07 35.98
N GLY A 456 -26.86 -16.08 36.59
CA GLY A 456 -26.50 -15.70 37.93
C GLY A 456 -25.08 -15.20 38.03
N PRO A 457 -24.52 -15.19 39.22
CA PRO A 457 -23.20 -14.57 39.41
C PRO A 457 -22.05 -15.45 38.97
N SER A 458 -22.34 -16.61 38.39
CA SER A 458 -21.27 -17.45 37.87
C SER A 458 -20.89 -17.08 36.46
N ILE A 459 -21.50 -16.03 35.91
CA ILE A 459 -21.02 -15.45 34.67
C ILE A 459 -19.63 -14.88 34.84
N LEU A 460 -19.35 -14.31 36.00
CA LEU A 460 -18.05 -13.70 36.23
C LEU A 460 -16.92 -14.69 36.07
N ALA A 461 -17.15 -16.00 36.23
CA ALA A 461 -16.08 -16.95 35.93
C ALA A 461 -15.73 -16.94 34.46
N GLY A 462 -16.72 -16.99 33.59
CA GLY A 462 -16.46 -16.94 32.16
C GLY A 462 -15.89 -15.62 31.70
N VAL A 463 -16.46 -14.52 32.18
CA VAL A 463 -15.94 -13.21 31.83
C VAL A 463 -14.55 -13.02 32.43
N GLY A 464 -14.26 -13.67 33.56
CA GLY A 464 -12.92 -13.60 34.11
C GLY A 464 -11.90 -14.32 33.26
N VAL A 465 -12.27 -15.47 32.71
CA VAL A 465 -11.37 -16.11 31.75
C VAL A 465 -11.16 -15.22 30.54
N MET A 466 -12.25 -14.68 30.00
CA MET A 466 -12.15 -13.83 28.82
C MET A 466 -11.24 -12.63 29.06
N VAL A 467 -11.37 -12.01 30.23
CA VAL A 467 -10.54 -10.86 30.57
C VAL A 467 -9.10 -11.26 30.83
N LEU A 468 -8.90 -12.35 31.58
CA LEU A 468 -7.58 -12.80 31.96
C LEU A 468 -6.76 -13.30 30.79
N LEU A 469 -7.39 -13.57 29.66
CA LEU A 469 -6.65 -13.92 28.45
C LEU A 469 -6.22 -12.70 27.65
N ILE A 470 -6.43 -11.49 28.16
CA ILE A 470 -5.99 -10.28 27.46
C ILE A 470 -4.49 -10.05 27.66
N PRO A 471 -3.97 -10.02 28.89
CA PRO A 471 -2.52 -9.87 29.04
C PRO A 471 -1.73 -10.98 28.38
N VAL A 472 -2.25 -12.21 28.33
CA VAL A 472 -1.51 -13.28 27.65
C VAL A 472 -1.42 -13.00 26.17
N ASN A 473 -2.51 -12.53 25.56
CA ASN A 473 -2.44 -12.14 24.15
C ASN A 473 -1.45 -11.01 23.94
N GLY A 474 -1.40 -10.07 24.87
CA GLY A 474 -0.42 -9.00 24.75
C GLY A 474 1.02 -9.49 24.84
N VAL A 475 1.28 -10.40 25.76
CA VAL A 475 2.64 -10.94 25.92
C VAL A 475 3.06 -11.67 24.65
N LEU A 476 2.17 -12.51 24.11
CA LEU A 476 2.50 -13.23 22.89
C LEU A 476 2.71 -12.27 21.73
N ALA A 477 1.89 -11.22 21.62
CA ALA A 477 2.09 -10.25 20.56
C ALA A 477 3.43 -9.54 20.67
N THR A 478 3.83 -9.17 21.89
CA THR A 478 5.13 -8.54 22.07
C THR A 478 6.27 -9.46 21.66
N LYS A 479 6.20 -10.73 22.04
CA LYS A 479 7.26 -11.64 21.65
C LYS A 479 7.29 -11.85 20.14
N ILE A 480 6.10 -11.89 19.53
CA ILE A 480 6.00 -11.94 18.07
C ILE A 480 6.73 -10.76 17.44
N ARG A 481 6.49 -9.56 17.96
CA ARG A 481 7.11 -8.36 17.40
C ARG A 481 8.62 -8.37 17.55
N ASN A 482 9.12 -8.82 18.70
CA ASN A 482 10.57 -8.90 18.87
C ASN A 482 11.19 -9.88 17.88
N ILE A 483 10.58 -11.05 17.72
CA ILE A 483 11.11 -12.02 16.77
C ILE A 483 11.09 -11.44 15.36
N GLN A 484 10.02 -10.74 15.02
CA GLN A 484 9.93 -10.15 13.68
C GLN A 484 11.03 -9.13 13.44
N VAL A 485 11.31 -8.28 14.43
CA VAL A 485 12.34 -7.25 14.24
C VAL A 485 13.72 -7.89 14.05
N GLN A 486 14.05 -8.88 14.90
CA GLN A 486 15.33 -9.55 14.73
C GLN A 486 15.42 -10.22 13.37
N ASN A 487 14.32 -10.83 12.94
CA ASN A 487 14.27 -11.45 11.61
C ASN A 487 14.49 -10.42 10.52
N MET A 488 13.94 -9.22 10.69
CA MET A 488 14.09 -8.18 9.67
C MET A 488 15.54 -7.78 9.52
N LYS A 489 16.25 -7.62 10.64
CA LYS A 489 17.67 -7.28 10.55
C LYS A 489 18.44 -8.38 9.83
N ASN A 490 18.17 -9.63 10.19
CA ASN A 490 18.88 -10.74 9.57
C ASN A 490 18.57 -10.83 8.08
N LYS A 491 17.32 -10.54 7.72
CA LYS A 491 16.90 -10.54 6.33
C LYS A 491 17.61 -9.48 5.53
N ASP A 492 17.76 -8.27 6.10
CA ASP A 492 18.48 -7.22 5.40
C ASP A 492 19.93 -7.60 5.16
N LYS A 493 20.56 -8.26 6.13
CA LYS A 493 21.94 -8.73 5.90
C LYS A 493 21.99 -9.71 4.73
N ARG A 494 21.08 -10.70 4.71
CA ARG A 494 21.06 -11.66 3.62
C ARG A 494 20.84 -10.95 2.29
N LEU A 495 19.95 -9.97 2.27
CA LEU A 495 19.62 -9.28 1.03
C LEU A 495 20.82 -8.49 0.50
N LYS A 496 21.58 -7.86 1.40
CA LYS A 496 22.78 -7.16 0.96
C LYS A 496 23.80 -8.12 0.34
N ILE A 497 24.00 -9.29 0.97
CA ILE A 497 24.90 -10.27 0.38
C ILE A 497 24.40 -10.69 -1.00
N MET A 498 23.10 -10.95 -1.11
CA MET A 498 22.55 -11.38 -2.40
C MET A 498 22.73 -10.32 -3.46
N ASN A 499 22.54 -9.04 -3.09
CA ASN A 499 22.69 -7.97 -4.06
C ASN A 499 24.12 -7.85 -4.54
N GLU A 500 25.10 -8.01 -3.64
CA GLU A 500 26.47 -7.94 -4.13
C GLU A 500 26.85 -9.18 -4.92
N ILE A 501 26.17 -10.31 -4.68
CA ILE A 501 26.40 -11.48 -5.53
C ILE A 501 25.91 -11.20 -6.94
N LEU A 502 24.70 -10.67 -7.06
CA LEU A 502 24.07 -10.50 -8.37
C LEU A 502 24.74 -9.39 -9.17
N SER A 503 25.04 -8.25 -8.52
CA SER A 503 25.64 -7.14 -9.23
C SER A 503 27.05 -7.44 -9.70
N GLY A 504 27.71 -8.43 -9.13
CA GLY A 504 29.04 -8.80 -9.55
C GLY A 504 29.13 -10.25 -10.00
N ILE A 505 28.09 -10.72 -10.67
CA ILE A 505 27.99 -12.13 -11.03
C ILE A 505 29.07 -12.53 -12.02
N LYS A 506 29.56 -11.58 -12.82
CA LYS A 506 30.53 -11.91 -13.86
C LYS A 506 31.83 -12.43 -13.27
N ILE A 507 32.38 -11.70 -12.29
CA ILE A 507 33.60 -12.11 -11.61
C ILE A 507 33.39 -13.45 -10.91
N LEU A 508 32.23 -13.60 -10.28
CA LEU A 508 31.89 -14.83 -9.58
C LEU A 508 31.89 -16.02 -10.53
N LYS A 509 31.43 -15.83 -11.77
CA LYS A 509 31.55 -16.89 -12.76
C LYS A 509 32.99 -17.12 -13.14
N TYR A 510 33.74 -16.05 -13.44
CA TYR A 510 35.15 -16.18 -13.80
C TYR A 510 35.91 -17.08 -12.84
N PHE A 511 35.97 -16.71 -11.57
CA PHE A 511 36.79 -17.45 -10.61
C PHE A 511 36.09 -18.66 -10.01
N ALA A 512 34.93 -19.08 -10.51
CA ALA A 512 34.28 -20.30 -10.06
C ALA A 512 33.92 -20.21 -8.57
N TRP A 513 33.27 -19.13 -8.19
CA TRP A 513 33.03 -18.82 -6.79
C TRP A 513 31.58 -18.99 -6.35
N GLU A 514 30.71 -19.54 -7.19
CA GLU A 514 29.34 -19.62 -6.72
C GLU A 514 29.09 -20.62 -5.59
N PRO A 515 29.85 -21.73 -5.46
CA PRO A 515 29.64 -22.57 -4.26
C PRO A 515 29.90 -21.84 -2.95
N SER A 516 30.94 -21.01 -2.88
CA SER A 516 31.26 -20.33 -1.63
C SER A 516 30.16 -19.37 -1.21
N PHE A 517 29.72 -18.52 -2.14
CA PHE A 517 28.68 -17.56 -1.81
C PHE A 517 27.34 -18.26 -1.59
N GLN A 518 27.12 -19.37 -2.28
CA GLN A 518 25.96 -20.19 -2.00
C GLN A 518 25.94 -20.63 -0.54
N GLU A 519 27.07 -21.13 -0.04
CA GLU A 519 27.13 -21.57 1.35
C GLU A 519 26.96 -20.39 2.31
N GLN A 520 27.52 -19.23 1.98
CA GLN A 520 27.41 -18.08 2.88
C GLN A 520 25.96 -17.63 3.03
N VAL A 521 25.27 -17.45 1.91
CA VAL A 521 23.87 -17.05 2.00
C VAL A 521 23.01 -18.18 2.56
N GLN A 522 23.44 -19.44 2.40
CA GLN A 522 22.72 -20.53 3.06
C GLN A 522 22.85 -20.44 4.58
N GLY A 523 24.01 -20.06 5.09
CA GLY A 523 24.14 -19.89 6.53
C GLY A 523 23.24 -18.79 7.06
N ILE A 524 23.23 -17.65 6.39
CA ILE A 524 22.35 -16.58 6.86
C ILE A 524 20.88 -17.00 6.77
N ARG A 525 20.53 -17.73 5.70
CA ARG A 525 19.15 -18.18 5.57
C ARG A 525 18.79 -19.20 6.63
N LYS A 526 19.72 -20.06 7.04
CA LYS A 526 19.44 -20.99 8.12
C LYS A 526 19.12 -20.26 9.41
N LYS A 527 19.88 -19.21 9.71
CA LYS A 527 19.55 -18.38 10.87
C LYS A 527 18.14 -17.82 10.75
N GLU A 528 17.81 -17.27 9.58
CA GLU A 528 16.48 -16.70 9.39
C GLU A 528 15.38 -17.76 9.52
N LEU A 529 15.65 -18.99 9.10
CA LEU A 529 14.66 -20.05 9.21
C LEU A 529 14.41 -20.43 10.65
N LYS A 530 15.46 -20.48 11.47
CA LYS A 530 15.24 -20.74 12.89
C LYS A 530 14.38 -19.66 13.54
N ASN A 531 14.67 -18.39 13.21
CA ASN A 531 13.81 -17.32 13.73
C ASN A 531 12.39 -17.45 13.24
N LEU A 532 12.21 -17.87 11.98
CA LEU A 532 10.88 -18.05 11.43
C LEU A 532 10.12 -19.16 12.14
N LEU A 533 10.83 -20.22 12.54
CA LEU A 533 10.19 -21.27 13.30
C LEU A 533 9.73 -20.78 14.68
N ARG A 534 10.55 -19.97 15.35
CA ARG A 534 10.12 -19.45 16.66
C ARG A 534 8.90 -18.54 16.52
N PHE A 535 8.93 -17.65 15.54
CA PHE A 535 7.74 -16.89 15.16
C PHE A 535 6.55 -17.80 14.96
N GLY A 536 6.76 -18.91 14.26
CA GLY A 536 5.66 -19.83 14.00
C GLY A 536 5.07 -20.38 15.28
N GLN A 537 5.93 -20.83 16.19
CA GLN A 537 5.43 -21.46 17.41
C GLN A 537 4.60 -20.48 18.23
N LEU A 538 5.05 -19.24 18.35
CA LEU A 538 4.24 -18.27 19.10
C LEU A 538 2.94 -17.94 18.38
N GLN A 539 2.98 -17.87 17.05
CA GLN A 539 1.74 -17.68 16.30
C GLN A 539 0.77 -18.82 16.53
N SER A 540 1.31 -20.04 16.64
CA SER A 540 0.50 -21.21 16.94
C SER A 540 -0.20 -21.08 18.28
N LEU A 541 0.55 -20.68 19.31
CA LEU A 541 -0.07 -20.49 20.61
C LEU A 541 -1.17 -19.44 20.54
N LEU A 542 -0.92 -18.37 19.79
CA LEU A 542 -1.94 -17.33 19.67
C LEU A 542 -3.20 -17.85 19.00
N ILE A 543 -3.05 -18.65 17.94
CA ILE A 543 -4.20 -19.23 17.27
C ILE A 543 -4.95 -20.19 18.19
N PHE A 544 -4.22 -21.00 18.94
CA PHE A 544 -4.87 -21.95 19.85
C PHE A 544 -5.66 -21.23 20.92
N ILE A 545 -5.10 -20.19 21.52
CA ILE A 545 -5.83 -19.40 22.51
C ILE A 545 -7.07 -18.78 21.88
N LEU A 546 -6.93 -18.21 20.69
CA LEU A 546 -8.05 -17.58 20.01
C LEU A 546 -9.18 -18.57 19.76
N GLN A 547 -8.85 -19.76 19.28
CA GLN A 547 -9.88 -20.71 18.88
C GLN A 547 -10.43 -21.50 20.06
N ILE A 548 -9.74 -21.52 21.20
CA ILE A 548 -10.22 -22.29 22.33
C ILE A 548 -10.84 -21.42 23.42
N THR A 549 -10.74 -20.10 23.32
CA THR A 549 -11.44 -19.26 24.30
C THR A 549 -12.92 -19.58 24.44
N PRO A 550 -13.70 -19.73 23.37
CA PRO A 550 -15.14 -19.98 23.57
C PRO A 550 -15.46 -21.28 24.27
N ILE A 551 -14.86 -22.40 23.87
CA ILE A 551 -15.21 -23.66 24.52
C ILE A 551 -14.76 -23.65 25.97
N LEU A 552 -13.60 -23.06 26.26
CA LEU A 552 -13.13 -23.04 27.63
C LEU A 552 -14.00 -22.14 28.49
N VAL A 553 -14.44 -21.00 27.95
CA VAL A 553 -15.28 -20.11 28.73
C VAL A 553 -16.63 -20.76 29.00
N SER A 554 -17.17 -21.51 28.04
CA SER A 554 -18.45 -22.16 28.28
C SER A 554 -18.32 -23.31 29.28
N VAL A 555 -17.25 -24.10 29.19
CA VAL A 555 -17.13 -25.18 30.17
C VAL A 555 -16.92 -24.62 31.57
N VAL A 556 -16.12 -23.56 31.71
CA VAL A 556 -15.92 -22.96 33.03
C VAL A 556 -17.22 -22.40 33.57
N THR A 557 -17.97 -21.68 32.73
CA THR A 557 -19.20 -21.06 33.21
C THR A 557 -20.22 -22.10 33.61
N PHE A 558 -20.44 -23.12 32.78
CA PHE A 558 -21.47 -24.10 33.10
C PHE A 558 -21.07 -24.97 34.27
N SER A 559 -19.79 -25.31 34.39
CA SER A 559 -19.35 -26.07 35.56
C SER A 559 -19.55 -25.28 36.83
N VAL A 560 -19.05 -24.04 36.87
CA VAL A 560 -19.19 -23.24 38.09
C VAL A 560 -20.65 -22.97 38.38
N TYR A 561 -21.50 -22.91 37.36
CA TYR A 561 -22.91 -22.67 37.57
C TYR A 561 -23.59 -23.88 38.21
N VAL A 562 -23.42 -25.06 37.61
CA VAL A 562 -24.15 -26.21 38.10
C VAL A 562 -23.58 -26.71 39.41
N LEU A 563 -22.34 -26.33 39.75
CA LEU A 563 -21.72 -26.84 40.97
C LEU A 563 -22.14 -26.06 42.21
N VAL A 564 -22.15 -24.73 42.13
CA VAL A 564 -22.22 -23.88 43.33
C VAL A 564 -23.54 -24.01 44.05
N ASP A 565 -24.46 -24.81 43.53
CA ASP A 565 -25.76 -24.95 44.16
C ASP A 565 -26.36 -26.28 43.75
N SER A 566 -27.32 -26.74 44.53
CA SER A 566 -27.98 -28.01 44.22
C SER A 566 -29.25 -27.82 43.40
N ALA A 567 -30.00 -26.75 43.65
CA ALA A 567 -31.21 -26.46 42.91
C ALA A 567 -30.95 -25.52 41.74
N ASN A 568 -29.78 -25.63 41.13
CA ASN A 568 -29.30 -24.70 40.12
C ASN A 568 -29.23 -25.50 38.83
N VAL A 569 -30.34 -25.54 38.10
CA VAL A 569 -30.48 -26.44 36.95
C VAL A 569 -30.16 -25.68 35.68
N LEU A 570 -29.58 -26.38 34.72
CA LEU A 570 -29.15 -25.79 33.45
C LEU A 570 -30.02 -26.37 32.36
N ASN A 571 -30.84 -25.52 31.74
CA ASN A 571 -31.73 -25.91 30.66
C ASN A 571 -31.28 -25.25 29.37
N ALA A 572 -31.95 -25.59 28.27
CA ALA A 572 -31.47 -25.19 26.96
C ALA A 572 -31.46 -23.69 26.78
N GLU A 573 -32.45 -22.99 27.33
CA GLU A 573 -32.52 -21.55 27.17
C GLU A 573 -31.31 -20.88 27.78
N LYS A 574 -31.01 -21.17 29.04
CA LYS A 574 -29.85 -20.58 29.69
C LYS A 574 -28.58 -20.92 28.95
N ALA A 575 -28.36 -22.21 28.70
CA ALA A 575 -27.09 -22.65 28.14
C ALA A 575 -26.83 -21.99 26.80
N PHE A 576 -27.78 -22.08 25.88
CA PHE A 576 -27.49 -21.63 24.53
C PHE A 576 -27.67 -20.13 24.33
N THR A 577 -28.58 -19.47 25.06
CA THR A 577 -28.59 -18.02 25.00
C THR A 577 -27.32 -17.43 25.63
N SER A 578 -26.81 -18.05 26.69
CA SER A 578 -25.56 -17.58 27.27
C SER A 578 -24.39 -17.84 26.34
N ILE A 579 -24.41 -18.92 25.57
CA ILE A 579 -23.37 -19.12 24.57
C ILE A 579 -23.41 -18.03 23.51
N THR A 580 -24.62 -17.69 23.04
CA THR A 580 -24.73 -16.60 22.08
C THR A 580 -24.21 -15.29 22.65
N LEU A 581 -24.53 -15.00 23.91
CA LEU A 581 -24.05 -13.76 24.51
C LEU A 581 -22.55 -13.77 24.73
N PHE A 582 -21.95 -14.93 25.00
CA PHE A 582 -20.50 -14.98 25.10
C PHE A 582 -19.85 -14.70 23.76
N ASN A 583 -20.44 -15.20 22.67
CA ASN A 583 -19.92 -14.87 21.36
C ASN A 583 -20.09 -13.40 21.03
N ILE A 584 -21.13 -12.75 21.55
CA ILE A 584 -21.27 -11.30 21.37
C ILE A 584 -20.23 -10.55 22.19
N LEU A 585 -19.98 -11.00 23.42
CA LEU A 585 -19.06 -10.33 24.33
C LEU A 585 -17.61 -10.44 23.92
N ARG A 586 -17.19 -11.57 23.34
CA ARG A 586 -15.76 -11.80 23.22
C ARG A 586 -15.10 -10.94 22.16
N PHE A 587 -15.84 -10.28 21.28
CA PHE A 587 -15.22 -9.44 20.28
C PHE A 587 -14.82 -8.07 20.82
N PRO A 588 -15.75 -7.29 21.41
CA PRO A 588 -15.31 -6.00 21.99
C PRO A 588 -14.25 -6.15 23.05
N LEU A 589 -14.37 -7.16 23.89
CA LEU A 589 -13.44 -7.34 25.00
C LEU A 589 -12.03 -7.63 24.51
N SER A 590 -11.88 -8.13 23.29
CA SER A 590 -10.56 -8.35 22.71
C SER A 590 -10.08 -7.19 21.86
N MET A 591 -10.98 -6.51 21.14
CA MET A 591 -10.55 -5.37 20.35
C MET A 591 -10.27 -4.14 21.20
N LEU A 592 -10.70 -4.10 22.44
CA LEU A 592 -10.53 -2.89 23.25
C LEU A 592 -9.05 -2.52 23.46
N PRO A 593 -8.16 -3.46 23.79
CA PRO A 593 -6.74 -3.09 23.90
C PRO A 593 -6.15 -2.51 22.63
N MET A 594 -6.50 -3.04 21.46
CA MET A 594 -5.93 -2.51 20.22
C MET A 594 -6.50 -1.13 19.90
N VAL A 595 -7.76 -0.89 20.22
CA VAL A 595 -8.35 0.43 20.03
C VAL A 595 -7.64 1.45 20.92
N THR A 596 -7.42 1.10 22.18
CA THR A 596 -6.74 2.03 23.06
C THR A 596 -5.31 2.27 22.62
N SER A 597 -4.63 1.22 22.12
CA SER A 597 -3.29 1.42 21.60
C SER A 597 -3.27 2.35 20.40
N SER A 598 -4.22 2.20 19.48
CA SER A 598 -4.26 3.09 18.33
C SER A 598 -4.48 4.53 18.75
N ILE A 599 -5.37 4.76 19.70
CA ILE A 599 -5.60 6.11 20.18
C ILE A 599 -4.33 6.68 20.81
N LEU A 600 -3.62 5.86 21.57
CA LEU A 600 -2.43 6.38 22.27
C LEU A 600 -1.28 6.66 21.31
N GLN A 601 -1.17 5.91 20.20
CA GLN A 601 -0.17 6.26 19.19
C GLN A 601 -0.56 7.53 18.45
N ALA A 602 -1.83 7.65 18.07
CA ALA A 602 -2.24 8.86 17.40
C ALA A 602 -2.11 10.09 18.29
N SER A 603 -2.05 9.92 19.60
CA SER A 603 -1.81 11.08 20.45
C SER A 603 -0.46 11.73 20.18
N VAL A 604 0.61 10.92 20.16
CA VAL A 604 1.92 11.49 19.87
C VAL A 604 1.99 11.94 18.42
N SER A 605 1.29 11.26 17.52
CA SER A 605 1.25 11.74 16.14
C SER A 605 0.59 13.11 16.05
N VAL A 606 -0.48 13.33 16.80
CA VAL A 606 -1.14 14.63 16.85
C VAL A 606 -0.18 15.67 17.39
N ASP A 607 0.60 15.32 18.42
CA ASP A 607 1.54 16.29 18.95
C ASP A 607 2.56 16.69 17.89
N ARG A 608 3.07 15.73 17.12
CA ARG A 608 4.06 16.05 16.09
C ARG A 608 3.45 16.93 14.99
N LEU A 609 2.28 16.55 14.47
CA LEU A 609 1.61 17.37 13.46
C LEU A 609 1.33 18.77 13.98
N GLU A 610 0.70 18.87 15.14
CA GLU A 610 0.32 20.13 15.73
C GLU A 610 1.52 21.00 16.06
N ARG A 611 2.69 20.40 16.23
CA ARG A 611 3.90 21.20 16.34
C ARG A 611 4.35 21.73 14.99
N TYR A 612 4.16 20.94 13.93
CA TYR A 612 4.52 21.44 12.60
C TYR A 612 3.68 22.64 12.20
N LEU A 613 2.36 22.51 12.27
CA LEU A 613 1.43 23.53 11.78
C LEU A 613 1.42 24.78 12.62
N GLY A 614 2.03 24.78 13.80
CA GLY A 614 2.04 25.95 14.64
C GLY A 614 3.22 26.85 14.42
N GLY A 615 4.26 26.33 13.78
CA GLY A 615 5.45 27.10 13.50
C GLY A 615 5.16 28.32 12.66
N ASP A 616 5.68 29.48 13.06
CA ASP A 616 5.26 30.72 12.44
C ASP A 616 5.76 30.83 11.00
N ASP A 617 4.99 31.53 10.18
CA ASP A 617 5.36 31.73 8.79
C ASP A 617 6.56 32.65 8.68
N LEU A 618 7.27 32.55 7.55
CA LEU A 618 8.38 33.45 7.29
C LEU A 618 7.88 34.86 7.08
N ASP A 619 8.70 35.82 7.49
CA ASP A 619 8.34 37.24 7.45
C ASP A 619 8.90 37.89 6.20
N THR A 620 8.09 38.75 5.58
CA THR A 620 8.48 39.49 4.40
C THR A 620 8.56 40.99 4.66
N SER A 621 8.80 41.39 5.91
CA SER A 621 8.87 42.81 6.23
C SER A 621 10.09 43.45 5.59
N ALA A 622 11.23 42.77 5.61
CA ALA A 622 12.46 43.38 5.11
C ALA A 622 12.47 43.49 3.60
N ILE A 623 11.81 42.57 2.90
CA ILE A 623 11.85 42.53 1.44
C ILE A 623 10.47 42.88 0.92
N ARG A 624 10.40 43.92 0.10
CA ARG A 624 9.14 44.42 -0.43
C ARG A 624 9.17 44.34 -1.96
N ARG A 625 8.16 43.69 -2.53
CA ARG A 625 8.07 43.51 -3.97
C ARG A 625 7.16 44.59 -4.51
N VAL A 626 7.70 45.80 -4.65
CA VAL A 626 6.94 46.94 -5.15
C VAL A 626 6.87 46.86 -6.68
N SER A 627 6.00 47.67 -7.27
CA SER A 627 5.77 47.62 -8.72
C SER A 627 6.54 48.71 -9.46
N ASN A 628 6.54 49.93 -8.92
CA ASN A 628 7.21 51.05 -9.55
C ASN A 628 8.28 51.60 -8.62
N PHE A 629 9.44 51.91 -9.19
CA PHE A 629 10.58 52.35 -8.40
C PHE A 629 11.63 52.88 -9.36
N ASP A 630 12.66 53.51 -8.79
CA ASP A 630 13.74 54.04 -9.63
C ASP A 630 14.77 52.98 -9.98
N LYS A 631 15.04 52.05 -9.06
CA LYS A 631 16.04 51.01 -9.28
C LYS A 631 15.39 49.65 -9.18
N ALA A 632 15.87 48.72 -10.01
CA ALA A 632 15.30 47.36 -10.03
C ALA A 632 15.56 46.64 -8.72
N VAL A 633 16.76 46.78 -8.16
CA VAL A 633 17.12 46.17 -6.89
C VAL A 633 17.70 47.27 -6.02
N LYS A 634 17.29 47.31 -4.75
CA LYS A 634 17.85 48.31 -3.83
C LYS A 634 18.06 47.66 -2.47
N PHE A 635 19.33 47.49 -2.09
CA PHE A 635 19.71 47.07 -0.75
C PHE A 635 19.94 48.33 0.08
N SER A 636 19.14 48.53 1.13
CA SER A 636 19.25 49.71 1.97
C SER A 636 19.65 49.30 3.37
N GLU A 637 20.92 49.52 3.70
CA GLU A 637 21.43 49.54 5.06
C GLU A 637 21.08 48.24 5.77
N ALA A 638 21.19 47.14 5.03
CA ALA A 638 20.64 45.86 5.44
C ALA A 638 21.74 44.90 5.88
N SER A 639 21.48 44.21 6.99
CA SER A 639 22.28 43.08 7.43
C SER A 639 21.33 41.93 7.73
N PHE A 640 21.76 40.72 7.35
CA PHE A 640 20.93 39.53 7.40
C PHE A 640 21.72 38.40 8.04
N THR A 641 21.00 37.44 8.61
CA THR A 641 21.62 36.40 9.42
C THR A 641 20.89 35.09 9.21
N TRP A 642 21.64 33.98 9.17
CA TRP A 642 21.01 32.67 9.22
C TRP A 642 20.33 32.44 10.58
N ASP A 643 21.06 32.69 11.66
CA ASP A 643 20.58 32.45 13.02
C ASP A 643 20.94 33.64 13.92
N PRO A 644 19.95 34.35 14.44
CA PRO A 644 20.23 35.65 15.10
C PRO A 644 21.19 35.56 16.27
N ASP A 645 21.33 34.40 16.92
CA ASP A 645 22.24 34.30 18.04
C ASP A 645 23.68 34.56 17.60
N LEU A 646 24.05 34.08 16.41
CA LEU A 646 25.38 34.30 15.87
C LEU A 646 25.47 35.66 15.19
N GLU A 647 26.67 36.00 14.74
CA GLU A 647 26.87 37.25 14.01
C GLU A 647 26.25 37.16 12.63
N ALA A 648 25.81 38.31 12.12
CA ALA A 648 25.22 38.37 10.78
C ALA A 648 26.21 37.87 9.74
N THR A 649 25.72 36.98 8.85
CA THR A 649 26.56 36.52 7.76
C THR A 649 26.82 37.63 6.75
N ILE A 650 25.85 38.51 6.55
CA ILE A 650 25.99 39.68 5.70
C ILE A 650 25.88 40.92 6.57
N GLN A 651 26.92 41.76 6.52
CA GLN A 651 26.97 42.99 7.29
C GLN A 651 26.17 44.07 6.58
N ASP A 652 26.35 45.31 7.01
CA ASP A 652 25.62 46.43 6.41
C ASP A 652 25.91 46.51 4.91
N VAL A 653 24.85 46.63 4.12
CA VAL A 653 24.94 46.62 2.67
C VAL A 653 24.08 47.75 2.12
N ASN A 654 24.69 48.65 1.35
CA ASN A 654 23.98 49.73 0.68
C ASN A 654 24.36 49.69 -0.79
N LEU A 655 23.35 49.47 -1.65
CA LEU A 655 23.63 49.24 -3.06
C LEU A 655 22.35 49.40 -3.86
N ASP A 656 22.50 49.70 -5.14
CA ASP A 656 21.35 49.84 -6.03
C ASP A 656 21.73 49.35 -7.42
N ILE A 657 20.81 48.64 -8.05
CA ILE A 657 20.97 48.14 -9.42
C ILE A 657 19.76 48.60 -10.22
N LYS A 658 20.02 49.31 -11.31
CA LYS A 658 18.98 49.82 -12.19
C LYS A 658 18.69 48.80 -13.29
N PRO A 659 17.55 48.93 -13.99
CA PRO A 659 17.17 47.88 -14.95
C PRO A 659 18.23 47.63 -16.02
N GLY A 660 18.41 46.35 -16.35
CA GLY A 660 19.35 45.94 -17.37
C GLY A 660 20.80 45.89 -16.92
N GLN A 661 21.09 46.34 -15.71
CA GLN A 661 22.47 46.49 -15.25
C GLN A 661 23.01 45.12 -14.85
N LEU A 662 23.71 44.46 -15.75
CA LEU A 662 24.36 43.21 -15.40
C LEU A 662 25.40 43.46 -14.32
N VAL A 663 25.31 42.69 -13.24
CA VAL A 663 26.23 42.79 -12.12
C VAL A 663 26.80 41.41 -11.85
N ALA A 664 28.11 41.32 -11.69
CA ALA A 664 28.79 40.05 -11.43
C ALA A 664 29.55 40.20 -10.11
N VAL A 665 28.88 39.91 -9.00
CA VAL A 665 29.52 40.02 -7.70
C VAL A 665 30.54 38.91 -7.53
N VAL A 666 31.71 39.26 -7.00
CA VAL A 666 32.82 38.34 -6.84
C VAL A 666 33.46 38.58 -5.48
N GLY A 667 33.90 37.49 -4.85
CA GLY A 667 34.53 37.61 -3.54
C GLY A 667 35.16 36.28 -3.15
N THR A 668 35.84 36.32 -2.01
CA THR A 668 36.50 35.12 -1.50
C THR A 668 35.47 34.06 -1.14
N VAL A 669 35.94 32.82 -1.04
CA VAL A 669 35.05 31.73 -0.69
C VAL A 669 34.55 31.91 0.74
N GLY A 670 33.23 31.87 0.92
CA GLY A 670 32.64 32.15 2.20
C GLY A 670 32.44 33.62 2.51
N SER A 671 32.68 34.51 1.54
CA SER A 671 32.51 35.93 1.78
C SER A 671 31.06 36.28 2.07
N GLY A 672 30.12 35.55 1.49
CA GLY A 672 28.72 35.85 1.63
C GLY A 672 27.99 36.19 0.34
N LYS A 673 28.65 36.06 -0.82
CA LYS A 673 27.95 36.31 -2.07
C LYS A 673 26.81 35.32 -2.26
N SER A 674 27.06 34.03 -1.98
CA SER A 674 25.97 33.07 -1.92
C SER A 674 24.96 33.46 -0.86
N SER A 675 25.47 33.95 0.29
CA SER A 675 24.58 34.45 1.33
C SER A 675 23.85 35.70 0.86
N LEU A 676 24.49 36.55 0.07
CA LEU A 676 23.80 37.73 -0.45
C LEU A 676 22.64 37.32 -1.34
N VAL A 677 22.88 36.35 -2.23
CA VAL A 677 21.81 35.83 -3.08
C VAL A 677 20.69 35.25 -2.23
N SER A 678 21.05 34.43 -1.24
CA SER A 678 20.03 33.80 -0.42
C SER A 678 19.21 34.83 0.33
N ALA A 679 19.83 35.91 0.80
CA ALA A 679 19.09 36.95 1.49
C ALA A 679 18.20 37.74 0.56
N MET A 680 18.60 37.93 -0.70
CA MET A 680 17.80 38.74 -1.60
C MET A 680 16.41 38.13 -1.82
N LEU A 681 16.35 36.80 -1.97
CA LEU A 681 15.08 36.16 -2.24
C LEU A 681 14.17 36.16 -1.01
N GLY A 682 14.73 35.96 0.17
CA GLY A 682 13.94 35.94 1.39
C GLY A 682 14.25 34.77 2.30
N GLU A 683 15.33 34.05 2.01
CA GLU A 683 15.70 32.88 2.78
C GLU A 683 16.56 33.21 3.99
N MET A 684 16.49 34.44 4.48
CA MET A 684 17.26 34.86 5.64
C MET A 684 16.40 35.70 6.56
N GLU A 685 16.75 35.72 7.84
CA GLU A 685 16.05 36.53 8.82
C GLU A 685 16.71 37.91 8.91
N ASN A 686 15.86 38.93 8.87
CA ASN A 686 16.36 40.30 8.89
C ASN A 686 16.84 40.67 10.28
N VAL A 687 18.08 41.16 10.36
CA VAL A 687 18.51 41.80 11.59
C VAL A 687 18.52 43.31 11.44
N HIS A 688 18.72 43.83 10.22
CA HIS A 688 18.58 45.27 10.03
C HIS A 688 18.43 45.65 8.56
N GLY A 689 17.92 46.85 8.30
CA GLY A 689 17.79 47.36 6.95
C GLY A 689 16.62 46.75 6.20
N HIS A 690 16.60 46.97 4.89
CA HIS A 690 15.57 46.37 4.06
C HIS A 690 16.04 46.31 2.61
N ILE A 691 15.22 45.67 1.79
CA ILE A 691 15.50 45.46 0.37
C ILE A 691 14.23 45.73 -0.41
N THR A 692 14.36 46.43 -1.54
CA THR A 692 13.25 46.66 -2.45
C THR A 692 13.55 45.97 -3.77
N ILE A 693 12.57 45.18 -4.25
CA ILE A 693 12.67 44.44 -5.50
C ILE A 693 11.42 44.71 -6.30
N GLN A 694 11.56 44.87 -7.61
CA GLN A 694 10.41 45.00 -8.48
C GLN A 694 10.49 43.98 -9.60
N GLY A 695 9.32 43.63 -10.13
CA GLY A 695 9.23 42.63 -11.18
C GLY A 695 9.27 41.22 -10.64
N SER A 696 9.31 40.29 -11.57
CA SER A 696 9.37 38.87 -11.26
C SER A 696 10.81 38.40 -11.35
N THR A 697 11.25 37.64 -10.35
CA THR A 697 12.62 37.17 -10.30
C THR A 697 12.73 35.80 -10.96
N ALA A 698 13.97 35.39 -11.20
CA ALA A 698 14.26 34.04 -11.67
C ALA A 698 15.56 33.59 -11.02
N TYR A 699 15.56 32.37 -10.50
CA TYR A 699 16.63 31.89 -9.64
C TYR A 699 17.33 30.70 -10.29
N VAL A 700 18.65 30.76 -10.36
CA VAL A 700 19.48 29.62 -10.73
C VAL A 700 20.37 29.27 -9.55
N PRO A 701 20.00 28.25 -8.78
CA PRO A 701 20.70 27.99 -7.53
C PRO A 701 22.07 27.36 -7.76
N GLN A 702 22.87 27.35 -6.69
CA GLN A 702 24.10 26.58 -6.70
C GLN A 702 23.80 25.09 -6.60
N GLN A 703 22.90 24.73 -5.70
CA GLN A 703 22.44 23.34 -5.58
C GLN A 703 21.38 23.09 -6.64
N SER A 704 21.68 22.17 -7.56
CA SER A 704 20.77 21.91 -8.66
C SER A 704 19.51 21.22 -8.17
N TRP A 705 18.38 21.55 -8.79
CA TRP A 705 17.09 20.96 -8.46
C TRP A 705 16.39 20.58 -9.75
N ILE A 706 16.17 19.28 -9.93
CA ILE A 706 15.49 18.76 -11.10
C ILE A 706 14.32 17.91 -10.62
N GLN A 707 13.12 18.24 -11.09
CA GLN A 707 11.95 17.49 -10.68
C GLN A 707 11.87 16.17 -11.45
N ASN A 708 11.03 15.28 -10.97
CA ASN A 708 10.74 14.05 -11.71
C ASN A 708 9.95 14.41 -12.97
N GLY A 709 10.44 13.95 -14.11
CA GLY A 709 9.80 14.23 -15.36
C GLY A 709 10.82 14.34 -16.47
N THR A 710 10.38 14.89 -17.59
CA THR A 710 11.20 15.01 -18.78
C THR A 710 11.92 16.35 -18.82
N ILE A 711 13.01 16.40 -19.58
CA ILE A 711 13.78 17.64 -19.71
C ILE A 711 12.89 18.75 -20.23
N LYS A 712 11.98 18.42 -21.14
CA LYS A 712 11.07 19.43 -21.68
C LYS A 712 10.18 19.99 -20.58
N ASP A 713 9.67 19.12 -19.70
CA ASP A 713 8.82 19.58 -18.61
C ASP A 713 9.59 20.44 -17.61
N ASN A 714 10.82 20.04 -17.29
CA ASN A 714 11.64 20.86 -16.40
C ASN A 714 11.94 22.21 -17.01
N ILE A 715 12.27 22.25 -18.30
CA ILE A 715 12.62 23.53 -18.92
C ILE A 715 11.39 24.44 -18.99
N LEU A 716 10.24 23.88 -19.38
CA LEU A 716 9.03 24.70 -19.37
C LEU A 716 8.67 25.13 -17.96
N PHE A 717 8.75 24.21 -17.00
CA PHE A 717 8.46 24.49 -15.60
C PHE A 717 7.08 25.13 -15.48
N GLY A 718 6.10 24.46 -16.07
CA GLY A 718 4.72 24.89 -15.96
C GLY A 718 4.42 26.23 -16.58
N SER A 719 4.91 26.48 -17.78
CA SER A 719 4.64 27.71 -18.49
C SER A 719 4.12 27.40 -19.88
N GLU A 720 3.61 28.43 -20.55
CA GLU A 720 3.06 28.27 -21.89
C GLU A 720 4.14 27.83 -22.87
N TYR A 721 3.76 26.96 -23.80
CA TYR A 721 4.71 26.34 -24.71
C TYR A 721 4.79 27.15 -26.00
N ASN A 722 6.00 27.54 -26.38
CA ASN A 722 6.26 28.22 -27.64
C ASN A 722 7.52 27.62 -28.24
N GLU A 723 7.39 27.05 -29.44
CA GLU A 723 8.49 26.30 -30.02
C GLU A 723 9.66 27.18 -30.43
N LYS A 724 9.38 28.40 -30.88
CA LYS A 724 10.48 29.31 -31.23
C LYS A 724 11.35 29.60 -30.02
N LYS A 725 10.74 30.04 -28.91
CA LYS A 725 11.51 30.34 -27.72
C LYS A 725 12.15 29.09 -27.13
N TYR A 726 11.42 27.98 -27.15
CA TYR A 726 11.95 26.74 -26.59
C TYR A 726 13.20 26.30 -27.34
N GLN A 727 13.14 26.28 -28.67
CA GLN A 727 14.31 25.87 -29.43
C GLN A 727 15.43 26.89 -29.31
N GLN A 728 15.09 28.18 -29.20
CA GLN A 728 16.11 29.19 -29.01
C GLN A 728 16.86 28.98 -27.70
N VAL A 729 16.14 28.61 -26.64
CA VAL A 729 16.80 28.47 -25.34
C VAL A 729 17.51 27.14 -25.22
N LEU A 730 17.05 26.10 -25.91
CA LEU A 730 17.86 24.88 -26.02
C LEU A 730 19.16 25.15 -26.78
N LYS A 731 19.09 25.91 -27.88
CA LYS A 731 20.28 26.17 -28.67
C LYS A 731 21.26 27.06 -27.92
N ALA A 732 20.76 28.12 -27.29
CA ALA A 732 21.63 29.06 -26.59
C ALA A 732 22.33 28.38 -25.43
N CYS A 733 21.60 27.57 -24.67
CA CYS A 733 22.15 26.98 -23.45
C CYS A 733 22.95 25.71 -23.73
N ALA A 734 23.05 25.30 -24.99
CA ALA A 734 23.89 24.18 -25.42
C ALA A 734 23.44 22.87 -24.75
N LEU A 735 22.17 22.55 -24.96
CA LEU A 735 21.64 21.26 -24.55
C LEU A 735 21.65 20.22 -25.67
N LEU A 736 21.71 20.67 -26.93
CA LEU A 736 21.54 19.75 -28.05
C LEU A 736 22.51 18.57 -28.04
N PRO A 737 23.81 18.76 -27.82
CA PRO A 737 24.67 17.57 -27.68
C PRO A 737 24.25 16.65 -26.55
N ASP A 738 23.79 17.22 -25.44
CA ASP A 738 23.31 16.39 -24.33
C ASP A 738 22.07 15.59 -24.73
N LEU A 739 21.12 16.24 -25.40
CA LEU A 739 19.95 15.51 -25.89
C LEU A 739 20.34 14.40 -26.85
N GLU A 740 21.34 14.65 -27.70
CA GLU A 740 21.78 13.62 -28.63
C GLU A 740 22.42 12.46 -27.88
N ILE A 741 23.16 12.74 -26.81
CA ILE A 741 23.71 11.66 -25.99
C ILE A 741 22.59 10.94 -25.23
N LEU A 742 21.66 11.69 -24.65
CA LEU A 742 20.56 11.08 -23.91
C LEU A 742 19.67 10.29 -24.87
N PRO A 743 19.03 9.21 -24.38
CA PRO A 743 18.22 8.36 -25.27
C PRO A 743 17.06 9.09 -25.93
N GLY A 744 16.13 9.60 -25.13
CA GLY A 744 14.92 10.19 -25.66
C GLY A 744 15.03 11.61 -26.13
N GLY A 745 16.22 12.22 -26.04
CA GLY A 745 16.36 13.63 -26.35
C GLY A 745 15.78 14.50 -25.26
N ASP A 746 14.75 15.28 -25.58
CA ASP A 746 14.07 16.11 -24.59
C ASP A 746 12.88 15.40 -23.96
N MET A 747 12.84 14.07 -24.04
CA MET A 747 11.77 13.30 -23.42
C MET A 747 12.29 12.31 -22.38
N ALA A 748 13.59 12.33 -22.10
CA ALA A 748 14.15 11.43 -21.10
C ALA A 748 13.66 11.80 -19.71
N GLU A 749 13.32 10.79 -18.91
CA GLU A 749 12.70 11.01 -17.60
C GLU A 749 13.79 11.04 -16.54
N ILE A 750 13.82 12.13 -15.76
CA ILE A 750 14.83 12.34 -14.73
C ILE A 750 14.23 12.00 -13.38
N GLY A 751 14.97 11.23 -12.58
CA GLY A 751 14.52 10.87 -11.25
C GLY A 751 13.44 9.81 -11.25
N GLU A 752 13.41 8.98 -10.19
CA GLU A 752 12.39 7.95 -9.98
C GLU A 752 12.56 6.81 -10.97
N LYS A 753 13.35 7.02 -12.01
CA LYS A 753 13.83 6.01 -12.94
C LYS A 753 15.34 5.92 -12.93
N GLY A 754 16.00 7.07 -12.89
CA GLY A 754 17.45 7.13 -12.80
C GLY A 754 18.10 7.49 -14.11
N ILE A 755 18.47 8.76 -14.25
CA ILE A 755 19.40 9.16 -15.31
C ILE A 755 20.58 9.82 -14.64
N ASN A 756 20.32 10.44 -13.49
CA ASN A 756 21.35 11.10 -12.67
C ASN A 756 22.27 11.94 -13.55
N LEU A 757 21.67 12.96 -14.17
CA LEU A 757 22.38 13.83 -15.10
C LEU A 757 23.64 14.39 -14.46
N SER A 758 24.74 14.38 -15.21
CA SER A 758 25.98 14.93 -14.70
C SER A 758 25.80 16.43 -14.48
N GLY A 759 26.63 17.02 -13.63
CA GLY A 759 26.41 18.41 -13.23
C GLY A 759 26.26 19.36 -14.39
N GLY A 760 26.92 19.05 -15.51
CA GLY A 760 26.78 19.90 -16.68
C GLY A 760 25.36 19.95 -17.20
N GLN A 761 24.74 18.77 -17.36
CA GLN A 761 23.37 18.74 -17.87
C GLN A 761 22.40 19.36 -16.87
N LYS A 762 22.57 19.06 -15.57
CA LYS A 762 21.67 19.61 -14.56
C LYS A 762 21.75 21.14 -14.55
N GLN A 763 22.96 21.67 -14.57
CA GLN A 763 23.16 23.11 -14.51
C GLN A 763 22.65 23.78 -15.79
N ARG A 764 22.87 23.16 -16.94
CA ARG A 764 22.32 23.69 -18.18
C ARG A 764 20.80 23.66 -18.18
N VAL A 765 20.19 22.58 -17.67
CA VAL A 765 18.74 22.51 -17.63
C VAL A 765 18.17 23.60 -16.73
N SER A 766 18.80 23.81 -15.56
CA SER A 766 18.35 24.86 -14.66
C SER A 766 18.44 26.22 -15.33
N LEU A 767 19.57 26.48 -15.99
CA LEU A 767 19.75 27.77 -16.64
C LEU A 767 18.75 27.96 -17.78
N ALA A 768 18.47 26.88 -18.51
CA ALA A 768 17.48 26.95 -19.58
C ALA A 768 16.10 27.23 -19.03
N ARG A 769 15.74 26.61 -17.90
CA ARG A 769 14.45 26.86 -17.28
C ARG A 769 14.32 28.32 -16.88
N ALA A 770 15.36 28.86 -16.24
CA ALA A 770 15.33 30.26 -15.87
C ALA A 770 15.20 31.16 -17.09
N ALA A 771 15.96 30.86 -18.14
CA ALA A 771 15.95 31.72 -19.33
C ALA A 771 14.60 31.66 -20.03
N TYR A 772 13.96 30.50 -20.03
CA TYR A 772 12.66 30.37 -20.68
C TYR A 772 11.56 31.03 -19.87
N GLN A 773 11.73 31.11 -18.54
CA GLN A 773 10.67 31.69 -17.71
C GLN A 773 10.41 33.16 -18.02
N ASP A 774 11.41 33.86 -18.55
CA ASP A 774 11.27 35.26 -18.97
C ASP A 774 10.80 36.13 -17.80
N ALA A 775 11.70 36.27 -16.83
CA ALA A 775 11.45 37.06 -15.64
C ALA A 775 12.09 38.43 -15.77
N ASP A 776 11.89 39.27 -14.76
CA ASP A 776 12.41 40.63 -14.76
C ASP A 776 13.84 40.70 -14.21
N ILE A 777 14.13 40.02 -13.11
CA ILE A 777 15.45 39.98 -12.49
C ILE A 777 15.93 38.55 -12.48
N TYR A 778 17.16 38.32 -12.92
CA TYR A 778 17.75 36.99 -12.94
C TYR A 778 18.86 36.91 -11.90
N ILE A 779 18.64 36.12 -10.86
CA ILE A 779 19.65 35.93 -9.81
C ILE A 779 20.44 34.69 -10.21
N LEU A 780 21.48 34.92 -11.01
CA LEU A 780 22.38 33.82 -11.34
C LEU A 780 23.36 33.63 -10.20
N ASP A 781 23.39 32.41 -9.64
CA ASP A 781 24.18 32.13 -8.44
C ASP A 781 25.11 30.96 -8.74
N ASP A 782 26.29 31.27 -9.26
CA ASP A 782 27.29 30.26 -9.63
C ASP A 782 26.70 29.24 -10.60
N PRO A 783 26.30 29.65 -11.80
CA PRO A 783 25.72 28.72 -12.77
C PRO A 783 26.70 28.08 -13.73
N LEU A 784 28.00 28.22 -13.51
CA LEU A 784 29.02 27.60 -14.35
C LEU A 784 30.03 26.86 -13.49
N SER A 785 29.55 26.06 -12.55
CA SER A 785 30.45 25.32 -11.67
C SER A 785 30.98 24.06 -12.34
N ALA A 786 30.09 23.14 -12.68
CA ALA A 786 30.46 21.89 -13.33
C ALA A 786 30.21 22.01 -14.83
N VAL A 787 31.13 22.69 -15.51
CA VAL A 787 31.00 22.94 -16.94
C VAL A 787 32.40 23.18 -17.50
N ASP A 788 32.60 22.76 -18.75
CA ASP A 788 33.88 22.97 -19.41
C ASP A 788 34.06 24.42 -19.81
N ALA A 789 35.32 24.79 -20.08
CA ALA A 789 35.67 26.19 -20.27
C ALA A 789 35.05 26.75 -21.54
N HIS A 790 35.23 26.07 -22.68
CA HIS A 790 34.73 26.60 -23.94
C HIS A 790 33.22 26.61 -23.99
N VAL A 791 32.58 25.52 -23.55
CA VAL A 791 31.12 25.49 -23.49
C VAL A 791 30.61 26.51 -22.48
N GLY A 792 31.34 26.71 -21.38
CA GLY A 792 30.95 27.75 -20.44
C GLY A 792 31.01 29.14 -21.05
N LYS A 793 32.05 29.43 -21.82
CA LYS A 793 32.13 30.72 -22.51
C LYS A 793 31.00 30.86 -23.52
N HIS A 794 30.69 29.79 -24.24
CA HIS A 794 29.59 29.82 -25.20
C HIS A 794 28.26 30.13 -24.51
N ILE A 795 28.02 29.46 -23.38
CA ILE A 795 26.79 29.70 -22.62
C ILE A 795 26.75 31.14 -22.12
N PHE A 796 27.89 31.64 -21.63
CA PHE A 796 27.93 33.03 -21.17
C PHE A 796 27.61 33.98 -22.32
N ASN A 797 28.17 33.74 -23.49
CA ASN A 797 28.00 34.67 -24.60
C ASN A 797 26.58 34.67 -25.12
N LYS A 798 25.96 33.50 -25.27
CA LYS A 798 24.62 33.45 -25.83
C LYS A 798 23.52 33.35 -24.79
N VAL A 799 23.83 33.50 -23.50
CA VAL A 799 22.81 33.45 -22.46
C VAL A 799 22.88 34.71 -21.62
N VAL A 800 24.03 34.93 -20.98
CA VAL A 800 24.18 36.07 -20.08
C VAL A 800 25.14 37.13 -20.61
N GLY A 801 25.71 36.95 -21.80
CA GLY A 801 26.53 37.97 -22.39
C GLY A 801 25.71 39.13 -22.91
N PRO A 802 26.38 40.22 -23.30
CA PRO A 802 25.63 41.37 -23.83
C PRO A 802 24.83 41.05 -25.07
N ASN A 803 25.31 40.15 -25.92
CA ASN A 803 24.60 39.71 -27.10
C ASN A 803 23.74 38.49 -26.84
N GLY A 804 23.64 38.06 -25.58
CA GLY A 804 22.88 36.88 -25.23
C GLY A 804 21.39 37.15 -25.19
N LEU A 805 20.64 36.10 -24.83
CA LEU A 805 19.19 36.17 -24.84
C LEU A 805 18.65 37.11 -23.77
N LEU A 806 19.41 37.38 -22.72
CA LEU A 806 18.95 38.15 -21.57
C LEU A 806 19.47 39.57 -21.58
N ALA A 807 19.53 40.21 -22.75
CA ALA A 807 20.16 41.53 -22.85
C ALA A 807 19.41 42.57 -22.03
N GLY A 808 18.08 42.58 -22.11
CA GLY A 808 17.31 43.63 -21.46
C GLY A 808 16.95 43.39 -20.02
N LYS A 809 17.26 42.22 -19.47
CA LYS A 809 16.80 41.82 -18.15
C LYS A 809 17.92 41.99 -17.13
N THR A 810 17.58 42.51 -15.95
CA THR A 810 18.53 42.64 -14.86
C THR A 810 19.03 41.26 -14.44
N ARG A 811 20.33 41.05 -14.50
CA ARG A 811 20.91 39.71 -14.34
C ARG A 811 22.17 39.79 -13.48
N ILE A 812 22.04 39.33 -12.23
CA ILE A 812 23.07 39.44 -11.22
C ILE A 812 23.86 38.13 -11.23
N PHE A 813 25.07 38.18 -11.75
CA PHE A 813 25.91 36.99 -11.85
C PHE A 813 26.69 36.79 -10.56
N VAL A 814 26.94 35.53 -10.22
CA VAL A 814 27.77 35.18 -9.08
C VAL A 814 28.88 34.28 -9.60
N THR A 815 30.09 34.81 -9.67
CA THR A 815 31.16 34.22 -10.47
C THR A 815 32.29 33.70 -9.61
N HIS A 816 32.79 32.52 -9.98
CA HIS A 816 34.11 32.08 -9.58
C HIS A 816 35.13 32.21 -10.70
N GLY A 817 34.68 32.51 -11.92
CA GLY A 817 35.58 32.78 -13.02
C GLY A 817 35.89 34.27 -13.14
N ILE A 818 36.95 34.56 -13.91
CA ILE A 818 37.45 35.91 -14.06
C ILE A 818 37.32 36.41 -15.49
N HIS A 819 37.51 35.53 -16.48
CA HIS A 819 37.60 35.95 -17.87
C HIS A 819 36.31 36.58 -18.39
N PHE A 820 35.19 36.37 -17.72
CA PHE A 820 33.96 37.06 -18.11
C PHE A 820 33.96 38.52 -17.68
N LEU A 821 34.66 38.83 -16.58
CA LEU A 821 34.63 40.18 -16.03
C LEU A 821 35.00 41.27 -17.02
N PRO A 822 36.02 41.12 -17.89
CA PRO A 822 36.34 42.23 -18.81
C PRO A 822 35.21 42.66 -19.73
N GLN A 823 34.09 41.95 -19.74
CA GLN A 823 32.93 42.37 -20.53
C GLN A 823 31.65 42.46 -19.72
N VAL A 824 31.70 42.26 -18.39
CA VAL A 824 30.50 42.41 -17.57
C VAL A 824 30.26 43.89 -17.33
N ASP A 825 28.99 44.24 -17.15
CA ASP A 825 28.61 45.65 -17.05
C ASP A 825 29.16 46.30 -15.80
N GLU A 826 29.12 45.58 -14.67
CA GLU A 826 29.50 46.18 -13.40
C GLU A 826 29.97 45.07 -12.47
N ILE A 827 30.85 45.44 -11.53
CA ILE A 827 31.46 44.50 -10.61
C ILE A 827 31.31 45.03 -9.20
N VAL A 828 30.84 44.17 -8.29
CA VAL A 828 30.74 44.48 -6.87
C VAL A 828 31.51 43.41 -6.12
N VAL A 829 32.63 43.76 -5.52
CA VAL A 829 33.40 42.78 -4.77
C VAL A 829 32.90 42.76 -3.34
N LEU A 830 32.96 41.59 -2.71
CA LEU A 830 32.37 41.37 -1.41
C LEU A 830 33.40 40.74 -0.47
N GLY A 831 33.38 41.18 0.79
CA GLY A 831 34.24 40.63 1.81
C GLY A 831 33.65 40.80 3.20
N LYS A 832 33.90 39.84 4.09
CA LYS A 832 33.37 39.79 5.45
C LYS A 832 31.91 40.25 5.53
N GLY A 833 31.11 39.87 4.54
CA GLY A 833 29.73 40.31 4.50
C GLY A 833 29.54 41.77 4.17
N THR A 834 30.54 42.43 3.59
CA THR A 834 30.45 43.85 3.26
C THR A 834 31.03 44.07 1.87
N ILE A 835 30.52 45.09 1.18
CA ILE A 835 31.04 45.46 -0.12
C ILE A 835 32.38 46.17 0.08
N LEU A 836 33.46 45.54 -0.37
CA LEU A 836 34.76 46.22 -0.37
C LEU A 836 34.73 47.41 -1.32
N GLU A 837 34.21 47.20 -2.54
CA GLU A 837 34.04 48.28 -3.51
C GLU A 837 33.12 47.78 -4.61
N LYS A 838 32.68 48.73 -5.43
CA LYS A 838 31.89 48.45 -6.62
C LYS A 838 32.38 49.37 -7.74
N GLY A 839 32.48 48.82 -8.94
CA GLY A 839 32.93 49.60 -10.09
C GLY A 839 33.04 48.71 -11.31
N SER A 840 33.41 49.34 -12.41
CA SER A 840 33.62 48.59 -13.64
C SER A 840 34.97 47.88 -13.62
N TYR A 841 35.17 46.99 -14.59
CA TYR A 841 36.42 46.26 -14.68
C TYR A 841 37.60 47.19 -14.97
N ARG A 842 37.34 48.28 -15.70
CA ARG A 842 38.38 49.29 -15.90
C ARG A 842 38.84 49.85 -14.57
N ASP A 843 37.90 50.19 -13.68
CA ASP A 843 38.27 50.66 -12.36
C ASP A 843 39.01 49.58 -11.58
N LEU A 844 38.63 48.32 -11.75
CA LEU A 844 39.31 47.23 -11.06
C LEU A 844 40.77 47.14 -11.49
N LEU A 845 41.04 47.29 -12.78
CA LEU A 845 42.41 47.18 -13.25
C LEU A 845 43.18 48.49 -13.15
N ASP A 846 42.52 49.61 -12.86
CA ASP A 846 43.18 50.89 -12.83
C ASP A 846 43.42 51.43 -11.42
N LYS A 847 42.40 51.40 -10.56
CA LYS A 847 42.50 52.09 -9.27
C LYS A 847 43.59 51.51 -8.38
N LYS A 848 43.91 50.23 -8.55
CA LYS A 848 45.07 49.60 -7.93
C LYS A 848 44.99 49.59 -6.41
N GLY A 849 43.80 49.79 -5.84
CA GLY A 849 43.64 49.73 -4.40
C GLY A 849 43.36 48.31 -3.95
N VAL A 850 42.22 48.09 -3.28
CA VAL A 850 41.76 46.73 -3.04
C VAL A 850 41.40 46.05 -4.35
N PHE A 851 41.23 46.84 -5.41
CA PHE A 851 40.92 46.33 -6.74
C PHE A 851 41.94 45.29 -7.18
N ALA A 852 43.20 45.71 -7.29
CA ALA A 852 44.26 44.82 -7.77
C ALA A 852 44.50 43.67 -6.81
N ARG A 853 44.44 43.93 -5.50
CA ARG A 853 44.64 42.86 -4.53
C ARG A 853 43.59 41.77 -4.69
N ASN A 854 42.32 42.15 -4.80
CA ASN A 854 41.27 41.17 -5.00
C ASN A 854 41.44 40.45 -6.34
N TRP A 855 41.80 41.20 -7.39
CA TRP A 855 41.95 40.57 -8.70
C TRP A 855 43.06 39.52 -8.69
N LYS A 856 44.16 39.83 -8.00
CA LYS A 856 45.25 38.86 -7.89
C LYS A 856 44.85 37.67 -7.04
N THR A 857 44.28 37.93 -5.86
CA THR A 857 44.03 36.85 -4.91
C THR A 857 42.92 35.91 -5.37
N PHE A 858 41.90 36.43 -6.08
CA PHE A 858 40.77 35.60 -6.44
C PHE A 858 41.14 34.51 -7.44
N MET A 859 42.27 34.64 -8.12
CA MET A 859 42.74 33.55 -8.96
C MET A 859 42.96 32.28 -8.13
N LYS A 860 43.55 32.44 -6.95
CA LYS A 860 43.64 31.34 -5.98
C LYS A 860 42.43 31.31 -5.06
N HIS A 861 41.25 31.40 -5.66
CA HIS A 861 40.00 31.37 -4.90
C HIS A 861 38.91 30.67 -5.71
N ALA A 895 16.29 4.45 2.25
CA ALA A 895 17.32 5.29 2.85
C ALA A 895 16.87 5.86 4.18
N SER A 896 16.33 7.08 4.14
CA SER A 896 15.78 7.73 5.32
C SER A 896 14.31 7.40 5.53
N LEU A 897 13.70 6.64 4.63
CA LEU A 897 12.28 6.33 4.72
C LEU A 897 12.04 4.83 4.69
N ALA A 898 12.96 4.09 4.05
CA ALA A 898 12.79 2.65 3.89
C ALA A 898 12.68 1.94 5.24
N MET A 899 13.29 2.48 6.29
CA MET A 899 13.25 1.87 7.61
C MET A 899 12.14 2.43 8.49
N ARG A 900 11.42 3.45 8.04
CA ARG A 900 10.33 4.02 8.83
C ARG A 900 8.98 3.90 8.16
N ARG A 901 8.87 4.22 6.87
CA ARG A 901 7.60 4.05 6.18
C ARG A 901 7.21 2.59 6.13
N GLU A 902 8.20 1.69 6.16
CA GLU A 902 7.93 0.27 6.29
C GLU A 902 7.50 -0.09 7.71
N ASN A 903 7.91 0.70 8.70
CA ASN A 903 7.52 0.40 10.07
C ASN A 903 6.02 0.61 10.27
N SER A 904 5.44 1.63 9.66
CA SER A 904 3.99 1.82 9.79
C SER A 904 3.24 0.70 9.10
N LEU A 905 3.73 0.23 7.95
CA LEU A 905 3.09 -0.92 7.30
C LEU A 905 3.20 -2.15 8.17
N ARG A 906 4.36 -2.34 8.83
CA ARG A 906 4.50 -3.46 9.75
C ARG A 906 3.49 -3.37 10.89
N ARG A 907 3.32 -2.18 11.44
CA ARG A 907 2.37 -1.99 12.54
C ARG A 907 0.95 -2.26 12.09
N THR A 908 0.53 -1.69 10.97
CA THR A 908 -0.87 -1.84 10.56
C THR A 908 -1.15 -3.20 9.97
N LEU A 909 -0.13 -3.96 9.56
CA LEU A 909 -0.36 -5.34 9.16
C LEU A 909 -0.32 -6.29 10.33
N SER A 910 0.46 -6.00 11.37
CA SER A 910 0.47 -6.82 12.56
C SER A 910 -0.63 -6.47 13.55
N ARG A 911 -1.32 -5.36 13.35
CA ARG A 911 -2.42 -4.95 14.21
C ARG A 911 -3.79 -5.22 13.62
N SER A 912 -3.91 -5.23 12.30
CA SER A 912 -5.12 -5.65 11.62
C SER A 912 -5.10 -7.12 11.24
N SER A 913 -4.02 -7.83 11.54
CA SER A 913 -3.98 -9.29 11.45
C SER A 913 -4.50 -9.94 12.71
N ARG A 914 -5.00 -9.14 13.66
CA ARG A 914 -5.77 -9.66 14.78
C ARG A 914 -7.25 -9.71 14.40
N SER A 915 -7.51 -10.59 13.42
CA SER A 915 -8.86 -10.75 12.90
C SER A 915 -9.79 -11.36 13.94
N SER A 916 -9.38 -12.45 14.55
CA SER A 916 -10.18 -13.13 15.58
C SER A 916 -11.56 -13.48 15.05
N SER A 917 -11.61 -13.86 13.76
CA SER A 917 -12.84 -14.16 13.03
C SER A 917 -13.62 -12.89 12.75
N ARG A 918 -13.22 -11.79 13.36
CA ARG A 918 -13.78 -10.48 13.08
C ARG A 918 -12.86 -9.65 12.20
N ARG A 919 -12.60 -10.05 10.96
CA ARG A 919 -11.85 -9.11 10.14
C ARG A 919 -12.79 -8.25 9.31
N GLY A 920 -13.54 -7.42 10.03
CA GLY A 920 -14.31 -6.31 9.51
C GLY A 920 -14.09 -5.17 10.48
N LYS A 921 -13.21 -5.43 11.45
CA LYS A 921 -12.78 -4.43 12.41
C LYS A 921 -12.25 -3.20 11.70
N SER A 922 -11.16 -3.36 10.94
CA SER A 922 -10.68 -2.36 10.00
C SER A 922 -9.64 -3.00 9.12
N LEU A 923 -9.77 -2.85 7.80
CA LEU A 923 -8.92 -3.55 6.86
C LEU A 923 -7.99 -2.58 6.11
N LYS A 924 -6.90 -3.14 5.58
CA LYS A 924 -5.88 -2.34 4.93
C LYS A 924 -5.72 -2.68 3.44
N VAL A 958 -6.04 -17.50 -8.74
CA VAL A 958 -5.32 -17.60 -9.99
C VAL A 958 -5.35 -19.06 -10.46
N LYS A 959 -4.48 -19.38 -11.41
CA LYS A 959 -4.40 -20.75 -11.92
C LYS A 959 -4.08 -21.71 -10.78
N PHE A 960 -4.69 -22.89 -10.82
CA PHE A 960 -4.48 -23.86 -9.76
C PHE A 960 -3.09 -24.46 -9.78
N SER A 961 -2.34 -24.31 -10.87
CA SER A 961 -1.01 -24.90 -10.91
C SER A 961 -0.06 -24.24 -9.92
N ILE A 962 -0.25 -22.95 -9.63
CA ILE A 962 0.63 -22.28 -8.68
C ILE A 962 0.36 -22.78 -7.27
N TYR A 963 -0.92 -22.89 -6.90
CA TYR A 963 -1.26 -23.48 -5.62
C TYR A 963 -0.72 -24.89 -5.53
N LEU A 964 -0.75 -25.61 -6.64
CA LEU A 964 -0.23 -26.97 -6.63
C LEU A 964 1.28 -26.97 -6.43
N LYS A 965 1.99 -26.01 -6.99
CA LYS A 965 3.43 -25.93 -6.77
C LYS A 965 3.75 -25.66 -5.31
N TYR A 966 3.06 -24.70 -4.70
CA TYR A 966 3.32 -24.44 -3.29
C TYR A 966 2.98 -25.65 -2.43
N LEU A 967 1.83 -26.25 -2.66
CA LEU A 967 1.42 -27.38 -1.83
C LEU A 967 2.29 -28.59 -2.07
N GLN A 968 2.87 -28.73 -3.25
CA GLN A 968 3.83 -29.80 -3.47
C GLN A 968 5.12 -29.53 -2.72
N ALA A 969 5.51 -28.26 -2.60
CA ALA A 969 6.69 -27.93 -1.81
C ALA A 969 6.46 -28.19 -0.33
N VAL A 970 5.30 -27.81 0.21
CA VAL A 970 5.03 -27.99 1.63
C VAL A 970 4.90 -29.46 1.99
N GLY A 971 4.64 -30.31 1.03
CA GLY A 971 4.47 -31.72 1.29
C GLY A 971 3.01 -32.12 1.09
N TRP A 972 2.80 -33.40 0.80
CA TRP A 972 1.46 -33.91 0.64
C TRP A 972 0.96 -34.66 1.87
N TRP A 973 1.82 -35.45 2.50
CA TRP A 973 1.42 -36.08 3.76
C TRP A 973 1.21 -35.03 4.84
N SER A 974 2.04 -33.99 4.85
CA SER A 974 1.87 -32.95 5.86
C SER A 974 0.54 -32.26 5.71
N ILE A 975 0.13 -31.90 4.49
CA ILE A 975 -1.16 -31.22 4.40
C ILE A 975 -2.30 -32.21 4.57
N LEU A 976 -2.10 -33.48 4.24
CA LEU A 976 -3.15 -34.44 4.55
C LEU A 976 -3.40 -34.52 6.05
N PHE A 977 -2.32 -34.56 6.84
CA PHE A 977 -2.52 -34.68 8.28
C PHE A 977 -2.91 -33.35 8.92
N ILE A 978 -2.53 -32.22 8.34
CA ILE A 978 -3.06 -30.94 8.81
C ILE A 978 -4.57 -30.89 8.62
N ILE A 979 -5.04 -31.21 7.40
CA ILE A 979 -6.47 -31.23 7.15
C ILE A 979 -7.16 -32.21 8.08
N LEU A 980 -6.59 -33.39 8.26
CA LEU A 980 -7.24 -34.41 9.07
C LEU A 980 -7.34 -33.99 10.53
N PHE A 981 -6.26 -33.45 11.09
CA PHE A 981 -6.32 -33.09 12.50
C PHE A 981 -7.00 -31.76 12.76
N TYR A 982 -7.37 -31.01 11.72
CA TYR A 982 -8.34 -29.96 11.97
C TYR A 982 -9.76 -30.46 11.80
N GLY A 983 -9.99 -31.43 10.91
CA GLY A 983 -11.29 -32.05 10.84
C GLY A 983 -11.66 -32.74 12.14
N LEU A 984 -10.69 -33.36 12.80
CA LEU A 984 -10.93 -33.94 14.11
C LEU A 984 -11.29 -32.89 15.14
N ASN A 985 -10.65 -31.72 15.08
CA ASN A 985 -11.05 -30.61 15.94
C ASN A 985 -12.51 -30.26 15.72
N ASN A 986 -12.91 -30.13 14.47
CA ASN A 986 -14.28 -29.72 14.21
C ASN A 986 -15.28 -30.81 14.58
N VAL A 987 -14.92 -32.08 14.41
CA VAL A 987 -15.77 -33.18 14.86
C VAL A 987 -15.91 -33.18 16.37
N ALA A 988 -14.82 -32.90 17.09
CA ALA A 988 -14.93 -32.79 18.53
C ALA A 988 -15.79 -31.62 18.95
N PHE A 989 -15.77 -30.52 18.19
CA PHE A 989 -16.64 -29.39 18.49
C PHE A 989 -18.11 -29.75 18.26
N ILE A 990 -18.41 -30.44 17.17
CA ILE A 990 -19.77 -30.91 16.94
C ILE A 990 -20.21 -31.84 18.06
N GLY A 991 -19.33 -32.74 18.49
CA GLY A 991 -19.66 -33.61 19.59
C GLY A 991 -19.89 -32.86 20.88
N SER A 992 -19.10 -31.80 21.11
CA SER A 992 -19.28 -30.99 22.30
C SER A 992 -20.65 -30.33 22.33
N ASN A 993 -21.07 -29.77 21.20
CA ASN A 993 -22.41 -29.19 21.15
C ASN A 993 -23.50 -30.25 21.31
N LEU A 994 -23.33 -31.42 20.69
CA LEU A 994 -24.30 -32.49 20.85
C LEU A 994 -24.38 -32.96 22.29
N TRP A 995 -23.26 -32.94 23.01
CA TRP A 995 -23.26 -33.35 24.40
C TRP A 995 -23.94 -32.33 25.27
N LEU A 996 -23.65 -31.05 25.05
CA LEU A 996 -24.36 -30.01 25.78
C LEU A 996 -25.85 -30.08 25.54
N SER A 997 -26.24 -30.42 24.31
CA SER A 997 -27.67 -30.57 24.01
C SER A 997 -28.28 -31.75 24.75
N ALA A 998 -27.49 -32.73 25.14
CA ALA A 998 -27.96 -33.86 25.94
C ALA A 998 -27.69 -33.68 27.41
N TRP A 999 -27.12 -32.55 27.81
CA TRP A 999 -26.93 -32.16 29.19
C TRP A 999 -28.00 -31.19 29.65
N THR A 1000 -28.40 -30.25 28.80
CA THR A 1000 -29.56 -29.43 29.09
C THR A 1000 -30.85 -30.22 28.97
N SER A 1001 -30.82 -31.36 28.29
CA SER A 1001 -32.02 -32.16 28.09
C SER A 1001 -32.46 -32.88 29.34
N ASP A 1002 -31.56 -33.15 30.27
CA ASP A 1002 -31.91 -33.90 31.46
C ASP A 1002 -32.52 -33.02 32.54
N SER A 1003 -33.06 -31.88 32.15
CA SER A 1003 -33.92 -31.07 33.02
C SER A 1003 -35.39 -31.33 32.72
N ASP A 1004 -35.73 -31.50 31.45
CA ASP A 1004 -37.08 -31.89 31.08
C ASP A 1004 -37.41 -33.26 31.62
N ASN A 1005 -36.56 -34.24 31.32
CA ASN A 1005 -36.79 -35.63 31.68
C ASN A 1005 -36.23 -35.87 33.08
N LEU A 1006 -36.85 -35.20 34.05
CA LEU A 1006 -36.44 -35.31 35.45
C LEU A 1006 -36.90 -36.66 35.98
N ASN A 1007 -36.21 -37.71 35.54
CA ASN A 1007 -36.57 -39.08 35.82
C ASN A 1007 -35.97 -39.59 37.12
N GLY A 1008 -35.67 -38.70 38.05
CA GLY A 1008 -35.11 -39.07 39.34
C GLY A 1008 -33.61 -39.29 39.36
N THR A 1009 -33.10 -40.04 38.39
CA THR A 1009 -31.67 -40.32 38.30
C THR A 1009 -30.88 -39.19 37.67
N ASN A 1010 -31.55 -38.15 37.16
CA ASN A 1010 -30.88 -37.02 36.54
C ASN A 1010 -30.66 -35.88 37.53
N ASN A 1011 -30.49 -36.21 38.81
CA ASN A 1011 -30.12 -35.21 39.81
C ASN A 1011 -29.02 -35.66 40.76
N SER A 1012 -28.60 -36.92 40.70
CA SER A 1012 -27.53 -37.40 41.57
C SER A 1012 -26.21 -36.73 41.20
N SER A 1013 -25.34 -36.60 42.20
CA SER A 1013 -24.07 -35.91 41.96
C SER A 1013 -23.19 -36.67 40.97
N SER A 1014 -23.31 -37.99 40.92
CA SER A 1014 -22.52 -38.75 39.97
C SER A 1014 -22.87 -38.39 38.53
N HIS A 1015 -24.17 -38.20 38.26
CA HIS A 1015 -24.60 -37.84 36.91
C HIS A 1015 -24.07 -36.47 36.51
N ARG A 1016 -24.20 -35.49 37.40
CA ARG A 1016 -23.71 -34.16 37.08
C ARG A 1016 -22.20 -34.17 36.89
N ASP A 1017 -21.49 -34.94 37.71
CA ASP A 1017 -20.04 -35.06 37.54
C ASP A 1017 -19.70 -35.67 36.19
N MET A 1018 -20.45 -36.70 35.78
CA MET A 1018 -20.19 -37.30 34.48
C MET A 1018 -20.42 -36.30 33.36
N ARG A 1019 -21.48 -35.51 33.45
CA ARG A 1019 -21.77 -34.54 32.40
C ARG A 1019 -20.66 -33.50 32.29
N ILE A 1020 -20.29 -32.87 33.41
CA ILE A 1020 -19.28 -31.82 33.31
C ILE A 1020 -17.92 -32.42 32.94
N GLY A 1021 -17.63 -33.64 33.38
CA GLY A 1021 -16.37 -34.26 33.02
C GLY A 1021 -16.26 -34.57 31.54
N VAL A 1022 -17.31 -35.14 30.96
CA VAL A 1022 -17.22 -35.44 29.53
C VAL A 1022 -17.23 -34.16 28.70
N PHE A 1023 -17.94 -33.13 29.16
CA PHE A 1023 -17.88 -31.85 28.44
C PHE A 1023 -16.46 -31.29 28.46
N GLY A 1024 -15.81 -31.34 29.62
CA GLY A 1024 -14.41 -30.93 29.67
C GLY A 1024 -13.51 -31.78 28.81
N ALA A 1025 -13.76 -33.09 28.76
CA ALA A 1025 -12.93 -33.96 27.94
C ALA A 1025 -13.08 -33.66 26.46
N LEU A 1026 -14.31 -33.37 26.02
CA LEU A 1026 -14.50 -32.99 24.63
C LEU A 1026 -13.82 -31.67 24.32
N GLY A 1027 -13.89 -30.70 25.23
CA GLY A 1027 -13.14 -29.46 25.03
C GLY A 1027 -11.64 -29.70 24.95
N LEU A 1028 -11.12 -30.57 25.80
CA LEU A 1028 -9.69 -30.87 25.78
C LEU A 1028 -9.28 -31.57 24.49
N ALA A 1029 -10.08 -32.51 24.01
CA ALA A 1029 -9.77 -33.17 22.75
C ALA A 1029 -9.78 -32.18 21.60
N GLN A 1030 -10.72 -31.26 21.59
CA GLN A 1030 -10.72 -30.21 20.58
C GLN A 1030 -9.43 -29.40 20.64
N GLY A 1031 -9.00 -29.03 21.85
CA GLY A 1031 -7.77 -28.26 21.98
C GLY A 1031 -6.54 -29.02 21.51
N ILE A 1032 -6.44 -30.30 21.87
CA ILE A 1032 -5.29 -31.09 21.44
C ILE A 1032 -5.26 -31.24 19.92
N CYS A 1033 -6.40 -31.52 19.31
CA CYS A 1033 -6.42 -31.67 17.86
C CYS A 1033 -6.01 -30.36 17.19
N LEU A 1034 -6.46 -29.23 17.73
CA LEU A 1034 -6.06 -27.94 17.18
C LEU A 1034 -4.56 -27.70 17.31
N LEU A 1035 -3.97 -28.00 18.47
CA LEU A 1035 -2.53 -27.82 18.61
C LEU A 1035 -1.76 -28.68 17.63
N ILE A 1036 -2.14 -29.94 17.49
CA ILE A 1036 -1.42 -30.82 16.57
C ILE A 1036 -1.50 -30.27 15.17
N SER A 1037 -2.70 -29.86 14.74
CA SER A 1037 -2.86 -29.34 13.40
C SER A 1037 -2.01 -28.11 13.16
N THR A 1038 -2.05 -27.15 14.08
CA THR A 1038 -1.34 -25.89 13.83
C THR A 1038 0.17 -26.06 13.90
N LEU A 1039 0.69 -26.81 14.88
CA LEU A 1039 2.13 -27.02 14.95
C LEU A 1039 2.65 -27.78 13.74
N TRP A 1040 1.91 -28.79 13.29
CA TRP A 1040 2.30 -29.46 12.05
C TRP A 1040 2.28 -28.50 10.88
N SER A 1041 1.28 -27.62 10.83
CA SER A 1041 1.21 -26.65 9.75
C SER A 1041 2.46 -25.80 9.72
N ILE A 1042 2.94 -25.40 10.89
CA ILE A 1042 4.10 -24.51 10.96
C ILE A 1042 5.37 -25.22 10.52
N TYR A 1043 5.59 -26.44 10.98
CA TYR A 1043 6.78 -27.15 10.53
C TYR A 1043 6.72 -27.41 9.03
N ALA A 1044 5.56 -27.78 8.51
CA ALA A 1044 5.44 -28.05 7.08
C ALA A 1044 5.67 -26.81 6.24
N CYS A 1045 5.09 -25.69 6.63
CA CYS A 1045 5.26 -24.46 5.85
C CYS A 1045 6.69 -23.94 5.95
N ARG A 1046 7.36 -24.14 7.09
CA ARG A 1046 8.78 -23.83 7.15
C ARG A 1046 9.57 -24.67 6.15
N ASN A 1047 9.24 -25.97 6.06
CA ASN A 1047 9.94 -26.78 5.08
C ASN A 1047 9.70 -26.28 3.66
N ALA A 1048 8.47 -25.83 3.39
CA ALA A 1048 8.17 -25.28 2.06
C ALA A 1048 9.02 -24.07 1.77
N SER A 1049 9.10 -23.13 2.72
CA SER A 1049 9.90 -21.94 2.50
C SER A 1049 11.37 -22.28 2.29
N LYS A 1050 11.90 -23.17 3.12
CA LYS A 1050 13.30 -23.57 2.98
C LYS A 1050 13.55 -24.15 1.60
N ALA A 1051 12.69 -25.06 1.15
CA ALA A 1051 12.92 -25.72 -0.13
C ALA A 1051 12.79 -24.74 -1.29
N LEU A 1052 11.80 -23.85 -1.23
CA LEU A 1052 11.62 -22.89 -2.32
C LEU A 1052 12.81 -21.97 -2.45
N HIS A 1053 13.29 -21.42 -1.34
CA HIS A 1053 14.47 -20.57 -1.43
C HIS A 1053 15.69 -21.36 -1.88
N GLY A 1054 15.84 -22.59 -1.41
CA GLY A 1054 16.98 -23.37 -1.82
C GLY A 1054 17.00 -23.58 -3.32
N GLN A 1055 15.87 -23.96 -3.89
CA GLN A 1055 15.80 -24.17 -5.34
C GLN A 1055 16.05 -22.88 -6.10
N LEU A 1056 15.41 -21.78 -5.67
CA LEU A 1056 15.56 -20.52 -6.39
C LEU A 1056 17.00 -20.04 -6.38
N LEU A 1057 17.67 -20.13 -5.24
CA LEU A 1057 19.04 -19.65 -5.15
C LEU A 1057 20.00 -20.60 -5.85
N THR A 1058 19.80 -21.90 -5.74
CA THR A 1058 20.68 -22.84 -6.42
C THR A 1058 20.55 -22.72 -7.93
N ASN A 1059 19.40 -22.29 -8.43
CA ASN A 1059 19.25 -22.19 -9.88
C ASN A 1059 19.64 -20.82 -10.42
N ILE A 1060 19.38 -19.73 -9.67
CA ILE A 1060 19.78 -18.41 -10.13
C ILE A 1060 21.29 -18.33 -10.25
N LEU A 1061 22.02 -18.87 -9.28
CA LEU A 1061 23.48 -18.86 -9.29
C LEU A 1061 24.07 -19.64 -10.44
N ARG A 1062 23.26 -20.40 -11.18
CA ARG A 1062 23.72 -21.29 -12.23
C ARG A 1062 22.98 -21.00 -13.53
N ALA A 1063 22.88 -19.72 -13.88
CA ALA A 1063 22.17 -19.36 -15.10
C ALA A 1063 23.10 -18.61 -16.04
N PRO A 1064 23.06 -18.91 -17.34
CA PRO A 1064 24.05 -18.35 -18.26
C PRO A 1064 23.95 -16.84 -18.32
N MET A 1065 25.09 -16.21 -18.60
CA MET A 1065 25.21 -14.76 -18.42
C MET A 1065 24.20 -13.98 -19.26
N ARG A 1066 23.68 -14.60 -20.33
CA ARG A 1066 22.66 -13.91 -21.11
C ARG A 1066 21.44 -13.60 -20.26
N PHE A 1067 21.10 -14.49 -19.32
CA PHE A 1067 19.96 -14.24 -18.46
C PHE A 1067 20.20 -13.01 -17.59
N PHE A 1068 21.41 -12.85 -17.06
CA PHE A 1068 21.69 -11.70 -16.23
C PHE A 1068 21.82 -10.43 -17.06
N ASP A 1069 22.19 -10.54 -18.33
CA ASP A 1069 22.25 -9.36 -19.17
C ASP A 1069 20.87 -8.88 -19.56
N THR A 1070 19.96 -9.81 -19.87
CA THR A 1070 18.63 -9.42 -20.34
C THR A 1070 17.66 -9.13 -19.22
N THR A 1071 18.06 -9.30 -17.96
CA THR A 1071 17.17 -9.09 -16.84
C THR A 1071 17.79 -8.12 -15.84
N PRO A 1072 17.06 -7.08 -15.42
CA PRO A 1072 17.62 -6.14 -14.44
C PRO A 1072 17.94 -6.83 -13.13
N THR A 1073 19.02 -6.40 -12.49
CA THR A 1073 19.36 -6.94 -11.18
C THR A 1073 18.31 -6.58 -10.14
N GLY A 1074 17.64 -5.45 -10.33
CA GLY A 1074 16.57 -5.08 -9.42
C GLY A 1074 15.46 -6.12 -9.38
N ARG A 1075 15.16 -6.71 -10.54
CA ARG A 1075 14.09 -7.71 -10.59
C ARG A 1075 14.46 -8.96 -9.81
N ILE A 1076 15.67 -9.49 -10.01
CA ILE A 1076 16.06 -10.69 -9.30
C ILE A 1076 16.14 -10.43 -7.80
N VAL A 1077 16.70 -9.28 -7.41
CA VAL A 1077 16.77 -8.96 -5.98
C VAL A 1077 15.37 -8.81 -5.41
N ASN A 1078 14.44 -8.28 -6.20
CA ASN A 1078 13.07 -8.14 -5.72
C ASN A 1078 12.36 -9.49 -5.63
N ARG A 1079 12.74 -10.48 -6.42
CA ARG A 1079 12.21 -11.83 -6.21
C ARG A 1079 12.82 -12.47 -4.98
N PHE A 1080 14.07 -12.15 -4.66
CA PHE A 1080 14.69 -12.69 -3.46
C PHE A 1080 14.28 -11.93 -2.19
N SER A 1081 13.71 -10.75 -2.33
CA SER A 1081 13.40 -9.92 -1.17
C SER A 1081 11.95 -10.02 -0.72
N GLY A 1082 11.02 -9.58 -1.57
CA GLY A 1082 9.63 -9.49 -1.19
C GLY A 1082 8.79 -10.67 -1.57
N ASP A 1083 9.36 -11.67 -2.24
CA ASP A 1083 8.63 -12.89 -2.55
C ASP A 1083 9.06 -14.08 -1.71
N ILE A 1084 10.34 -14.18 -1.36
CA ILE A 1084 10.73 -15.10 -0.31
C ILE A 1084 10.11 -14.67 1.01
N SER A 1085 9.97 -13.37 1.25
CA SER A 1085 9.34 -12.94 2.49
C SER A 1085 7.86 -13.29 2.52
N THR A 1086 7.17 -13.13 1.39
CA THR A 1086 5.75 -13.49 1.36
C THR A 1086 5.55 -14.98 1.55
N VAL A 1087 6.37 -15.79 0.88
CA VAL A 1087 6.30 -17.25 1.06
C VAL A 1087 6.62 -17.65 2.48
N ASP A 1088 7.54 -16.93 3.13
CA ASP A 1088 7.88 -17.25 4.51
C ASP A 1088 6.75 -16.88 5.45
N ASP A 1089 6.34 -15.62 5.44
CA ASP A 1089 5.45 -15.11 6.48
C ASP A 1089 3.99 -15.18 6.09
N LEU A 1090 3.58 -14.45 5.07
CA LEU A 1090 2.15 -14.21 4.85
C LEU A 1090 1.45 -15.43 4.30
N LEU A 1091 2.08 -16.13 3.37
CA LEU A 1091 1.35 -17.17 2.63
C LEU A 1091 0.93 -18.33 3.54
N PRO A 1092 1.78 -18.90 4.40
CA PRO A 1092 1.29 -19.97 5.26
C PRO A 1092 0.14 -19.56 6.16
N GLN A 1093 0.18 -18.38 6.76
CA GLN A 1093 -0.93 -18.01 7.63
C GLN A 1093 -2.19 -17.75 6.84
N THR A 1094 -2.10 -17.20 5.63
CA THR A 1094 -3.30 -17.02 4.84
C THR A 1094 -3.92 -18.36 4.46
N LEU A 1095 -3.11 -19.32 4.02
CA LEU A 1095 -3.67 -20.64 3.68
C LEU A 1095 -4.25 -21.34 4.91
N ARG A 1096 -3.55 -21.29 6.03
CA ARG A 1096 -4.04 -21.95 7.24
C ARG A 1096 -5.34 -21.31 7.71
N SER A 1097 -5.44 -19.99 7.67
CA SER A 1097 -6.66 -19.32 8.06
C SER A 1097 -7.80 -19.62 7.12
N TRP A 1098 -7.53 -19.76 5.81
CA TRP A 1098 -8.57 -20.19 4.89
C TRP A 1098 -9.09 -21.57 5.26
N MET A 1099 -8.19 -22.49 5.61
CA MET A 1099 -8.63 -23.81 6.04
C MET A 1099 -9.51 -23.73 7.27
N MET A 1100 -9.12 -22.90 8.25
CA MET A 1100 -9.91 -22.79 9.47
C MET A 1100 -11.30 -22.21 9.20
N CYS A 1101 -11.39 -21.17 8.36
CA CYS A 1101 -12.70 -20.62 8.02
C CYS A 1101 -13.57 -21.64 7.31
N PHE A 1102 -12.99 -22.35 6.34
CA PHE A 1102 -13.76 -23.35 5.61
C PHE A 1102 -14.30 -24.40 6.54
N PHE A 1103 -13.47 -24.88 7.47
CA PHE A 1103 -13.96 -25.95 8.33
C PHE A 1103 -14.97 -25.44 9.35
N GLY A 1104 -14.83 -24.19 9.82
CA GLY A 1104 -15.86 -23.65 10.68
C GLY A 1104 -17.21 -23.59 10.00
N ILE A 1105 -17.23 -23.13 8.74
CA ILE A 1105 -18.47 -23.08 7.98
C ILE A 1105 -19.03 -24.48 7.77
N ALA A 1106 -18.17 -25.44 7.41
CA ALA A 1106 -18.65 -26.79 7.15
C ALA A 1106 -19.22 -27.43 8.41
N GLY A 1107 -18.61 -27.18 9.56
CA GLY A 1107 -19.18 -27.70 10.79
C GLY A 1107 -20.52 -27.09 11.13
N THR A 1108 -20.65 -25.77 10.99
CA THR A 1108 -21.95 -25.15 11.22
C THR A 1108 -23.01 -25.72 10.30
N LEU A 1109 -22.68 -25.89 9.02
CA LEU A 1109 -23.64 -26.41 8.06
C LEU A 1109 -24.00 -27.86 8.36
N VAL A 1110 -23.05 -28.67 8.81
CA VAL A 1110 -23.38 -30.06 9.09
C VAL A 1110 -24.18 -30.17 10.38
N MET A 1111 -24.04 -29.24 11.33
CA MET A 1111 -24.97 -29.23 12.46
C MET A 1111 -26.38 -28.90 12.00
N ILE A 1112 -26.52 -27.81 11.22
CA ILE A 1112 -27.84 -27.42 10.75
C ILE A 1112 -28.49 -28.55 9.97
N CYS A 1113 -27.74 -29.22 9.09
CA CYS A 1113 -28.26 -30.31 8.28
C CYS A 1113 -28.38 -31.61 9.06
N MET A 1114 -27.74 -31.73 10.21
CA MET A 1114 -27.95 -32.90 11.06
C MET A 1114 -29.25 -32.78 11.82
N ALA A 1115 -29.68 -31.56 12.15
CA ALA A 1115 -30.98 -31.42 12.78
C ALA A 1115 -32.12 -31.60 11.78
N THR A 1116 -32.14 -30.79 10.72
CA THR A 1116 -33.18 -30.82 9.70
C THR A 1116 -32.54 -31.08 8.34
N PRO A 1117 -32.50 -32.34 7.89
CA PRO A 1117 -31.71 -32.67 6.70
C PRO A 1117 -32.16 -31.96 5.44
N VAL A 1118 -33.39 -31.47 5.38
CA VAL A 1118 -33.87 -30.76 4.20
C VAL A 1118 -33.00 -29.56 3.89
N PHE A 1119 -32.28 -29.04 4.87
CA PHE A 1119 -31.42 -27.90 4.63
C PHE A 1119 -30.28 -28.21 3.68
N ALA A 1120 -30.00 -29.48 3.40
CA ALA A 1120 -28.93 -29.79 2.47
C ALA A 1120 -29.25 -29.37 1.04
N ILE A 1121 -30.50 -29.00 0.76
CA ILE A 1121 -30.87 -28.52 -0.57
C ILE A 1121 -30.83 -26.99 -0.65
N ILE A 1122 -30.93 -26.29 0.48
CA ILE A 1122 -30.95 -24.83 0.48
C ILE A 1122 -29.53 -24.30 0.61
N ILE A 1123 -28.53 -25.19 0.50
CA ILE A 1123 -27.14 -24.74 0.40
C ILE A 1123 -26.59 -24.90 -1.00
N ILE A 1124 -27.41 -25.29 -1.96
CA ILE A 1124 -26.99 -25.26 -3.36
C ILE A 1124 -27.25 -23.87 -3.93
N PRO A 1125 -28.40 -23.23 -3.68
CA PRO A 1125 -28.52 -21.82 -4.08
C PRO A 1125 -27.73 -20.86 -3.22
N LEU A 1126 -27.64 -21.11 -1.91
CA LEU A 1126 -26.82 -20.24 -1.06
C LEU A 1126 -25.36 -20.33 -1.43
N SER A 1127 -24.89 -21.52 -1.79
CA SER A 1127 -23.51 -21.65 -2.24
C SER A 1127 -23.27 -20.86 -3.52
N ILE A 1128 -24.22 -20.89 -4.45
CA ILE A 1128 -24.07 -20.13 -5.68
C ILE A 1128 -24.03 -18.65 -5.39
N LEU A 1129 -24.92 -18.17 -4.52
CA LEU A 1129 -24.91 -16.75 -4.19
C LEU A 1129 -23.60 -16.34 -3.53
N TYR A 1130 -23.11 -17.12 -2.59
CA TYR A 1130 -21.84 -16.77 -1.94
C TYR A 1130 -20.67 -16.83 -2.90
N ILE A 1131 -20.63 -17.85 -3.77
CA ILE A 1131 -19.52 -17.98 -4.71
C ILE A 1131 -19.50 -16.79 -5.66
N SER A 1132 -20.66 -16.41 -6.18
CA SER A 1132 -20.72 -15.25 -7.07
C SER A 1132 -20.29 -13.99 -6.33
N VAL A 1133 -20.68 -13.85 -5.07
CA VAL A 1133 -20.27 -12.68 -4.31
C VAL A 1133 -18.76 -12.62 -4.16
N GLN A 1134 -18.13 -13.72 -3.74
CA GLN A 1134 -16.68 -13.59 -3.50
C GLN A 1134 -15.95 -13.40 -4.82
N VAL A 1135 -16.42 -14.05 -5.89
CA VAL A 1135 -15.75 -13.90 -7.19
C VAL A 1135 -15.75 -12.45 -7.60
N PHE A 1136 -16.93 -11.81 -7.58
CA PHE A 1136 -17.01 -10.42 -8.00
C PHE A 1136 -16.21 -9.52 -7.08
N TYR A 1137 -16.31 -9.74 -5.76
CA TYR A 1137 -15.63 -8.84 -4.84
C TYR A 1137 -14.12 -8.94 -4.95
N VAL A 1138 -13.58 -10.16 -5.01
CA VAL A 1138 -12.13 -10.28 -5.07
C VAL A 1138 -11.62 -9.70 -6.37
N ALA A 1139 -12.33 -9.96 -7.48
CA ALA A 1139 -11.89 -9.42 -8.76
C ALA A 1139 -11.81 -7.90 -8.70
N THR A 1140 -12.81 -7.24 -8.14
CA THR A 1140 -12.77 -5.78 -8.11
C THR A 1140 -11.80 -5.23 -7.07
N SER A 1141 -11.79 -5.82 -5.87
CA SER A 1141 -10.97 -5.27 -4.80
C SER A 1141 -9.49 -5.37 -5.08
N ARG A 1142 -9.06 -6.42 -5.77
CA ARG A 1142 -7.64 -6.50 -6.15
C ARG A 1142 -7.22 -5.25 -6.92
N GLN A 1143 -7.99 -4.89 -7.94
CA GLN A 1143 -7.62 -3.71 -8.74
C GLN A 1143 -7.77 -2.43 -7.95
N LEU A 1144 -8.77 -2.33 -7.08
CA LEU A 1144 -8.86 -1.09 -6.29
C LEU A 1144 -7.68 -0.91 -5.37
N ARG A 1145 -7.21 -1.98 -4.73
CA ARG A 1145 -6.04 -1.88 -3.88
C ARG A 1145 -4.80 -1.53 -4.70
N ARG A 1146 -4.66 -2.14 -5.88
CA ARG A 1146 -3.54 -1.79 -6.75
C ARG A 1146 -3.57 -0.33 -7.16
N LEU A 1147 -4.73 0.17 -7.55
CA LEU A 1147 -4.86 1.56 -7.98
C LEU A 1147 -4.56 2.53 -6.84
N ASP A 1148 -5.03 2.22 -5.64
CA ASP A 1148 -4.71 3.08 -4.50
C ASP A 1148 -3.22 3.11 -4.23
N SER A 1149 -2.57 1.95 -4.26
CA SER A 1149 -1.12 1.92 -4.04
C SER A 1149 -0.38 2.70 -5.12
N VAL A 1150 -0.80 2.56 -6.37
CA VAL A 1150 -0.15 3.26 -7.47
C VAL A 1150 -0.30 4.76 -7.31
N THR A 1151 -1.47 5.23 -6.87
CA THR A 1151 -1.72 6.64 -6.81
C THR A 1151 -1.19 7.30 -5.53
N LYS A 1152 -0.96 6.53 -4.47
CA LYS A 1152 -0.52 7.12 -3.21
C LYS A 1152 0.88 7.69 -3.30
N SER A 1153 1.81 6.98 -3.92
CA SER A 1153 3.20 7.40 -3.92
C SER A 1153 3.44 8.78 -4.54
N PRO A 1154 2.80 9.16 -5.64
CA PRO A 1154 3.05 10.51 -6.17
C PRO A 1154 2.80 11.64 -5.21
N ILE A 1155 1.87 11.51 -4.25
CA ILE A 1155 1.67 12.60 -3.29
C ILE A 1155 2.96 12.84 -2.52
N TYR A 1156 3.57 11.78 -2.02
CA TYR A 1156 4.78 11.93 -1.22
C TYR A 1156 5.99 12.29 -2.06
N SER A 1157 6.09 11.76 -3.28
CA SER A 1157 7.18 12.16 -4.17
C SER A 1157 7.10 13.64 -4.49
N HIS A 1158 5.90 14.14 -4.79
CA HIS A 1158 5.75 15.55 -5.08
C HIS A 1158 5.99 16.41 -3.84
N PHE A 1159 5.58 15.93 -2.66
CA PHE A 1159 5.86 16.70 -1.46
C PHE A 1159 7.35 16.79 -1.20
N SER A 1160 8.08 15.69 -1.41
CA SER A 1160 9.52 15.73 -1.18
C SER A 1160 10.20 16.65 -2.19
N GLU A 1161 9.76 16.61 -3.45
CA GLU A 1161 10.33 17.53 -4.44
C GLU A 1161 9.96 18.97 -4.18
N THR A 1162 8.81 19.23 -3.55
CA THR A 1162 8.46 20.60 -3.19
C THR A 1162 9.30 21.09 -2.03
N VAL A 1163 9.42 20.27 -0.98
CA VAL A 1163 10.10 20.74 0.21
C VAL A 1163 11.61 20.76 0.00
N THR A 1164 12.12 20.04 -0.99
CA THR A 1164 13.54 20.13 -1.31
C THR A 1164 13.85 21.43 -2.04
N GLY A 1165 13.19 21.65 -3.17
CA GLY A 1165 13.43 22.83 -3.97
C GLY A 1165 12.48 23.96 -3.65
N LEU A 1166 12.49 24.39 -2.42
CA LEU A 1166 11.57 25.45 -2.01
C LEU A 1166 12.08 26.85 -2.37
N PRO A 1167 13.38 27.14 -2.26
CA PRO A 1167 13.82 28.48 -2.69
C PRO A 1167 13.49 28.78 -4.13
N ILE A 1168 13.59 27.78 -5.01
CA ILE A 1168 13.27 27.99 -6.43
C ILE A 1168 11.79 28.27 -6.62
N ILE A 1169 10.93 27.49 -5.96
CA ILE A 1169 9.50 27.69 -6.06
C ILE A 1169 9.12 29.08 -5.58
N ARG A 1170 9.68 29.49 -4.46
CA ARG A 1170 9.35 30.81 -3.94
C ARG A 1170 9.92 31.92 -4.83
N ALA A 1171 11.09 31.71 -5.41
CA ALA A 1171 11.70 32.76 -6.23
C ALA A 1171 10.93 32.97 -7.53
N PHE A 1172 10.53 31.89 -8.18
CA PHE A 1172 9.73 32.02 -9.40
C PHE A 1172 8.30 32.44 -9.13
N GLU A 1173 7.87 32.47 -7.87
CA GLU A 1173 6.50 32.79 -7.48
C GLU A 1173 5.52 31.79 -8.08
N HIS A 1174 5.67 30.53 -7.68
CA HIS A 1174 4.91 29.41 -8.21
C HIS A 1174 4.26 28.58 -7.11
N GLN A 1175 3.86 29.20 -6.00
CA GLN A 1175 3.28 28.40 -4.93
C GLN A 1175 1.90 27.89 -5.32
N GLN A 1176 1.09 28.72 -5.98
CA GLN A 1176 -0.28 28.34 -6.26
C GLN A 1176 -0.36 27.14 -7.20
N ARG A 1177 0.53 27.08 -8.19
CA ARG A 1177 0.54 25.94 -9.09
C ARG A 1177 0.82 24.65 -8.35
N PHE A 1178 1.74 24.69 -7.39
CA PHE A 1178 2.08 23.48 -6.64
C PHE A 1178 0.96 23.11 -5.68
N LEU A 1179 0.30 24.10 -5.08
CA LEU A 1179 -0.89 23.80 -4.30
C LEU A 1179 -1.93 23.06 -5.13
N ALA A 1180 -2.21 23.59 -6.32
CA ALA A 1180 -3.21 22.96 -7.18
C ALA A 1180 -2.80 21.55 -7.56
N TRP A 1181 -1.52 21.34 -7.84
CA TRP A 1181 -1.07 20.00 -8.20
C TRP A 1181 -1.22 19.02 -7.05
N ASN A 1182 -0.87 19.45 -5.83
CA ASN A 1182 -1.00 18.54 -4.70
C ASN A 1182 -2.44 18.21 -4.42
N GLU A 1183 -3.33 19.19 -4.51
CA GLU A 1183 -4.75 18.89 -4.32
C GLU A 1183 -5.26 17.94 -5.39
N LYS A 1184 -4.81 18.12 -6.63
CA LYS A 1184 -5.24 17.21 -7.69
C LYS A 1184 -4.80 15.78 -7.39
N GLN A 1185 -3.55 15.60 -6.98
CA GLN A 1185 -3.07 14.25 -6.69
C GLN A 1185 -3.80 13.65 -5.49
N ILE A 1186 -4.10 14.47 -4.48
CA ILE A 1186 -4.82 13.96 -3.32
C ILE A 1186 -6.21 13.50 -3.72
N ASP A 1187 -6.90 14.26 -4.57
CA ASP A 1187 -8.23 13.84 -5.01
C ASP A 1187 -8.16 12.57 -5.84
N ILE A 1188 -7.15 12.44 -6.69
CA ILE A 1188 -7.02 11.24 -7.51
C ILE A 1188 -6.80 10.02 -6.63
N ASN A 1189 -6.07 10.17 -5.53
CA ASN A 1189 -5.94 9.06 -4.59
C ASN A 1189 -7.22 8.84 -3.80
N GLN A 1190 -7.90 9.92 -3.46
CA GLN A 1190 -9.08 9.86 -2.61
C GLN A 1190 -10.18 9.08 -3.27
N LYS A 1191 -10.36 9.25 -4.59
CA LYS A 1191 -11.42 8.51 -5.25
C LYS A 1191 -11.15 7.01 -5.25
N CYS A 1192 -9.89 6.59 -5.34
CA CYS A 1192 -9.57 5.16 -5.28
C CYS A 1192 -9.80 4.59 -3.91
N VAL A 1193 -9.38 5.30 -2.86
CA VAL A 1193 -9.61 4.76 -1.52
C VAL A 1193 -11.09 4.75 -1.16
N PHE A 1194 -11.85 5.75 -1.60
CA PHE A 1194 -13.29 5.75 -1.36
C PHE A 1194 -13.98 4.60 -2.10
N SER A 1195 -13.56 4.33 -3.33
CA SER A 1195 -14.14 3.20 -4.03
C SER A 1195 -13.79 1.89 -3.35
N TRP A 1196 -12.60 1.78 -2.78
CA TRP A 1196 -12.28 0.57 -2.02
C TRP A 1196 -13.20 0.41 -0.80
N ILE A 1197 -13.43 1.51 -0.07
CA ILE A 1197 -14.33 1.46 1.08
C ILE A 1197 -15.71 0.98 0.66
N THR A 1198 -16.24 1.55 -0.42
CA THR A 1198 -17.58 1.16 -0.85
C THR A 1198 -17.61 -0.29 -1.31
N SER A 1199 -16.52 -0.77 -1.90
CA SER A 1199 -16.45 -2.18 -2.25
C SER A 1199 -16.58 -3.06 -1.03
N ASN A 1200 -15.91 -2.67 0.06
CA ASN A 1200 -16.02 -3.46 1.28
C ASN A 1200 -17.44 -3.46 1.82
N ARG A 1201 -18.14 -2.32 1.72
CA ARG A 1201 -19.52 -2.27 2.23
C ARG A 1201 -20.48 -3.08 1.37
N TRP A 1202 -20.30 -3.04 0.05
CA TRP A 1202 -21.06 -3.91 -0.86
C TRP A 1202 -20.90 -5.37 -0.46
N LEU A 1203 -19.64 -5.80 -0.32
CA LEU A 1203 -19.38 -7.16 0.14
C LEU A 1203 -20.11 -7.47 1.43
N ALA A 1204 -19.97 -6.59 2.42
CA ALA A 1204 -20.49 -6.90 3.74
C ALA A 1204 -21.99 -7.04 3.73
N ILE A 1205 -22.68 -6.21 2.96
CA ILE A 1205 -24.13 -6.34 2.88
C ILE A 1205 -24.50 -7.69 2.28
N ARG A 1206 -23.82 -8.10 1.21
CA ARG A 1206 -24.18 -9.38 0.59
C ARG A 1206 -23.90 -10.55 1.54
N LEU A 1207 -22.78 -10.50 2.25
CA LEU A 1207 -22.43 -11.60 3.15
C LEU A 1207 -23.34 -11.66 4.36
N GLU A 1208 -23.67 -10.52 4.95
CA GLU A 1208 -24.62 -10.55 6.05
C GLU A 1208 -25.97 -11.04 5.58
N LEU A 1209 -26.30 -10.83 4.30
CA LEU A 1209 -27.53 -11.43 3.77
C LEU A 1209 -27.41 -12.94 3.67
N VAL A 1210 -26.26 -13.47 3.24
CA VAL A 1210 -26.15 -14.92 3.13
C VAL A 1210 -26.20 -15.58 4.50
N GLY A 1211 -25.49 -15.03 5.48
CA GLY A 1211 -25.57 -15.57 6.82
C GLY A 1211 -26.95 -15.42 7.43
N ASN A 1212 -27.62 -14.31 7.11
CA ASN A 1212 -28.99 -14.10 7.56
C ASN A 1212 -29.93 -15.12 6.96
N LEU A 1213 -29.73 -15.48 5.70
CA LEU A 1213 -30.58 -16.48 5.08
C LEU A 1213 -30.33 -17.85 5.67
N VAL A 1214 -29.09 -18.15 6.05
CA VAL A 1214 -28.83 -19.42 6.74
C VAL A 1214 -29.59 -19.46 8.05
N VAL A 1215 -29.50 -18.39 8.85
CA VAL A 1215 -30.20 -18.36 10.14
C VAL A 1215 -31.71 -18.46 9.93
N PHE A 1216 -32.24 -17.71 8.98
CA PHE A 1216 -33.69 -17.69 8.76
C PHE A 1216 -34.21 -19.01 8.23
N CYS A 1217 -33.49 -19.63 7.27
CA CYS A 1217 -33.92 -20.92 6.75
C CYS A 1217 -33.85 -22.00 7.82
N SER A 1218 -32.81 -22.02 8.64
CA SER A 1218 -32.77 -23.01 9.71
C SER A 1218 -33.86 -22.75 10.74
N ALA A 1219 -34.13 -21.50 11.07
CA ALA A 1219 -35.20 -21.22 12.03
C ALA A 1219 -36.55 -21.66 11.48
N LEU A 1220 -36.81 -21.41 10.20
CA LEU A 1220 -38.06 -21.87 9.62
C LEU A 1220 -38.14 -23.39 9.62
N LEU A 1221 -37.06 -24.07 9.30
CA LEU A 1221 -37.10 -25.52 9.24
C LEU A 1221 -37.17 -26.17 10.63
N LEU A 1222 -36.74 -25.46 11.66
CA LEU A 1222 -36.95 -25.94 13.03
C LEU A 1222 -38.30 -25.57 13.61
N VAL A 1223 -38.96 -24.55 13.09
CA VAL A 1223 -40.35 -24.32 13.46
C VAL A 1223 -41.28 -25.29 12.74
N ILE A 1224 -41.02 -25.57 11.47
CA ILE A 1224 -41.87 -26.46 10.70
C ILE A 1224 -41.80 -27.87 11.24
N TYR A 1225 -40.61 -28.32 11.60
CA TYR A 1225 -40.37 -29.71 11.98
C TYR A 1225 -40.40 -29.92 13.48
N ARG A 1226 -41.01 -29.00 14.23
CA ARG A 1226 -40.88 -29.00 15.68
C ARG A 1226 -41.45 -30.24 16.33
N LYS A 1227 -42.35 -30.96 15.68
CA LYS A 1227 -42.96 -32.13 16.31
C LYS A 1227 -42.03 -33.32 16.36
N THR A 1228 -40.89 -33.27 15.69
CA THR A 1228 -39.93 -34.36 15.72
C THR A 1228 -38.64 -34.01 16.46
N LEU A 1229 -38.43 -32.75 16.81
CA LEU A 1229 -37.24 -32.36 17.54
C LEU A 1229 -37.62 -31.64 18.83
N THR A 1230 -36.61 -31.17 19.55
CA THR A 1230 -36.75 -30.67 20.91
C THR A 1230 -36.25 -29.23 20.97
N GLY A 1231 -36.21 -28.68 22.18
CA GLY A 1231 -35.69 -27.33 22.34
C GLY A 1231 -34.18 -27.28 22.32
N ASP A 1232 -33.53 -28.36 22.77
CA ASP A 1232 -32.09 -28.40 22.82
C ASP A 1232 -31.48 -28.35 21.43
N VAL A 1233 -32.09 -29.08 20.50
CA VAL A 1233 -31.62 -29.05 19.12
C VAL A 1233 -31.76 -27.65 18.56
N VAL A 1234 -32.87 -26.97 18.86
CA VAL A 1234 -33.00 -25.58 18.46
C VAL A 1234 -31.85 -24.77 18.99
N GLY A 1235 -31.50 -24.97 20.25
CA GLY A 1235 -30.44 -24.18 20.83
C GLY A 1235 -29.11 -24.36 20.12
N PHE A 1236 -28.69 -25.61 19.91
CA PHE A 1236 -27.35 -25.75 19.37
C PHE A 1236 -27.30 -25.64 17.86
N VAL A 1237 -28.45 -25.68 17.19
CA VAL A 1237 -28.49 -25.44 15.76
C VAL A 1237 -28.47 -23.95 15.48
N LEU A 1238 -29.14 -23.17 16.33
CA LEU A 1238 -29.37 -21.78 16.04
C LEU A 1238 -28.41 -20.86 16.77
N SER A 1239 -27.69 -21.31 17.78
CA SER A 1239 -26.65 -20.49 18.37
C SER A 1239 -25.35 -20.56 17.60
N ASN A 1240 -25.27 -21.46 16.62
CA ASN A 1240 -24.13 -21.61 15.72
C ASN A 1240 -24.36 -20.92 14.39
N ALA A 1241 -25.54 -21.06 13.80
CA ALA A 1241 -25.84 -20.36 12.57
C ALA A 1241 -25.74 -18.85 12.74
N LEU A 1242 -25.88 -18.36 13.97
CA LEU A 1242 -25.68 -16.95 14.24
C LEU A 1242 -24.22 -16.55 14.10
N ASN A 1243 -23.30 -17.51 14.16
CA ASN A 1243 -21.86 -17.26 14.03
C ASN A 1243 -21.35 -17.60 12.64
N ILE A 1244 -22.17 -17.43 11.62
CA ILE A 1244 -21.82 -17.84 10.26
C ILE A 1244 -21.56 -16.66 9.36
N THR A 1245 -21.86 -15.45 9.78
CA THR A 1245 -21.52 -14.29 8.95
C THR A 1245 -20.09 -13.83 9.18
N GLN A 1246 -19.62 -13.88 10.43
CA GLN A 1246 -18.23 -13.52 10.68
C GLN A 1246 -17.29 -14.46 9.97
N THR A 1247 -17.60 -15.74 9.97
CA THR A 1247 -16.75 -16.71 9.30
C THR A 1247 -16.81 -16.54 7.79
N LEU A 1248 -17.96 -16.17 7.24
CA LEU A 1248 -18.04 -15.89 5.81
C LEU A 1248 -17.23 -14.66 5.43
N ASN A 1249 -17.31 -13.59 6.22
CA ASN A 1249 -16.48 -12.42 5.98
C ASN A 1249 -15.01 -12.77 6.03
N TRP A 1250 -14.60 -13.51 7.05
CA TRP A 1250 -13.21 -13.92 7.17
C TRP A 1250 -12.78 -14.77 5.98
N LEU A 1251 -13.66 -15.66 5.51
CA LEU A 1251 -13.30 -16.54 4.40
C LEU A 1251 -13.15 -15.77 3.10
N VAL A 1252 -14.02 -14.80 2.84
CA VAL A 1252 -13.87 -14.01 1.63
C VAL A 1252 -12.60 -13.18 1.69
N ARG A 1253 -12.32 -12.57 2.85
CA ARG A 1253 -11.10 -11.80 2.99
C ARG A 1253 -9.86 -12.66 2.79
N MET A 1254 -9.86 -13.87 3.34
CA MET A 1254 -8.69 -14.74 3.19
C MET A 1254 -8.58 -15.33 1.79
N THR A 1255 -9.69 -15.54 1.08
CA THR A 1255 -9.57 -15.92 -0.32
C THR A 1255 -8.92 -14.82 -1.14
N SER A 1256 -9.32 -13.56 -0.89
CA SER A 1256 -8.67 -12.44 -1.55
C SER A 1256 -7.19 -12.38 -1.21
N GLU A 1257 -6.85 -12.61 0.06
CA GLU A 1257 -5.46 -12.56 0.47
C GLU A 1257 -4.64 -13.68 -0.17
N ALA A 1258 -5.20 -14.88 -0.26
CA ALA A 1258 -4.47 -15.97 -0.91
C ALA A 1258 -4.24 -15.69 -2.38
N GLU A 1259 -5.24 -15.14 -3.07
CA GLU A 1259 -5.05 -14.76 -4.46
C GLU A 1259 -3.95 -13.72 -4.60
N THR A 1260 -3.92 -12.74 -3.69
CA THR A 1260 -2.89 -11.70 -3.76
C THR A 1260 -1.50 -12.28 -3.48
N ASN A 1261 -1.39 -13.22 -2.55
CA ASN A 1261 -0.08 -13.69 -2.10
C ASN A 1261 0.52 -14.79 -2.95
N ILE A 1262 -0.29 -15.64 -3.58
CA ILE A 1262 0.29 -16.78 -4.29
C ILE A 1262 1.04 -16.38 -5.54
N VAL A 1263 0.92 -15.13 -5.99
CA VAL A 1263 1.74 -14.71 -7.12
C VAL A 1263 3.21 -14.64 -6.73
N ALA A 1264 3.51 -14.56 -5.44
CA ALA A 1264 4.90 -14.69 -5.01
C ALA A 1264 5.46 -16.05 -5.40
N VAL A 1265 4.70 -17.12 -5.15
CA VAL A 1265 5.13 -18.42 -5.62
C VAL A 1265 5.14 -18.47 -7.12
N GLU A 1266 4.24 -17.73 -7.78
CA GLU A 1266 4.27 -17.70 -9.24
C GLU A 1266 5.61 -17.21 -9.76
N ARG A 1267 6.09 -16.08 -9.23
CA ARG A 1267 7.36 -15.52 -9.70
C ARG A 1267 8.55 -16.39 -9.28
N ILE A 1268 8.54 -16.90 -8.05
CA ILE A 1268 9.63 -17.75 -7.62
C ILE A 1268 9.72 -18.97 -8.53
N SER A 1269 8.59 -19.60 -8.83
CA SER A 1269 8.59 -20.74 -9.73
C SER A 1269 8.98 -20.34 -11.14
N GLU A 1270 8.73 -19.09 -11.51
CA GLU A 1270 9.21 -18.61 -12.81
C GLU A 1270 10.74 -18.64 -12.88
N TYR A 1271 11.41 -18.22 -11.80
CA TYR A 1271 12.87 -18.30 -11.79
C TYR A 1271 13.42 -19.66 -11.38
N ILE A 1272 12.62 -20.58 -10.85
CA ILE A 1272 13.13 -21.93 -10.64
C ILE A 1272 13.43 -22.60 -11.97
N ASN A 1273 12.66 -22.27 -13.00
CA ASN A 1273 12.70 -22.96 -14.28
C ASN A 1273 13.60 -22.28 -15.30
N VAL A 1274 14.32 -21.22 -14.91
CA VAL A 1274 15.22 -20.57 -15.85
C VAL A 1274 16.31 -21.53 -16.29
N GLU A 1275 16.61 -21.52 -17.57
CA GLU A 1275 17.57 -22.45 -18.15
C GLU A 1275 18.91 -22.35 -17.44
N ASN A 1276 19.57 -23.49 -17.27
CA ASN A 1276 20.83 -23.57 -16.57
C ASN A 1276 21.99 -23.51 -17.57
N GLU A 1277 23.21 -23.47 -17.04
CA GLU A 1277 24.41 -23.49 -17.85
C GLU A 1277 24.74 -24.92 -18.25
N ALA A 1278 25.95 -25.13 -18.76
CA ALA A 1278 26.46 -26.48 -18.92
C ALA A 1278 26.79 -27.06 -17.56
N PRO A 1279 26.82 -28.39 -17.44
CA PRO A 1279 27.15 -29.01 -16.14
C PRO A 1279 28.52 -28.56 -15.65
N TRP A 1280 28.63 -28.34 -14.35
CA TRP A 1280 29.90 -27.91 -13.76
C TRP A 1280 30.96 -29.00 -13.86
N VAL A 1281 30.58 -30.25 -13.64
CA VAL A 1281 31.49 -31.38 -13.75
C VAL A 1281 30.74 -32.49 -14.46
N THR A 1282 31.15 -32.81 -15.69
CA THR A 1282 30.36 -33.77 -16.45
C THR A 1282 30.87 -35.21 -16.35
N ASP A 1283 32.05 -35.50 -16.90
CA ASP A 1283 32.64 -36.82 -16.74
C ASP A 1283 34.14 -36.82 -16.53
N LYS A 1284 34.87 -35.81 -16.98
CA LYS A 1284 36.31 -35.91 -17.15
C LYS A 1284 37.03 -35.10 -16.08
N ARG A 1285 38.30 -35.44 -15.88
CA ARG A 1285 39.16 -34.84 -14.88
C ARG A 1285 40.49 -34.47 -15.52
N PRO A 1286 41.17 -33.44 -15.02
CA PRO A 1286 42.50 -33.12 -15.51
C PRO A 1286 43.53 -34.07 -14.90
N PRO A 1287 44.71 -34.18 -15.51
CA PRO A 1287 45.78 -34.97 -14.89
C PRO A 1287 46.43 -34.24 -13.73
N ALA A 1288 45.60 -33.80 -12.78
CA ALA A 1288 46.00 -33.07 -11.58
C ALA A 1288 46.50 -31.67 -11.92
N ASP A 1289 46.69 -31.42 -13.23
CA ASP A 1289 46.99 -30.09 -13.73
C ASP A 1289 46.75 -30.07 -15.24
N TRP A 1290 45.71 -29.35 -15.66
CA TRP A 1290 45.32 -29.43 -17.06
C TRP A 1290 46.17 -28.53 -17.94
N PRO A 1291 46.38 -27.25 -17.59
CA PRO A 1291 47.36 -26.47 -18.35
C PRO A 1291 48.78 -26.84 -17.93
N ARG A 1292 49.44 -27.66 -18.74
CA ARG A 1292 50.82 -28.03 -18.42
C ARG A 1292 51.77 -26.90 -18.79
N HIS A 1293 51.58 -26.33 -19.97
CA HIS A 1293 52.42 -25.22 -20.42
C HIS A 1293 51.63 -24.14 -21.15
N GLY A 1294 50.33 -24.31 -21.33
CA GLY A 1294 49.50 -23.27 -21.91
C GLY A 1294 49.53 -23.23 -23.42
N GLU A 1295 49.17 -24.35 -24.06
CA GLU A 1295 49.14 -24.45 -25.50
C GLU A 1295 47.67 -24.42 -25.93
N ILE A 1296 47.29 -23.36 -26.65
CA ILE A 1296 45.90 -23.11 -27.03
C ILE A 1296 45.81 -23.15 -28.55
N GLN A 1297 44.85 -23.91 -29.06
CA GLN A 1297 44.65 -24.05 -30.50
C GLN A 1297 43.19 -23.85 -30.83
N PHE A 1298 42.91 -23.05 -31.84
CA PHE A 1298 41.55 -22.83 -32.30
C PHE A 1298 41.25 -23.69 -33.52
N ASN A 1299 39.96 -23.92 -33.77
CA ASN A 1299 39.52 -24.63 -34.97
C ASN A 1299 38.24 -23.94 -35.40
N ASN A 1300 38.38 -23.00 -36.35
CA ASN A 1300 37.32 -22.19 -36.95
C ASN A 1300 36.20 -21.89 -35.97
N TYR A 1301 36.56 -21.36 -34.80
CA TYR A 1301 35.58 -21.04 -33.78
C TYR A 1301 34.60 -20.00 -34.28
N GLN A 1302 33.31 -20.26 -34.08
CA GLN A 1302 32.23 -19.34 -34.39
C GLN A 1302 31.31 -19.29 -33.18
N VAL A 1303 31.07 -18.08 -32.66
CA VAL A 1303 30.32 -17.92 -31.43
C VAL A 1303 29.28 -16.83 -31.62
N ARG A 1304 28.12 -17.01 -30.98
CA ARG A 1304 26.99 -16.11 -31.11
C ARG A 1304 26.55 -15.65 -29.73
N TYR A 1305 26.27 -14.36 -29.58
CA TYR A 1305 25.84 -13.85 -28.28
C TYR A 1305 24.52 -14.47 -27.85
N ARG A 1306 23.56 -14.60 -28.76
CA ARG A 1306 22.26 -15.12 -28.43
C ARG A 1306 21.77 -15.95 -29.62
N PRO A 1307 21.22 -17.14 -29.37
CA PRO A 1307 20.87 -18.05 -30.48
C PRO A 1307 20.05 -17.43 -31.61
N GLU A 1308 19.48 -16.25 -31.41
CA GLU A 1308 18.79 -15.52 -32.47
C GLU A 1308 19.53 -14.22 -32.70
N LEU A 1309 20.58 -14.28 -33.51
CA LEU A 1309 21.40 -13.12 -33.81
C LEU A 1309 22.41 -13.56 -34.87
N ASP A 1310 23.33 -12.67 -35.23
CA ASP A 1310 24.39 -12.97 -36.18
C ASP A 1310 25.70 -13.25 -35.44
N LEU A 1311 26.55 -14.02 -36.09
CA LEU A 1311 27.83 -14.41 -35.49
C LEU A 1311 28.67 -13.19 -35.18
N VAL A 1312 29.25 -13.15 -33.98
CA VAL A 1312 30.25 -12.14 -33.68
C VAL A 1312 31.63 -12.63 -34.07
N LEU A 1313 31.84 -13.94 -34.05
CA LEU A 1313 33.05 -14.57 -34.55
C LEU A 1313 32.66 -15.53 -35.66
N LYS A 1314 33.43 -15.51 -36.75
CA LYS A 1314 33.05 -16.19 -37.99
C LYS A 1314 34.14 -17.15 -38.43
N GLY A 1315 34.60 -17.98 -37.51
CA GLY A 1315 35.54 -19.03 -37.86
C GLY A 1315 37.00 -18.69 -37.68
N ILE A 1316 37.38 -18.28 -36.47
CA ILE A 1316 38.78 -18.02 -36.19
C ILE A 1316 39.55 -19.32 -36.08
N THR A 1317 40.66 -19.42 -36.81
CA THR A 1317 41.58 -20.54 -36.74
C THR A 1317 42.98 -20.00 -36.50
N CYS A 1318 43.43 -20.03 -35.25
CA CYS A 1318 44.76 -19.56 -34.92
C CYS A 1318 45.37 -20.51 -33.90
N ASN A 1319 46.57 -20.17 -33.46
CA ASN A 1319 47.32 -21.01 -32.52
C ASN A 1319 48.27 -20.14 -31.71
N ILE A 1320 48.39 -20.47 -30.43
CA ILE A 1320 49.38 -19.86 -29.55
C ILE A 1320 50.18 -20.98 -28.91
N LYS A 1321 51.51 -20.88 -28.97
CA LYS A 1321 52.39 -21.87 -28.37
C LYS A 1321 52.49 -21.61 -26.86
N SER A 1322 53.43 -22.28 -26.21
CA SER A 1322 53.59 -22.15 -24.76
C SER A 1322 54.51 -20.99 -24.42
N GLY A 1323 54.01 -20.05 -23.61
CA GLY A 1323 54.82 -18.99 -23.07
C GLY A 1323 54.74 -17.66 -23.80
N GLU A 1324 54.25 -17.64 -25.03
CA GLU A 1324 54.21 -16.39 -25.78
C GLU A 1324 53.15 -15.44 -25.20
N LYS A 1325 53.35 -14.15 -25.47
CA LYS A 1325 52.41 -13.11 -25.09
C LYS A 1325 51.70 -12.64 -26.33
N VAL A 1326 50.36 -12.69 -26.31
CA VAL A 1326 49.55 -12.36 -27.46
C VAL A 1326 48.67 -11.17 -27.10
N GLY A 1327 48.76 -10.11 -27.91
CA GLY A 1327 47.81 -9.04 -27.85
C GLY A 1327 46.81 -9.24 -28.99
N VAL A 1328 45.61 -8.71 -28.83
CA VAL A 1328 44.60 -8.77 -29.86
C VAL A 1328 44.07 -7.36 -30.10
N VAL A 1329 43.82 -7.04 -31.36
CA VAL A 1329 43.44 -5.70 -31.76
C VAL A 1329 42.31 -5.78 -32.77
N GLY A 1330 41.69 -4.64 -33.02
CA GLY A 1330 40.65 -4.58 -34.03
C GLY A 1330 39.79 -3.34 -33.87
N ARG A 1331 38.76 -3.28 -34.71
CA ARG A 1331 37.82 -2.18 -34.67
C ARG A 1331 36.98 -2.24 -33.41
N THR A 1332 36.34 -1.13 -33.09
CA THR A 1332 35.39 -1.09 -31.98
C THR A 1332 34.21 -1.98 -32.29
N GLY A 1333 33.95 -2.95 -31.41
CA GLY A 1333 32.90 -3.92 -31.64
C GLY A 1333 33.19 -4.94 -32.71
N ALA A 1334 34.47 -5.16 -33.03
CA ALA A 1334 34.84 -6.13 -34.06
C ALA A 1334 35.08 -7.53 -33.49
N GLY A 1335 34.93 -7.73 -32.19
CA GLY A 1335 35.09 -9.05 -31.61
C GLY A 1335 36.14 -9.13 -30.52
N LYS A 1336 36.54 -7.98 -29.98
CA LYS A 1336 37.52 -7.99 -28.90
C LYS A 1336 36.99 -8.74 -27.68
N SER A 1337 35.80 -8.37 -27.22
CA SER A 1337 35.29 -8.88 -25.95
C SER A 1337 35.01 -10.38 -26.01
N SER A 1338 34.62 -10.88 -27.19
CA SER A 1338 34.19 -12.27 -27.28
C SER A 1338 35.31 -13.25 -26.91
N LEU A 1339 36.57 -12.90 -27.15
CA LEU A 1339 37.65 -13.82 -26.83
C LEU A 1339 37.77 -14.02 -25.32
N THR A 1340 37.85 -12.92 -24.57
CA THR A 1340 37.91 -13.06 -23.12
C THR A 1340 36.59 -13.53 -22.53
N ASN A 1341 35.51 -13.53 -23.32
CA ASN A 1341 34.26 -14.07 -22.84
C ASN A 1341 33.99 -15.51 -23.28
N CYS A 1342 34.85 -16.10 -24.12
CA CYS A 1342 34.59 -17.44 -24.64
C CYS A 1342 35.62 -18.48 -24.22
N LEU A 1343 36.82 -18.07 -23.79
CA LEU A 1343 37.76 -19.05 -23.27
C LEU A 1343 37.25 -19.71 -22.00
N PHE A 1344 36.34 -19.05 -21.29
CA PHE A 1344 35.77 -19.57 -20.06
C PHE A 1344 34.42 -20.25 -20.28
N ARG A 1345 34.03 -20.48 -21.52
CA ARG A 1345 32.77 -21.13 -21.86
C ARG A 1345 31.55 -20.32 -21.41
N ILE A 1346 31.71 -19.03 -21.12
CA ILE A 1346 30.54 -18.23 -20.80
C ILE A 1346 29.62 -18.15 -22.00
N LEU A 1347 30.18 -18.17 -23.20
CA LEU A 1347 29.41 -18.27 -24.44
C LEU A 1347 29.74 -19.60 -25.09
N GLU A 1348 28.72 -20.43 -25.29
CA GLU A 1348 28.97 -21.75 -25.86
C GLU A 1348 29.26 -21.64 -27.35
N SER A 1349 30.02 -22.62 -27.84
CA SER A 1349 30.44 -22.58 -29.24
C SER A 1349 29.26 -22.84 -30.17
N ALA A 1350 29.17 -22.05 -31.23
CA ALA A 1350 28.21 -22.29 -32.30
C ALA A 1350 28.83 -23.00 -33.50
N GLY A 1351 30.16 -23.00 -33.60
CA GLY A 1351 30.87 -23.68 -34.65
C GLY A 1351 32.36 -23.61 -34.42
N GLY A 1352 33.06 -24.72 -34.57
CA GLY A 1352 34.47 -24.77 -34.23
C GLY A 1352 34.68 -25.20 -32.79
N GLN A 1353 35.95 -25.24 -32.40
CA GLN A 1353 36.26 -25.66 -31.04
C GLN A 1353 37.63 -25.13 -30.61
N ILE A 1354 37.78 -24.94 -29.32
CA ILE A 1354 39.03 -24.49 -28.70
C ILE A 1354 39.62 -25.68 -27.95
N ILE A 1355 40.92 -25.90 -28.13
CA ILE A 1355 41.61 -27.05 -27.54
C ILE A 1355 42.78 -26.54 -26.71
N ILE A 1356 42.84 -26.94 -25.46
CA ILE A 1356 43.93 -26.59 -24.55
C ILE A 1356 44.68 -27.87 -24.21
N ASP A 1357 45.99 -27.87 -24.45
CA ASP A 1357 46.86 -29.01 -24.15
C ASP A 1357 46.29 -30.31 -24.71
N GLY A 1358 45.78 -30.24 -25.94
CA GLY A 1358 45.27 -31.43 -26.58
C GLY A 1358 43.91 -31.89 -26.10
N ILE A 1359 43.21 -31.09 -25.29
CA ILE A 1359 41.89 -31.45 -24.79
C ILE A 1359 40.92 -30.35 -25.20
N ASP A 1360 39.83 -30.76 -25.85
CA ASP A 1360 38.83 -29.81 -26.31
C ASP A 1360 38.09 -29.17 -25.14
N VAL A 1361 37.75 -27.89 -25.30
CA VAL A 1361 37.09 -27.14 -24.25
C VAL A 1361 35.69 -27.69 -23.98
N ALA A 1362 34.97 -28.09 -25.02
CA ALA A 1362 33.57 -28.47 -24.86
C ALA A 1362 33.39 -29.81 -24.17
N SER A 1363 34.46 -30.59 -23.95
CA SER A 1363 34.33 -31.94 -23.41
C SER A 1363 34.81 -32.07 -21.97
N ILE A 1364 34.89 -30.96 -21.23
CA ILE A 1364 35.28 -30.99 -19.83
C ILE A 1364 34.28 -30.17 -19.04
N GLY A 1365 34.18 -30.47 -17.74
CA GLY A 1365 33.20 -29.80 -16.90
C GLY A 1365 33.45 -28.31 -16.82
N LEU A 1366 32.37 -27.56 -16.67
CA LEU A 1366 32.44 -26.11 -16.76
C LEU A 1366 33.31 -25.52 -15.67
N HIS A 1367 33.06 -25.90 -14.41
CA HIS A 1367 33.91 -25.44 -13.33
C HIS A 1367 35.31 -26.01 -13.44
N ASP A 1368 35.43 -27.25 -13.91
CA ASP A 1368 36.73 -27.89 -14.01
C ASP A 1368 37.65 -27.12 -14.95
N LEU A 1369 37.13 -26.70 -16.10
CA LEU A 1369 37.88 -25.84 -16.99
C LEU A 1369 38.02 -24.43 -16.46
N ARG A 1370 36.96 -23.89 -15.88
CA ARG A 1370 36.92 -22.46 -15.56
C ARG A 1370 37.84 -22.13 -14.40
N GLU A 1371 38.14 -23.09 -13.54
CA GLU A 1371 39.03 -22.88 -12.42
C GLU A 1371 40.50 -22.87 -12.81
N ARG A 1372 40.88 -23.57 -13.89
CA ARG A 1372 42.28 -23.79 -14.22
C ARG A 1372 42.91 -22.63 -14.99
N LEU A 1373 42.14 -21.63 -15.39
CA LEU A 1373 42.66 -20.48 -16.11
C LEU A 1373 42.77 -19.29 -15.17
N THR A 1374 43.07 -18.12 -15.73
CA THR A 1374 43.19 -16.91 -14.93
C THR A 1374 42.66 -15.73 -15.72
N ILE A 1375 42.20 -14.71 -15.00
CA ILE A 1375 41.56 -13.54 -15.59
C ILE A 1375 41.84 -12.34 -14.71
N ILE A 1376 41.88 -11.16 -15.34
CA ILE A 1376 41.83 -9.89 -14.63
C ILE A 1376 40.64 -9.12 -15.19
N PRO A 1377 39.47 -9.21 -14.56
CA PRO A 1377 38.26 -8.62 -15.14
C PRO A 1377 38.38 -7.16 -15.55
N GLN A 1378 37.50 -6.76 -16.47
CA GLN A 1378 37.53 -5.41 -17.02
C GLN A 1378 37.35 -4.35 -15.94
N ASP A 1379 36.35 -4.52 -15.07
CA ASP A 1379 36.09 -3.56 -14.00
C ASP A 1379 36.25 -4.25 -12.66
N PRO A 1380 37.17 -3.81 -11.80
CA PRO A 1380 37.42 -4.53 -10.55
C PRO A 1380 36.24 -4.41 -9.60
N ILE A 1381 35.68 -5.54 -9.20
CA ILE A 1381 34.58 -5.61 -8.26
C ILE A 1381 35.09 -6.28 -6.99
N LEU A 1382 34.84 -5.65 -5.86
CA LEU A 1382 35.37 -6.12 -4.57
C LEU A 1382 34.21 -6.57 -3.70
N PHE A 1383 34.27 -7.81 -3.25
CA PHE A 1383 33.19 -8.42 -2.50
C PHE A 1383 33.32 -8.08 -1.02
N SER A 1384 32.28 -7.49 -0.44
CA SER A 1384 32.34 -7.03 0.94
C SER A 1384 32.58 -8.18 1.90
N GLY A 1385 33.50 -7.98 2.83
CA GLY A 1385 33.88 -9.04 3.75
C GLY A 1385 35.32 -8.91 4.22
N SER A 1386 36.10 -9.98 4.09
CA SER A 1386 37.46 -10.01 4.58
C SER A 1386 38.43 -10.20 3.43
N LEU A 1387 39.64 -9.65 3.59
CA LEU A 1387 40.68 -9.80 2.58
C LEU A 1387 40.96 -11.27 2.28
N ARG A 1388 40.88 -12.13 3.29
CA ARG A 1388 41.10 -13.55 3.05
C ARG A 1388 40.05 -14.11 2.09
N MET A 1389 38.79 -13.71 2.27
CA MET A 1389 37.73 -14.22 1.40
C MET A 1389 37.86 -13.67 -0.01
N ASN A 1390 38.13 -12.37 -0.14
CA ASN A 1390 38.29 -11.79 -1.46
C ASN A 1390 39.45 -12.42 -2.21
N LEU A 1391 40.57 -12.64 -1.53
CA LEU A 1391 41.69 -13.30 -2.19
C LEU A 1391 41.48 -14.80 -2.32
N ASP A 1392 40.81 -15.42 -1.36
CA ASP A 1392 40.61 -16.86 -1.40
C ASP A 1392 39.41 -17.29 -0.57
N PRO A 1393 38.24 -17.42 -1.17
CA PRO A 1393 37.05 -17.81 -0.40
C PRO A 1393 37.06 -19.29 -0.04
N PHE A 1394 37.60 -20.12 -0.93
CA PHE A 1394 37.61 -21.56 -0.70
C PHE A 1394 38.56 -21.98 0.42
N ASN A 1395 39.38 -21.05 0.92
CA ASN A 1395 40.34 -21.32 1.98
C ASN A 1395 41.33 -22.41 1.59
N LYS A 1396 41.50 -22.63 0.29
CA LYS A 1396 42.41 -23.66 -0.20
C LYS A 1396 43.87 -23.22 -0.13
N TYR A 1397 44.13 -21.93 0.06
CA TYR A 1397 45.47 -21.39 0.04
C TYR A 1397 45.88 -20.97 1.45
N SER A 1398 47.05 -21.45 1.88
CA SER A 1398 47.51 -21.21 3.23
C SER A 1398 47.86 -19.73 3.43
N ASP A 1399 47.97 -19.34 4.70
CA ASP A 1399 48.22 -17.94 5.02
C ASP A 1399 49.60 -17.49 4.55
N GLU A 1400 50.59 -18.38 4.64
CA GLU A 1400 51.95 -18.02 4.25
C GLU A 1400 52.02 -17.67 2.77
N GLU A 1401 51.43 -18.50 1.92
CA GLU A 1401 51.47 -18.24 0.48
C GLU A 1401 50.55 -17.10 0.08
N VAL A 1402 49.45 -16.90 0.80
CA VAL A 1402 48.63 -15.71 0.56
C VAL A 1402 49.44 -14.45 0.85
N TRP A 1403 50.19 -14.45 1.95
CA TRP A 1403 51.06 -13.33 2.26
C TRP A 1403 52.14 -13.16 1.21
N ARG A 1404 52.69 -14.27 0.71
CA ARG A 1404 53.72 -14.19 -0.32
C ARG A 1404 53.16 -13.56 -1.60
N ALA A 1405 51.96 -13.98 -1.99
CA ALA A 1405 51.32 -13.38 -3.17
C ALA A 1405 51.01 -11.91 -2.94
N LEU A 1406 50.59 -11.55 -1.72
CA LEU A 1406 50.27 -10.16 -1.44
C LEU A 1406 51.53 -9.30 -1.43
N GLU A 1407 52.66 -9.88 -1.02
CA GLU A 1407 53.93 -9.16 -1.07
C GLU A 1407 54.43 -9.03 -2.51
N LEU A 1408 54.21 -10.07 -3.32
CA LEU A 1408 54.50 -9.94 -4.74
C LEU A 1408 53.66 -8.84 -5.37
N ALA A 1409 52.39 -8.74 -4.97
CA ALA A 1409 51.55 -7.63 -5.35
C ALA A 1409 51.86 -6.36 -4.55
N HIS A 1410 52.65 -6.46 -3.48
CA HIS A 1410 53.14 -5.30 -2.74
C HIS A 1410 51.98 -4.50 -2.12
N LEU A 1411 51.26 -5.15 -1.21
CA LEU A 1411 50.26 -4.47 -0.39
C LEU A 1411 50.64 -4.42 1.07
N ARG A 1412 51.92 -4.68 1.39
CA ARG A 1412 52.35 -4.68 2.79
C ARG A 1412 52.17 -3.31 3.42
N SER A 1413 52.46 -2.25 2.66
CA SER A 1413 52.32 -0.90 3.20
C SER A 1413 50.87 -0.59 3.57
N PHE A 1414 49.92 -1.03 2.76
CA PHE A 1414 48.52 -0.68 2.95
C PHE A 1414 47.75 -1.65 3.86
N VAL A 1415 48.06 -2.94 3.79
CA VAL A 1415 47.27 -3.97 4.46
C VAL A 1415 47.82 -4.28 5.84
N SER A 1416 49.14 -4.46 5.95
CA SER A 1416 49.74 -4.76 7.24
C SER A 1416 49.53 -3.62 8.24
N GLY A 1417 49.46 -2.38 7.75
CA GLY A 1417 49.21 -1.26 8.62
C GLY A 1417 47.81 -1.26 9.22
N LEU A 1418 46.88 -1.98 8.61
CA LEU A 1418 45.55 -2.11 9.18
C LEU A 1418 45.59 -2.93 10.46
N GLN A 1419 44.57 -2.72 11.31
CA GLN A 1419 44.59 -3.32 12.63
C GLN A 1419 44.49 -4.83 12.56
N LEU A 1420 43.52 -5.36 11.82
CA LEU A 1420 43.33 -6.80 11.78
C LEU A 1420 44.32 -7.50 10.86
N GLY A 1421 44.74 -6.84 9.80
CA GLY A 1421 45.67 -7.44 8.84
C GLY A 1421 44.93 -8.12 7.70
N LEU A 1422 44.99 -9.45 7.65
CA LEU A 1422 44.39 -10.21 6.57
C LEU A 1422 42.91 -10.51 6.80
N LEU A 1423 42.33 -10.04 7.89
CA LEU A 1423 40.90 -10.16 8.14
C LEU A 1423 40.23 -8.80 8.23
N SER A 1424 40.89 -7.74 7.76
CA SER A 1424 40.33 -6.41 7.83
C SER A 1424 39.03 -6.34 7.03
N GLU A 1425 38.03 -5.67 7.60
CA GLU A 1425 36.72 -5.62 6.97
C GLU A 1425 36.80 -4.85 5.65
N VAL A 1426 36.04 -5.32 4.67
CA VAL A 1426 35.90 -4.66 3.38
C VAL A 1426 34.47 -4.16 3.26
N THR A 1427 34.31 -2.86 3.07
CA THR A 1427 32.99 -2.30 2.89
C THR A 1427 32.49 -2.65 1.49
N GLU A 1428 31.37 -2.07 1.08
CA GLU A 1428 30.79 -2.42 -0.20
C GLU A 1428 31.64 -1.84 -1.33
N GLY A 1429 32.84 -2.39 -1.51
CA GLY A 1429 33.75 -1.92 -2.54
C GLY A 1429 34.57 -0.73 -2.12
N GLY A 1430 33.94 0.44 -2.07
CA GLY A 1430 34.64 1.68 -1.80
C GLY A 1430 34.69 2.03 -0.33
N ASP A 1431 34.83 3.33 -0.06
CA ASP A 1431 34.94 3.92 1.28
C ASP A 1431 36.27 3.52 1.92
N ASN A 1432 37.03 2.69 1.22
CA ASN A 1432 38.37 2.27 1.62
C ASN A 1432 38.99 1.57 0.42
N LEU A 1433 40.26 1.21 0.55
CA LEU A 1433 40.97 0.45 -0.49
C LEU A 1433 40.91 1.21 -1.83
N SER A 1434 41.69 2.28 -1.88
CA SER A 1434 41.77 3.17 -3.04
C SER A 1434 41.89 2.39 -4.35
N ILE A 1435 41.43 3.00 -5.45
CA ILE A 1435 41.28 2.31 -6.73
C ILE A 1435 42.52 1.50 -7.06
N GLY A 1436 43.69 2.12 -6.94
CA GLY A 1436 44.93 1.39 -7.18
C GLY A 1436 45.06 0.16 -6.32
N GLN A 1437 44.71 0.29 -5.02
CA GLN A 1437 44.64 -0.87 -4.17
C GLN A 1437 43.66 -1.90 -4.71
N ARG A 1438 42.57 -1.44 -5.34
CA ARG A 1438 41.57 -2.39 -5.84
C ARG A 1438 42.13 -3.24 -6.97
N GLN A 1439 42.68 -2.62 -8.03
CA GLN A 1439 43.20 -3.50 -9.08
C GLN A 1439 44.48 -4.19 -8.66
N LEU A 1440 45.22 -3.64 -7.69
CA LEU A 1440 46.38 -4.35 -7.19
C LEU A 1440 45.96 -5.61 -6.45
N LEU A 1441 44.86 -5.53 -5.70
CA LEU A 1441 44.27 -6.71 -5.08
C LEU A 1441 43.78 -7.69 -6.12
N CYS A 1442 43.20 -7.19 -7.21
CA CYS A 1442 42.75 -8.09 -8.27
C CYS A 1442 43.93 -8.86 -8.88
N LEU A 1443 45.04 -8.16 -9.13
CA LEU A 1443 46.19 -8.87 -9.67
C LEU A 1443 46.81 -9.79 -8.64
N GLY A 1444 46.68 -9.48 -7.35
CA GLY A 1444 47.09 -10.43 -6.33
C GLY A 1444 46.26 -11.70 -6.35
N ARG A 1445 44.96 -11.55 -6.56
CA ARG A 1445 44.09 -12.70 -6.78
C ARG A 1445 44.58 -13.52 -7.97
N ALA A 1446 44.90 -12.83 -9.06
CA ALA A 1446 45.40 -13.50 -10.25
C ALA A 1446 46.70 -14.25 -9.96
N VAL A 1447 47.63 -13.62 -9.24
CA VAL A 1447 48.94 -14.23 -9.03
C VAL A 1447 48.84 -15.40 -8.06
N LEU A 1448 47.95 -15.35 -7.08
CA LEU A 1448 47.83 -16.53 -6.23
C LEU A 1448 47.09 -17.64 -6.95
N ARG A 1449 46.24 -17.31 -7.92
CA ARG A 1449 45.68 -18.34 -8.78
C ARG A 1449 46.77 -19.06 -9.57
N LYS A 1450 47.73 -18.30 -10.10
CA LYS A 1450 48.96 -18.80 -10.74
C LYS A 1450 48.72 -20.01 -11.63
N SER A 1451 47.97 -19.78 -12.70
CA SER A 1451 47.81 -20.80 -13.73
C SER A 1451 48.85 -20.62 -14.82
N LYS A 1452 48.77 -21.43 -15.86
CA LYS A 1452 49.65 -21.31 -17.02
C LYS A 1452 49.04 -20.51 -18.16
N ILE A 1453 47.81 -20.00 -17.99
CA ILE A 1453 47.16 -19.17 -19.00
C ILE A 1453 46.65 -17.92 -18.31
N LEU A 1454 46.95 -16.76 -18.91
CA LEU A 1454 46.56 -15.46 -18.37
C LEU A 1454 45.85 -14.67 -19.45
N VAL A 1455 44.54 -14.76 -19.52
CA VAL A 1455 43.75 -13.92 -20.40
C VAL A 1455 43.30 -12.70 -19.58
N LEU A 1456 43.45 -11.52 -20.17
CA LEU A 1456 43.14 -10.30 -19.43
C LEU A 1456 42.84 -9.19 -20.42
N ASP A 1457 42.25 -8.13 -19.90
CA ASP A 1457 41.93 -6.96 -20.71
C ASP A 1457 41.98 -5.73 -19.83
N GLU A 1458 42.14 -4.58 -20.47
CA GLU A 1458 42.28 -3.31 -19.77
C GLU A 1458 41.05 -2.45 -20.02
N ALA A 1459 40.68 -1.66 -19.00
CA ALA A 1459 39.47 -0.86 -19.04
C ALA A 1459 39.75 0.59 -19.43
N THR A 1460 40.48 1.32 -18.59
CA THR A 1460 40.71 2.75 -18.77
C THR A 1460 42.08 3.09 -18.23
N ALA A 1461 42.59 4.24 -18.67
CA ALA A 1461 43.88 4.75 -18.21
C ALA A 1461 43.75 5.78 -17.10
N ALA A 1462 42.55 5.92 -16.51
CA ALA A 1462 42.36 6.85 -15.41
C ALA A 1462 43.20 6.47 -14.20
N VAL A 1463 43.49 5.16 -14.03
CA VAL A 1463 44.30 4.74 -12.91
C VAL A 1463 45.72 5.30 -13.04
N ASP A 1464 46.41 5.37 -11.90
CA ASP A 1464 47.75 5.93 -11.89
C ASP A 1464 48.68 5.09 -12.74
N LEU A 1465 49.61 5.77 -13.42
CA LEU A 1465 50.53 5.07 -14.32
C LEU A 1465 51.43 4.10 -13.55
N GLU A 1466 51.73 4.41 -12.28
CA GLU A 1466 52.52 3.49 -11.48
C GLU A 1466 51.81 2.15 -11.33
N THR A 1467 50.48 2.17 -11.21
CA THR A 1467 49.72 0.93 -11.12
C THR A 1467 49.89 0.09 -12.37
N ASP A 1468 49.76 0.71 -13.54
CA ASP A 1468 49.91 -0.02 -14.80
C ASP A 1468 51.33 -0.56 -14.94
N SER A 1469 52.32 0.24 -14.57
CA SER A 1469 53.70 -0.21 -14.65
C SER A 1469 53.96 -1.40 -13.73
N LEU A 1470 53.42 -1.35 -12.51
CA LEU A 1470 53.57 -2.48 -11.59
C LEU A 1470 52.86 -3.72 -12.14
N ILE A 1471 51.68 -3.53 -12.72
CA ILE A 1471 50.96 -4.65 -13.31
C ILE A 1471 51.82 -5.33 -14.38
N GLN A 1472 52.36 -4.53 -15.30
CA GLN A 1472 53.11 -5.10 -16.41
C GLN A 1472 54.40 -5.75 -15.92
N THR A 1473 55.11 -5.09 -14.99
CA THR A 1473 56.34 -5.67 -14.48
C THR A 1473 56.08 -6.99 -13.77
N THR A 1474 55.05 -7.04 -12.93
CA THR A 1474 54.72 -8.27 -12.24
C THR A 1474 54.33 -9.37 -13.22
N ILE A 1475 53.49 -9.05 -14.20
CA ILE A 1475 53.08 -10.06 -15.17
C ILE A 1475 54.28 -10.57 -15.96
N ARG A 1476 55.23 -9.69 -16.28
CA ARG A 1476 56.41 -10.12 -17.02
C ARG A 1476 57.43 -10.85 -16.16
N LYS A 1477 57.40 -10.66 -14.84
CA LYS A 1477 58.43 -11.30 -14.02
C LYS A 1477 57.96 -12.63 -13.45
N GLU A 1478 56.67 -12.76 -13.12
CA GLU A 1478 56.17 -14.00 -12.53
C GLU A 1478 55.17 -14.74 -13.42
N PHE A 1479 54.79 -14.15 -14.56
CA PHE A 1479 53.99 -14.87 -15.56
C PHE A 1479 54.70 -14.93 -16.91
N SER A 1480 56.02 -14.75 -16.92
CA SER A 1480 56.76 -14.81 -18.18
C SER A 1480 56.65 -16.18 -18.82
N GLN A 1481 56.78 -17.23 -18.01
CA GLN A 1481 56.70 -18.60 -18.49
C GLN A 1481 55.27 -19.10 -18.62
N CYS A 1482 54.30 -18.19 -18.70
CA CYS A 1482 52.89 -18.53 -18.82
C CYS A 1482 52.30 -17.86 -20.05
N THR A 1483 51.56 -18.63 -20.84
CA THR A 1483 50.87 -18.08 -22.01
C THR A 1483 49.97 -16.93 -21.58
N VAL A 1484 50.02 -15.84 -22.33
CA VAL A 1484 49.28 -14.63 -21.98
C VAL A 1484 48.54 -14.13 -23.21
N ILE A 1485 47.25 -13.82 -23.03
CA ILE A 1485 46.42 -13.20 -24.04
C ILE A 1485 45.90 -11.89 -23.47
N THR A 1486 46.07 -10.81 -24.22
CA THR A 1486 45.64 -9.49 -23.77
C THR A 1486 44.69 -8.88 -24.79
N ILE A 1487 43.62 -8.28 -24.29
CA ILE A 1487 42.64 -7.58 -25.11
C ILE A 1487 42.76 -6.10 -24.78
N ALA A 1488 43.28 -5.32 -25.73
CA ALA A 1488 43.58 -3.92 -25.48
C ALA A 1488 43.07 -3.06 -26.62
N HIS A 1489 42.36 -1.98 -26.27
CA HIS A 1489 41.99 -0.96 -27.23
C HIS A 1489 42.93 0.24 -27.20
N ARG A 1490 44.00 0.17 -26.41
CA ARG A 1490 45.05 1.17 -26.40
C ARG A 1490 46.30 0.57 -27.02
N LEU A 1491 46.75 1.17 -28.13
CA LEU A 1491 47.81 0.57 -28.92
C LEU A 1491 49.18 0.68 -28.27
N HIS A 1492 49.40 1.74 -27.48
CA HIS A 1492 50.73 2.06 -26.99
C HIS A 1492 51.33 0.97 -26.10
N THR A 1493 50.54 0.04 -25.60
CA THR A 1493 51.03 -1.03 -24.74
C THR A 1493 50.94 -2.40 -25.41
N ILE A 1494 51.09 -2.44 -26.73
CA ILE A 1494 50.92 -3.68 -27.47
C ILE A 1494 52.15 -4.08 -28.27
N MET A 1495 52.98 -3.14 -28.70
CA MET A 1495 54.17 -3.50 -29.49
C MET A 1495 55.12 -4.39 -28.70
N ASP A 1496 55.15 -4.25 -27.38
CA ASP A 1496 56.00 -5.09 -26.54
C ASP A 1496 55.59 -6.56 -26.57
N SER A 1497 54.39 -6.87 -27.07
CA SER A 1497 53.92 -8.25 -27.07
C SER A 1497 54.72 -9.10 -28.04
N ASP A 1498 54.86 -10.38 -27.69
CA ASP A 1498 55.55 -11.33 -28.56
C ASP A 1498 54.75 -11.67 -29.80
N LYS A 1499 53.47 -11.30 -29.85
CA LYS A 1499 52.63 -11.65 -30.99
C LYS A 1499 51.37 -10.81 -30.94
N ILE A 1500 50.87 -10.42 -32.11
CA ILE A 1500 49.64 -9.65 -32.22
C ILE A 1500 48.70 -10.35 -33.19
N MET A 1501 47.44 -10.50 -32.77
CA MET A 1501 46.35 -10.93 -33.63
C MET A 1501 45.52 -9.72 -34.02
N VAL A 1502 45.23 -9.61 -35.32
CA VAL A 1502 44.38 -8.55 -35.84
C VAL A 1502 43.01 -9.15 -36.11
N LEU A 1503 41.98 -8.55 -35.52
CA LEU A 1503 40.63 -9.11 -35.55
C LEU A 1503 39.65 -8.02 -35.96
N ASP A 1504 39.17 -8.09 -37.19
CA ASP A 1504 38.12 -7.19 -37.66
C ASP A 1504 36.97 -8.02 -38.21
N ASN A 1505 35.76 -7.45 -38.09
CA ASN A 1505 34.50 -8.05 -38.53
C ASN A 1505 34.38 -9.52 -38.15
N GLY A 1506 34.96 -9.90 -37.01
CA GLY A 1506 34.88 -11.28 -36.58
C GLY A 1506 35.72 -12.25 -37.37
N LYS A 1507 36.77 -11.77 -38.05
CA LYS A 1507 37.66 -12.64 -38.80
C LYS A 1507 39.09 -12.20 -38.60
N ILE A 1508 40.02 -13.14 -38.76
CA ILE A 1508 41.44 -12.84 -38.65
C ILE A 1508 41.87 -11.95 -39.82
N VAL A 1509 42.97 -11.23 -39.62
CA VAL A 1509 43.54 -10.40 -40.67
C VAL A 1509 44.99 -10.79 -40.88
N GLU A 1510 45.80 -10.71 -39.82
CA GLU A 1510 47.21 -11.05 -39.91
C GLU A 1510 47.65 -11.79 -38.65
N TYR A 1511 48.72 -12.56 -38.79
CA TYR A 1511 49.32 -13.35 -37.72
C TYR A 1511 50.75 -12.87 -37.47
N GLY A 1512 51.46 -13.61 -36.64
CA GLY A 1512 52.88 -13.37 -36.45
C GLY A 1512 53.18 -12.26 -35.46
N SER A 1513 54.47 -12.08 -35.22
CA SER A 1513 54.95 -11.08 -34.28
C SER A 1513 54.79 -9.68 -34.85
N PRO A 1514 54.81 -8.65 -33.99
CA PRO A 1514 54.82 -7.28 -34.51
C PRO A 1514 56.02 -6.99 -35.39
N GLU A 1515 57.16 -7.66 -35.14
CA GLU A 1515 58.29 -7.56 -36.04
C GLU A 1515 57.95 -8.10 -37.42
N GLU A 1516 57.22 -9.22 -37.47
CA GLU A 1516 56.78 -9.77 -38.75
C GLU A 1516 55.69 -8.92 -39.39
N LEU A 1517 55.07 -8.02 -38.64
CA LEU A 1517 53.97 -7.20 -39.16
C LEU A 1517 54.48 -5.87 -39.70
N LEU A 1518 55.18 -5.10 -38.86
CA LEU A 1518 55.46 -3.69 -39.16
C LEU A 1518 56.23 -3.51 -40.46
N SER A 1519 56.92 -4.55 -40.93
CA SER A 1519 57.53 -4.49 -42.25
C SER A 1519 56.47 -4.28 -43.33
N ASN A 1520 55.34 -4.98 -43.21
CA ASN A 1520 54.23 -4.80 -44.12
C ASN A 1520 53.42 -3.56 -43.74
N ARG A 1521 52.51 -3.17 -44.61
CA ARG A 1521 51.70 -1.97 -44.46
C ARG A 1521 50.21 -2.30 -44.49
N GLY A 1522 49.80 -3.34 -43.77
CA GLY A 1522 48.43 -3.79 -43.78
C GLY A 1522 47.53 -2.96 -42.89
N SER A 1523 46.38 -3.53 -42.55
CA SER A 1523 45.40 -2.84 -41.73
C SER A 1523 45.96 -2.52 -40.35
N PHE A 1524 46.85 -3.37 -39.83
CA PHE A 1524 47.55 -3.05 -38.60
C PHE A 1524 48.34 -1.76 -38.74
N TYR A 1525 49.02 -1.58 -39.87
CA TYR A 1525 49.72 -0.32 -40.12
C TYR A 1525 48.74 0.83 -40.29
N LEU A 1526 47.65 0.60 -41.02
CA LEU A 1526 46.65 1.65 -41.22
C LEU A 1526 46.02 2.08 -39.90
N MET A 1527 46.03 1.23 -38.88
CA MET A 1527 45.48 1.56 -37.57
C MET A 1527 46.54 1.98 -36.56
N ALA A 1528 47.75 1.44 -36.65
CA ALA A 1528 48.77 1.74 -35.65
C ALA A 1528 49.41 3.09 -35.93
N LYS A 1529 49.98 3.68 -34.87
CA LYS A 1529 50.70 4.95 -34.95
C LYS A 1529 49.84 6.06 -35.53
N GLU A 1530 48.54 6.01 -35.27
CA GLU A 1530 47.62 7.00 -35.82
C GLU A 1530 46.29 6.99 -35.06
#